data_8P8J
#
_entry.id   8P8J
#
_cell.length_a   1.00
_cell.length_b   1.00
_cell.length_c   1.00
_cell.angle_alpha   90.00
_cell.angle_beta   90.00
_cell.angle_gamma   90.00
#
_symmetry.space_group_name_H-M   'P 1'
#
loop_
_entity.id
_entity.type
_entity.pdbx_description
1 polymer 'ATP-binding cassette sub-family G member 2'
2 polymer '5D3(Fab) light chain variable domain'
3 polymer '5D3(Fab) heavy chain variable domain'
4 polymer Nanobody
5 non-polymer 2-acetamido-2-deoxy-beta-D-glucopyranose
#
loop_
_entity_poly.entity_id
_entity_poly.type
_entity_poly.pdbx_seq_one_letter_code
_entity_poly.pdbx_strand_id
1 'polypeptide(L)'
;MSSSNVEVFIPVSQGNTNGFPATASNDLKAFTEGAVLSFHNICYRVKLKSGFLPCRKPVEKEILSNINGIMKPGLNAILG
PTGGGKSSLLDVLAARKDPSGLSGDVLINGAPRPANFKCNSGYVVQDDVVMGTLTVRENLQFSAALRLATTMTNHEKNER
INRVIQELGLDKVADSKVGTQFIRGVSGGERKRTSIGMELITDPSILFLDEPTTGLDSSTANAVLLLLKRMSKQGRTIIF
SIHQPRYSIFKLFDSLTLLASGRLMFHGPAQEALGYFESAGYHCEAYNNPADFFLDIINGDSTAVALNREEDFKATEIIE
PSKQDKPLIEKLAEIYVNSSFYKETKAELHQLSGGEKKKKITVFKEISYTTSFCHQLRWVSKRSFKNLLGNPQASIAQII
VTVVLGLVIGAIYFGLKNDSTGIQNRAGVLFFLTTNQCFSSVSAVELFVVEKKLFIHEYISGYYRVSSYFLGKLLSDLLP
MRMLPSIIFTCIVYFMLGLKPKADAFFVMMFTLMMVAYSASSMALAIAAGQSVVSVATLLMTICFVFMMIFSGLLVNLTT
IASWLSWLQYFSIPRYGFTALQHNEFLGQNFCPGLNATGNNPCNYATCTGEEYLVKQGIDLSPWGLWKNHVALACMIVIF
LTIAYLKLLFLKKYS
;
B,A
2 'polypeptide(L)'
;DIVLTQSPSSFSVSLGDRVTISCKASGYILNRLAWYQQKPGNAPRLLISGATSLETGFPSRFSGTGSGKDYTLSISSLQT
EDVGTYYCQQYWSTPWTFGGGTKLEIRRADAAPTVSIFPPSSEQLTSGGASVVCFLNNFYPKDINVKWKIDGSERQNGVL
NSWTDQDSKDSTYSMSSTLTLTKDEYERHNSYTCEATHKTSTSPIVKSFNRNEC
;
E,C
3 'polypeptide(L)'
;QVQLQESGPGLVKPSQSLSLTCTVTGFSITSDYAWNWIRQFPGKKLEWMGYINFDGGTTYNPSLRGRISITRDTSKNQFF
LQLRSVTPEDTATYYCATFYGAKGTLDYWGQGTSVTVSSAKTTPPSVYPLAPVCGDTSGSSVTLGCLVKGYFPEPVTLTW
NSGSLSSGVHTFPAVLQSDLYTLSSSVTVTSSTWPSQSITCNVAHPASSTKVDKKIEPRGP
;
F,D
4 'polypeptide(L)'
;QVQLQESGGGLVQAGGSLRLSCAASGRSFSSYTMGWFRQAPGKEREFVAAIKWSGDITKYVDSVKGRFTISRDNSKNTVY
LEMNSLKPEDTAVYYCGADNTWVGYPSSRSSMDYWGQGTQVTVSS
;
Z
#
# COMPACT_ATOMS: atom_id res chain seq x y z
N ALA A 35 27.11 40.52 31.81
CA ALA A 35 26.32 39.83 30.79
C ALA A 35 25.67 40.84 29.88
N VAL A 36 26.46 41.75 29.34
CA VAL A 36 25.97 42.80 28.45
C VAL A 36 26.29 42.35 27.03
N LEU A 37 25.30 41.78 26.36
CA LEU A 37 25.54 41.31 25.00
C LEU A 37 25.45 42.49 24.05
N SER A 38 26.25 42.47 22.99
CA SER A 38 26.18 43.57 22.05
C SER A 38 26.62 43.10 20.68
N PHE A 39 25.79 43.32 19.68
CA PHE A 39 26.15 42.92 18.33
C PHE A 39 26.30 44.14 17.45
N HIS A 40 27.14 44.02 16.44
CA HIS A 40 27.36 45.12 15.51
C HIS A 40 26.45 44.98 14.29
N ASN A 41 26.88 45.53 13.15
CA ASN A 41 26.09 45.46 11.93
C ASN A 41 26.13 44.05 11.37
N ILE A 42 25.06 43.32 11.59
CA ILE A 42 24.91 41.95 11.12
C ILE A 42 24.32 41.97 9.72
N CYS A 43 25.08 41.48 8.76
CA CYS A 43 24.63 41.43 7.37
C CYS A 43 24.49 39.96 7.00
N TYR A 44 23.30 39.40 7.24
CA TYR A 44 23.05 38.00 6.92
C TYR A 44 22.30 37.90 5.60
N ARG A 45 22.71 36.95 4.77
CA ARG A 45 22.09 36.74 3.48
C ARG A 45 22.26 35.28 3.09
N VAL A 46 21.49 34.85 2.09
CA VAL A 46 21.56 33.48 1.61
C VAL A 46 22.27 33.44 0.27
N ILE A 63 19.11 37.42 4.77
CA ILE A 63 17.78 37.72 5.27
C ILE A 63 17.80 38.96 6.15
N LEU A 64 19.00 39.42 6.49
CA LEU A 64 19.17 40.60 7.30
C LEU A 64 19.97 41.65 6.55
N SER A 65 19.84 42.89 6.98
CA SER A 65 20.55 43.99 6.35
C SER A 65 21.36 44.75 7.39
N ASN A 66 20.74 45.76 8.00
CA ASN A 66 21.36 46.59 9.02
C ASN A 66 20.66 46.38 10.34
N ILE A 67 21.39 45.90 11.33
CA ILE A 67 20.82 45.67 12.65
C ILE A 67 21.94 45.79 13.67
N ASN A 68 21.74 46.63 14.66
CA ASN A 68 22.72 46.84 15.71
C ASN A 68 21.99 47.28 16.97
N GLY A 69 22.58 46.98 18.11
CA GLY A 69 21.97 47.35 19.37
C GLY A 69 22.41 46.45 20.49
N ILE A 70 22.65 47.02 21.65
CA ILE A 70 23.08 46.21 22.77
C ILE A 70 21.89 45.47 23.37
N MET A 71 22.21 44.44 24.14
CA MET A 71 21.25 43.60 24.84
C MET A 71 21.59 43.75 26.32
N LYS A 72 20.69 44.38 27.04
CA LYS A 72 20.84 44.61 28.46
C LYS A 72 20.60 43.33 29.25
N PRO A 73 21.45 42.98 30.22
CA PRO A 73 21.19 41.77 31.01
C PRO A 73 19.96 41.94 31.89
N GLY A 74 18.79 41.79 31.28
CA GLY A 74 17.52 41.92 31.98
C GLY A 74 16.48 41.01 31.36
N LEU A 75 15.65 41.57 30.47
CA LEU A 75 14.61 40.80 29.81
C LEU A 75 14.40 41.43 28.44
N ASN A 76 15.02 40.83 27.43
CA ASN A 76 14.88 41.33 26.07
C ASN A 76 13.78 40.57 25.35
N ALA A 77 13.16 41.24 24.39
CA ALA A 77 12.07 40.69 23.60
C ALA A 77 12.23 41.10 22.15
N ILE A 78 12.05 40.16 21.24
CA ILE A 78 12.16 40.42 19.81
C ILE A 78 10.76 40.31 19.22
N LEU A 79 10.35 41.32 18.48
CA LEU A 79 9.03 41.34 17.85
C LEU A 79 9.18 41.52 16.35
N GLY A 80 8.06 41.37 15.65
CA GLY A 80 8.05 41.52 14.23
C GLY A 80 7.12 40.53 13.58
N PRO A 81 6.90 40.66 12.28
CA PRO A 81 6.01 39.73 11.59
C PRO A 81 6.70 38.39 11.39
N THR A 82 5.93 37.42 10.91
CA THR A 82 6.49 36.09 10.69
C THR A 82 7.40 36.05 9.48
N GLY A 83 7.15 36.92 8.50
CA GLY A 83 7.96 36.96 7.31
C GLY A 83 9.23 37.78 7.42
N GLY A 84 9.43 38.43 8.56
CA GLY A 84 10.60 39.25 8.78
C GLY A 84 11.76 38.43 9.29
N GLY A 85 12.62 39.05 10.08
CA GLY A 85 13.76 38.34 10.60
C GLY A 85 13.71 38.19 12.10
N LYS A 86 12.52 37.94 12.64
CA LYS A 86 12.41 37.78 14.09
C LYS A 86 12.95 36.43 14.53
N SER A 87 12.53 35.36 13.86
CA SER A 87 13.01 34.04 14.23
C SER A 87 14.45 33.81 13.80
N SER A 88 14.91 34.49 12.75
CA SER A 88 16.29 34.29 12.33
C SER A 88 17.28 35.06 13.19
N LEU A 89 16.81 36.02 13.98
CA LEU A 89 17.73 36.76 14.81
C LEU A 89 18.18 35.92 15.99
N LEU A 90 17.29 35.12 16.57
CA LEU A 90 17.69 34.28 17.68
C LEU A 90 18.61 33.16 17.24
N ASP A 91 18.47 32.71 16.00
CA ASP A 91 19.36 31.65 15.54
C ASP A 91 20.70 32.22 15.09
N VAL A 92 20.73 33.49 14.67
CA VAL A 92 21.99 34.09 14.24
C VAL A 92 22.68 34.79 15.40
N LEU A 93 21.98 35.03 16.51
CA LEU A 93 22.61 35.68 17.65
C LEU A 93 23.53 34.72 18.38
N ALA A 94 23.17 33.43 18.36
CA ALA A 94 23.98 32.41 19.00
C ALA A 94 24.78 31.68 17.93
N ALA A 95 25.06 30.41 18.17
CA ALA A 95 25.81 29.61 17.22
C ALA A 95 24.89 28.55 16.64
N ARG A 96 23.72 28.96 16.16
CA ARG A 96 22.77 28.00 15.62
C ARG A 96 22.46 28.24 14.16
N LYS A 97 23.16 29.14 13.50
CA LYS A 97 22.94 29.40 12.08
C LYS A 97 24.26 29.23 11.35
N ASP A 98 24.29 29.66 10.10
CA ASP A 98 25.50 29.53 9.31
C ASP A 98 26.49 30.63 9.70
N PRO A 99 27.66 30.28 10.22
CA PRO A 99 28.62 31.34 10.59
C PRO A 99 29.32 31.96 9.40
N SER A 100 29.37 31.25 8.26
CA SER A 100 30.03 31.80 7.08
C SER A 100 29.20 32.86 6.38
N GLY A 101 27.89 32.90 6.62
CA GLY A 101 27.04 33.88 5.98
C GLY A 101 26.83 35.09 6.86
N LEU A 102 27.72 35.26 7.83
CA LEU A 102 27.66 36.37 8.78
C LEU A 102 28.65 37.45 8.38
N SER A 103 28.28 38.71 8.68
CA SER A 103 29.12 39.85 8.36
C SER A 103 29.05 40.88 9.48
N GLY A 104 29.05 40.42 10.72
CA GLY A 104 28.98 41.32 11.85
C GLY A 104 29.89 40.92 12.99
N ASP A 105 29.70 41.51 14.16
CA ASP A 105 30.52 41.22 15.33
C ASP A 105 29.65 41.16 16.57
N VAL A 106 29.68 40.02 17.27
CA VAL A 106 28.90 39.80 18.48
C VAL A 106 29.86 39.64 19.64
N LEU A 107 29.82 40.55 20.59
CA LEU A 107 30.68 40.49 21.76
C LEU A 107 29.82 40.45 23.01
N ILE A 108 30.32 39.78 24.04
CA ILE A 108 29.61 39.64 25.30
C ILE A 108 30.43 40.33 26.38
N ASN A 109 30.07 41.57 26.70
CA ASN A 109 30.76 42.36 27.71
C ASN A 109 32.24 42.51 27.38
N GLY A 110 32.49 43.26 26.31
CA GLY A 110 33.86 43.51 25.90
C GLY A 110 34.43 42.34 25.13
N ALA A 111 34.58 41.22 25.82
CA ALA A 111 35.12 40.03 25.19
C ALA A 111 34.11 39.44 24.21
N PRO A 112 34.57 38.87 23.10
CA PRO A 112 33.63 38.29 22.14
C PRO A 112 33.07 36.97 22.63
N ARG A 113 32.93 36.00 21.73
CA ARG A 113 32.39 34.72 22.12
C ARG A 113 33.45 33.92 22.86
N PRO A 114 33.22 33.56 24.11
CA PRO A 114 34.21 32.79 24.87
C PRO A 114 34.22 31.34 24.45
N ALA A 115 35.15 30.59 25.05
CA ALA A 115 35.31 29.18 24.74
C ALA A 115 34.22 28.31 25.38
N ASN A 116 33.53 28.81 26.38
CA ASN A 116 32.48 28.00 27.01
C ASN A 116 31.13 28.70 26.90
N PHE A 117 30.80 29.17 25.70
CA PHE A 117 29.52 29.84 25.54
C PHE A 117 28.39 28.82 25.54
N LYS A 118 28.64 27.63 25.02
CA LYS A 118 27.60 26.62 25.01
C LYS A 118 27.40 26.04 26.40
N CYS A 119 28.42 26.13 27.25
CA CYS A 119 28.30 25.62 28.60
C CYS A 119 27.78 26.67 29.58
N ASN A 120 27.50 27.89 29.11
CA ASN A 120 26.99 28.96 29.96
C ASN A 120 25.82 29.67 29.32
N SER A 121 25.14 29.03 28.37
CA SER A 121 24.02 29.62 27.67
C SER A 121 23.08 28.50 27.27
N GLY A 122 21.79 28.79 27.34
CA GLY A 122 20.77 27.83 27.00
C GLY A 122 19.93 28.25 25.81
N TYR A 123 19.27 27.30 25.18
CA TYR A 123 18.43 27.57 24.02
C TYR A 123 17.33 26.54 24.02
N VAL A 124 16.09 27.01 23.94
CA VAL A 124 14.93 26.15 23.91
C VAL A 124 14.23 26.32 22.58
N VAL A 125 13.30 25.42 22.29
CA VAL A 125 12.53 25.47 21.06
C VAL A 125 11.06 25.39 21.43
N GLN A 126 10.21 25.86 20.52
CA GLN A 126 8.79 25.82 20.81
C GLN A 126 8.17 24.45 20.55
N ASP A 127 8.94 23.49 20.04
CA ASP A 127 8.45 22.15 19.75
C ASP A 127 8.53 21.19 20.94
N ASP A 128 9.55 20.33 20.91
CA ASP A 128 9.80 19.34 21.94
C ASP A 128 11.27 19.00 21.96
N VAL A 129 11.85 18.99 23.15
CA VAL A 129 13.26 18.67 23.33
C VAL A 129 13.28 17.58 24.39
N VAL A 130 12.14 17.41 25.05
CA VAL A 130 11.98 16.43 26.09
C VAL A 130 11.30 15.19 25.53
N MET A 131 11.32 14.12 26.32
CA MET A 131 10.70 12.85 25.97
C MET A 131 9.45 12.65 26.82
N GLY A 132 8.39 12.11 26.20
CA GLY A 132 7.14 11.92 26.90
C GLY A 132 7.10 10.68 27.75
N THR A 133 7.78 9.62 27.34
CA THR A 133 7.79 8.36 28.07
C THR A 133 8.64 8.41 29.33
N LEU A 134 9.45 9.43 29.53
CA LEU A 134 10.30 9.54 30.70
C LEU A 134 9.75 10.58 31.66
N THR A 135 9.92 10.33 32.96
CA THR A 135 9.45 11.27 33.95
C THR A 135 10.33 12.52 33.94
N VAL A 136 9.82 13.59 34.55
CA VAL A 136 10.57 14.84 34.53
C VAL A 136 11.78 14.81 35.45
N ARG A 137 11.94 13.78 36.26
CA ARG A 137 13.10 13.69 37.14
C ARG A 137 14.26 12.98 36.48
N GLU A 138 13.98 12.07 35.54
CA GLU A 138 15.03 11.32 34.89
C GLU A 138 15.50 11.95 33.58
N ASN A 139 14.63 12.67 32.87
CA ASN A 139 15.08 13.33 31.66
C ASN A 139 15.91 14.54 32.01
N LEU A 140 15.60 15.19 33.11
CA LEU A 140 16.40 16.31 33.54
C LEU A 140 17.76 15.81 34.01
N GLN A 141 17.82 14.60 34.60
CA GLN A 141 19.10 14.05 35.00
C GLN A 141 19.87 13.50 33.81
N PHE A 142 19.19 13.22 32.70
CA PHE A 142 19.90 12.74 31.53
C PHE A 142 20.74 13.85 30.94
N SER A 143 20.19 15.07 30.93
CA SER A 143 20.96 16.21 30.44
C SER A 143 21.98 16.65 31.46
N ALA A 144 21.78 16.29 32.73
CA ALA A 144 22.73 16.64 33.78
C ALA A 144 23.90 15.69 33.80
N ALA A 145 23.76 14.51 33.23
CA ALA A 145 24.85 13.56 33.20
C ALA A 145 25.71 13.73 31.97
N LEU A 146 25.20 14.32 30.91
CA LEU A 146 25.98 14.54 29.70
C LEU A 146 26.60 15.93 29.66
N ARG A 147 25.88 16.94 30.14
CA ARG A 147 26.40 18.30 30.14
C ARG A 147 27.38 18.58 31.27
N LEU A 148 27.38 17.80 32.34
CA LEU A 148 28.32 18.07 33.41
C LEU A 148 29.51 17.12 33.34
N ALA A 149 30.53 17.45 34.12
CA ALA A 149 31.73 16.63 34.16
C ALA A 149 31.56 15.47 35.13
N THR A 150 32.54 14.57 35.13
CA THR A 150 32.46 13.44 36.03
C THR A 150 32.97 13.80 37.42
N THR A 151 33.47 15.03 37.60
CA THR A 151 33.96 15.43 38.92
C THR A 151 32.81 15.71 39.86
N MET A 152 31.66 16.09 39.33
CA MET A 152 30.50 16.37 40.15
C MET A 152 29.97 15.06 40.71
N THR A 153 30.02 14.92 42.03
CA THR A 153 29.54 13.69 42.62
C THR A 153 28.02 13.68 42.65
N ASN A 154 27.47 12.53 43.04
CA ASN A 154 26.02 12.43 43.09
C ASN A 154 25.46 13.18 44.30
N HIS A 155 26.31 13.50 45.28
CA HIS A 155 25.82 14.22 46.44
C HIS A 155 25.51 15.67 46.10
N GLU A 156 26.21 16.24 45.12
CA GLU A 156 25.95 17.61 44.73
C GLU A 156 25.18 17.69 43.41
N LYS A 157 25.07 16.58 42.69
CA LYS A 157 24.33 16.63 41.44
C LYS A 157 22.83 16.64 41.69
N ASN A 158 22.35 15.86 42.67
CA ASN A 158 20.93 15.84 42.96
C ASN A 158 20.48 17.13 43.62
N GLU A 159 21.42 17.88 44.21
CA GLU A 159 21.05 19.15 44.83
C GLU A 159 20.69 20.17 43.77
N ARG A 160 21.42 20.17 42.65
CA ARG A 160 21.09 21.09 41.57
C ARG A 160 19.81 20.67 40.88
N ILE A 161 19.50 19.37 40.90
CA ILE A 161 18.27 18.91 40.29
C ILE A 161 17.09 19.33 41.16
N ASN A 162 17.25 19.25 42.49
CA ASN A 162 16.19 19.68 43.35
C ASN A 162 16.04 21.18 43.35
N ARG A 163 17.10 21.88 42.93
CA ARG A 163 17.02 23.34 42.86
C ARG A 163 16.15 23.75 41.69
N VAL A 164 16.22 23.02 40.58
CA VAL A 164 15.37 23.38 39.45
C VAL A 164 13.96 22.88 39.71
N ILE A 165 13.81 21.78 40.46
CA ILE A 165 12.45 21.29 40.72
C ILE A 165 11.77 22.17 41.76
N GLN A 166 12.54 22.97 42.49
CA GLN A 166 11.95 23.86 43.49
C GLN A 166 11.89 25.31 43.01
N GLU A 167 12.66 25.67 42.00
CA GLU A 167 12.64 27.03 41.45
C GLU A 167 11.67 27.15 40.29
N LEU A 168 11.49 26.08 39.53
CA LEU A 168 10.57 26.12 38.41
C LEU A 168 9.12 25.97 38.88
N GLY A 169 8.89 25.09 39.83
CA GLY A 169 7.56 24.86 40.36
C GLY A 169 7.00 23.55 39.87
N LEU A 170 7.82 22.50 39.88
CA LEU A 170 7.42 21.18 39.43
C LEU A 170 7.67 20.14 40.51
N ASP A 171 7.27 20.46 41.75
CA ASP A 171 7.48 19.51 42.83
C ASP A 171 6.51 18.34 42.74
N LYS A 172 5.24 18.62 42.47
CA LYS A 172 4.25 17.57 42.37
C LYS A 172 4.35 16.82 41.04
N VAL A 173 5.14 17.30 40.10
CA VAL A 173 5.30 16.63 38.80
C VAL A 173 6.55 15.78 38.75
N ALA A 174 7.38 15.83 39.79
CA ALA A 174 8.61 15.05 39.82
C ALA A 174 8.33 13.56 39.89
N ASP A 175 7.15 13.18 40.40
CA ASP A 175 6.74 11.79 40.53
C ASP A 175 5.76 11.38 39.43
N SER A 176 5.93 11.91 38.23
CA SER A 176 5.05 11.58 37.12
C SER A 176 5.80 11.72 35.81
N LYS A 177 5.23 11.17 34.75
CA LYS A 177 5.86 11.23 33.44
C LYS A 177 5.39 12.48 32.70
N VAL A 178 5.84 12.62 31.45
CA VAL A 178 5.47 13.78 30.64
C VAL A 178 4.22 13.50 29.82
N GLY A 179 4.24 12.44 29.02
CA GLY A 179 3.06 12.12 28.24
C GLY A 179 3.20 12.20 26.74
N THR A 180 2.64 11.20 26.05
CA THR A 180 2.67 11.14 24.59
C THR A 180 1.25 11.19 24.02
N GLN A 181 0.98 10.37 23.01
CA GLN A 181 -0.35 10.30 22.41
C GLN A 181 -1.24 9.27 23.08
N PHE A 182 -0.64 8.33 23.82
CA PHE A 182 -1.36 7.28 24.55
C PHE A 182 -1.33 7.45 26.06
N ILE A 183 -0.16 7.60 26.64
CA ILE A 183 -0.09 7.77 28.07
C ILE A 183 -0.50 9.19 28.45
N ARG A 184 -0.90 9.37 29.71
CA ARG A 184 -1.33 10.66 30.21
C ARG A 184 -0.40 11.06 31.35
N GLY A 185 0.19 12.23 31.22
CA GLY A 185 1.09 12.75 32.23
C GLY A 185 0.67 14.15 32.59
N VAL A 186 1.16 15.11 31.82
CA VAL A 186 0.86 16.52 32.01
C VAL A 186 0.33 17.08 30.69
N SER A 187 -0.21 18.29 30.75
CA SER A 187 -0.75 18.94 29.57
C SER A 187 0.32 19.85 28.95
N GLY A 188 -0.09 20.85 28.18
CA GLY A 188 0.87 21.74 27.57
C GLY A 188 1.43 22.78 28.51
N GLY A 189 0.84 22.93 29.68
CA GLY A 189 1.35 23.91 30.62
C GLY A 189 2.63 23.44 31.28
N GLU A 190 2.69 22.16 31.62
CA GLU A 190 3.88 21.61 32.24
C GLU A 190 4.88 21.10 31.22
N ARG A 191 4.47 21.06 29.94
CA ARG A 191 5.37 20.61 28.89
C ARG A 191 6.42 21.66 28.57
N LYS A 192 6.11 22.92 28.78
CA LYS A 192 7.06 24.00 28.56
C LYS A 192 7.98 24.21 29.74
N ARG A 193 7.56 23.79 30.93
CA ARG A 193 8.42 23.97 32.08
C ARG A 193 9.57 22.98 32.06
N THR A 194 9.33 21.75 31.61
CA THR A 194 10.42 20.79 31.56
C THR A 194 11.37 21.05 30.41
N SER A 195 10.95 21.85 29.42
CA SER A 195 11.83 22.18 28.31
C SER A 195 12.84 23.21 28.77
N ILE A 196 12.39 24.22 29.48
CA ILE A 196 13.34 25.21 29.99
C ILE A 196 14.11 24.59 31.13
N GLY A 197 13.51 23.63 31.85
CA GLY A 197 14.23 22.99 32.94
C GLY A 197 15.34 22.10 32.45
N MET A 198 15.20 21.54 31.24
CA MET A 198 16.27 20.71 30.70
C MET A 198 17.47 21.57 30.35
N GLU A 199 17.22 22.80 29.88
CA GLU A 199 18.28 23.73 29.55
C GLU A 199 18.73 24.54 30.75
N LEU A 200 18.15 24.29 31.92
CA LEU A 200 18.55 25.02 33.09
C LEU A 200 19.27 24.03 33.98
N ILE A 201 20.40 23.50 33.53
CA ILE A 201 21.15 22.58 34.36
C ILE A 201 22.18 23.36 35.14
N THR A 202 23.18 23.89 34.43
CA THR A 202 24.12 24.72 35.14
C THR A 202 23.56 26.14 35.20
N ASP A 203 24.20 26.96 36.02
CA ASP A 203 23.73 28.33 36.12
C ASP A 203 24.29 29.07 34.91
N PRO A 204 23.46 29.48 33.96
CA PRO A 204 24.00 30.14 32.78
C PRO A 204 24.01 31.65 32.96
N SER A 205 24.22 32.37 31.90
CA SER A 205 24.19 33.82 31.94
C SER A 205 23.30 34.39 30.86
N ILE A 206 23.32 33.85 29.66
CA ILE A 206 22.46 34.32 28.59
C ILE A 206 21.60 33.16 28.14
N LEU A 207 20.30 33.34 28.20
CA LEU A 207 19.32 32.34 27.85
C LEU A 207 18.62 32.77 26.57
N PHE A 208 18.29 31.84 25.70
CA PHE A 208 17.62 32.17 24.45
C PHE A 208 16.35 31.35 24.41
N LEU A 209 15.28 31.94 23.89
CA LEU A 209 14.00 31.25 23.84
C LEU A 209 13.29 31.53 22.53
N ASP A 210 13.17 30.52 21.68
CA ASP A 210 12.52 30.70 20.39
C ASP A 210 11.01 30.59 20.55
N GLU A 211 10.34 31.74 20.71
CA GLU A 211 8.89 31.83 20.84
C GLU A 211 8.37 30.99 21.99
N PRO A 212 8.45 31.45 23.22
CA PRO A 212 7.94 30.63 24.33
C PRO A 212 6.45 30.84 24.59
N THR A 213 5.67 31.05 23.55
CA THR A 213 4.24 31.24 23.74
C THR A 213 3.40 30.68 22.60
N THR A 214 4.00 30.10 21.58
CA THR A 214 3.23 29.55 20.47
C THR A 214 2.59 28.25 20.89
N GLY A 215 1.27 28.15 20.68
CA GLY A 215 0.56 26.95 21.06
C GLY A 215 0.31 26.85 22.55
N LEU A 216 0.24 27.99 23.23
CA LEU A 216 0.01 28.06 24.66
C LEU A 216 -1.22 28.91 24.90
N ASP A 217 -2.13 28.43 25.74
CA ASP A 217 -3.37 29.16 25.98
C ASP A 217 -3.09 30.43 26.77
N SER A 218 -4.09 31.31 26.81
CA SER A 218 -3.92 32.55 27.54
C SER A 218 -4.13 32.37 29.03
N SER A 219 -4.49 31.16 29.47
CA SER A 219 -4.69 30.93 30.89
C SER A 219 -3.35 30.91 31.63
N THR A 220 -2.37 30.19 31.09
CA THR A 220 -1.06 30.15 31.72
C THR A 220 0.00 30.88 30.89
N ALA A 221 -0.43 31.77 30.00
CA ALA A 221 0.55 32.49 29.21
C ALA A 221 1.25 33.51 30.07
N ASN A 222 0.47 34.23 30.88
CA ASN A 222 1.06 35.20 31.77
C ASN A 222 1.77 34.50 32.90
N ALA A 223 1.40 33.25 33.17
CA ALA A 223 2.05 32.49 34.23
C ALA A 223 3.40 31.99 33.76
N VAL A 224 3.49 31.59 32.49
CA VAL A 224 4.77 31.12 31.99
C VAL A 224 5.66 32.29 31.63
N LEU A 225 5.10 33.51 31.49
CA LEU A 225 5.93 34.67 31.26
C LEU A 225 6.36 35.36 32.54
N LEU A 226 5.63 35.20 33.65
CA LEU A 226 6.07 35.81 34.89
C LEU A 226 7.29 35.11 35.43
N LEU A 227 7.42 33.81 35.17
CA LEU A 227 8.59 33.12 35.65
C LEU A 227 9.84 33.59 34.95
N LEU A 228 9.72 34.13 33.74
CA LEU A 228 10.89 34.63 33.05
C LEU A 228 11.37 35.93 33.68
N LYS A 229 10.44 36.76 34.15
CA LYS A 229 10.85 38.00 34.78
C LYS A 229 11.29 37.73 36.21
N ARG A 230 10.79 36.65 36.80
CA ARG A 230 11.21 36.31 38.15
C ARG A 230 12.64 35.78 38.10
N MET A 231 12.95 34.97 37.09
CA MET A 231 14.30 34.45 36.94
C MET A 231 15.23 35.50 36.36
N SER A 232 14.71 36.58 35.79
CA SER A 232 15.57 37.60 35.22
C SER A 232 16.08 38.59 36.26
N LYS A 233 15.58 38.53 37.49
CA LYS A 233 16.05 39.45 38.52
C LYS A 233 17.43 39.10 39.02
N GLN A 234 17.88 37.86 38.83
CA GLN A 234 19.21 37.47 39.30
C GLN A 234 20.30 37.90 38.34
N GLY A 235 20.02 37.94 37.05
CA GLY A 235 21.05 38.34 36.13
C GLY A 235 21.09 37.41 34.94
N ARG A 236 19.93 36.98 34.50
CA ARG A 236 19.81 36.08 33.37
C ARG A 236 19.39 36.93 32.18
N THR A 237 20.26 37.03 31.20
CA THR A 237 19.99 37.80 29.99
C THR A 237 19.08 36.93 29.14
N ILE A 238 17.80 37.02 29.44
CA ILE A 238 16.77 36.23 28.77
C ILE A 238 16.40 36.95 27.48
N ILE A 239 16.69 36.33 26.35
CA ILE A 239 16.42 36.90 25.03
C ILE A 239 15.46 35.96 24.33
N PHE A 240 14.19 36.35 24.24
CA PHE A 240 13.18 35.54 23.59
C PHE A 240 12.59 36.30 22.42
N SER A 241 11.95 35.57 21.52
CA SER A 241 11.33 36.15 20.35
C SER A 241 9.85 35.84 20.45
N ILE A 242 9.10 36.67 21.16
CA ILE A 242 7.67 36.45 21.32
C ILE A 242 6.97 36.88 20.05
N HIS A 243 5.98 36.12 19.64
CA HIS A 243 5.21 36.39 18.42
C HIS A 243 3.78 36.77 18.79
N GLN A 244 3.37 37.99 18.41
CA GLN A 244 2.02 38.47 18.68
C GLN A 244 1.70 38.40 20.16
N PRO A 245 2.20 39.33 20.95
CA PRO A 245 1.92 39.31 22.39
C PRO A 245 0.60 39.96 22.73
N ARG A 246 0.47 40.41 23.98
CA ARG A 246 -0.73 41.06 24.46
C ARG A 246 -0.30 42.18 25.40
N TYR A 247 -1.27 42.91 25.95
CA TYR A 247 -0.89 43.99 26.86
C TYR A 247 -0.38 43.46 28.18
N SER A 248 -0.81 42.29 28.60
CA SER A 248 -0.34 41.73 29.86
C SER A 248 1.10 41.25 29.76
N ILE A 249 1.59 41.03 28.55
CA ILE A 249 2.96 40.58 28.36
C ILE A 249 3.83 41.76 27.96
N PHE A 250 3.22 42.77 27.34
CA PHE A 250 3.93 43.95 26.92
C PHE A 250 4.28 44.90 28.05
N LYS A 251 3.67 44.74 29.23
CA LYS A 251 3.97 45.62 30.34
C LYS A 251 5.20 45.21 31.14
N LEU A 252 5.66 43.98 30.98
CA LEU A 252 6.83 43.50 31.72
C LEU A 252 8.09 43.40 30.88
N PHE A 253 8.08 43.87 29.63
CA PHE A 253 9.25 43.80 28.78
C PHE A 253 10.26 44.85 29.21
N ASP A 254 11.54 44.48 29.22
CA ASP A 254 12.59 45.39 29.62
C ASP A 254 13.38 45.95 28.45
N SER A 255 13.45 45.24 27.33
CA SER A 255 14.15 45.72 26.16
C SER A 255 13.38 45.23 24.96
N LEU A 256 12.99 46.14 24.06
CA LEU A 256 12.22 45.76 22.89
C LEU A 256 13.07 45.88 21.63
N THR A 257 12.85 44.95 20.69
CA THR A 257 13.58 44.97 19.44
C THR A 257 12.64 44.53 18.31
N LEU A 258 12.14 45.50 17.56
CA LEU A 258 11.23 45.23 16.46
C LEU A 258 12.03 45.03 15.19
N LEU A 259 11.78 43.94 14.48
CA LEU A 259 12.48 43.66 13.25
C LEU A 259 11.45 43.32 12.19
N ALA A 260 11.70 43.77 10.96
CA ALA A 260 10.77 43.51 9.87
C ALA A 260 11.49 43.54 8.53
N SER A 261 11.41 42.44 7.79
CA SER A 261 12.04 42.32 6.48
C SER A 261 13.54 42.58 6.55
N GLY A 262 14.16 42.09 7.62
CA GLY A 262 15.58 42.26 7.83
C GLY A 262 16.00 43.65 8.20
N ARG A 263 15.06 44.54 8.51
CA ARG A 263 15.37 45.90 8.89
C ARG A 263 14.92 46.16 10.32
N LEU A 264 15.75 46.90 11.04
CA LEU A 264 15.48 47.23 12.43
C LEU A 264 14.53 48.41 12.48
N MET A 265 13.40 48.25 13.18
CA MET A 265 12.42 49.32 13.28
C MET A 265 12.53 50.10 14.58
N PHE A 266 12.69 49.42 15.72
CA PHE A 266 12.81 50.12 16.99
C PHE A 266 13.61 49.29 17.97
N HIS A 267 14.47 49.94 18.74
CA HIS A 267 15.28 49.23 19.74
C HIS A 267 15.47 50.13 20.96
N GLY A 268 15.06 49.63 22.11
CA GLY A 268 15.16 50.37 23.35
C GLY A 268 14.20 49.81 24.37
N PRO A 269 13.88 50.58 25.40
CA PRO A 269 12.97 50.08 26.43
C PRO A 269 11.55 49.93 25.88
N ALA A 270 10.75 49.14 26.59
CA ALA A 270 9.38 48.93 26.14
C ALA A 270 8.45 50.02 26.63
N GLN A 271 8.83 50.74 27.69
CA GLN A 271 7.98 51.80 28.19
C GLN A 271 8.02 53.01 27.25
N GLU A 272 9.10 53.16 26.50
CA GLU A 272 9.25 54.25 25.56
C GLU A 272 8.99 53.81 24.13
N ALA A 273 8.38 52.64 23.95
CA ALA A 273 8.10 52.16 22.60
C ALA A 273 6.92 52.93 21.99
N LEU A 274 5.88 53.16 22.78
CA LEU A 274 4.71 53.89 22.33
C LEU A 274 4.94 55.38 22.26
N GLY A 275 6.02 55.88 22.87
CA GLY A 275 6.28 57.31 22.83
C GLY A 275 7.17 57.66 21.66
N TYR A 276 7.89 56.67 21.12
CA TYR A 276 8.75 56.95 19.99
C TYR A 276 7.93 57.09 18.72
N PHE A 277 6.90 56.26 18.56
CA PHE A 277 6.06 56.30 17.39
C PHE A 277 5.03 57.42 17.45
N GLU A 278 4.90 58.11 18.59
CA GLU A 278 3.95 59.20 18.69
C GLU A 278 4.44 60.43 17.96
N SER A 279 5.75 60.65 17.94
CA SER A 279 6.34 61.79 17.26
C SER A 279 6.79 61.47 15.85
N ALA A 280 6.73 60.21 15.44
CA ALA A 280 7.14 59.83 14.10
C ALA A 280 6.04 60.10 13.07
N GLY A 281 4.80 60.27 13.52
CA GLY A 281 3.70 60.53 12.62
C GLY A 281 2.52 59.60 12.81
N TYR A 282 2.46 58.92 13.96
CA TYR A 282 1.38 58.01 14.26
C TYR A 282 0.82 58.30 15.65
N HIS A 283 -0.38 57.77 15.89
CA HIS A 283 -1.05 57.97 17.17
C HIS A 283 -1.98 56.79 17.43
N CYS A 284 -1.78 56.12 18.55
CA CYS A 284 -2.61 54.98 18.91
C CYS A 284 -3.99 55.41 19.40
N GLU A 285 -4.95 54.51 19.23
CA GLU A 285 -6.34 54.74 19.62
C GLU A 285 -6.63 54.18 21.01
N ALA A 286 -7.77 54.58 21.56
CA ALA A 286 -8.17 54.12 22.87
C ALA A 286 -8.66 52.68 22.81
N TYR A 287 -8.43 51.95 23.90
CA TYR A 287 -8.82 50.55 24.02
C TYR A 287 -8.20 49.72 22.89
N ASN A 288 -6.88 49.84 22.76
CA ASN A 288 -6.15 49.13 21.73
C ASN A 288 -4.85 48.59 22.30
N ASN A 289 -4.54 47.36 21.95
CA ASN A 289 -3.32 46.73 22.45
C ASN A 289 -2.12 47.33 21.74
N PRO A 290 -1.17 47.94 22.47
CA PRO A 290 0.00 48.53 21.80
C PRO A 290 0.98 47.48 21.31
N ALA A 291 0.77 46.21 21.66
CA ALA A 291 1.67 45.15 21.23
C ALA A 291 1.56 44.90 19.74
N ASP A 292 0.37 44.52 19.29
CA ASP A 292 0.15 44.26 17.88
C ASP A 292 -0.12 45.53 17.09
N PHE A 293 -0.15 46.69 17.74
CA PHE A 293 -0.40 47.93 17.03
C PHE A 293 0.82 48.35 16.22
N PHE A 294 2.01 48.02 16.70
CA PHE A 294 3.23 48.36 15.98
C PHE A 294 3.35 47.52 14.73
N LEU A 295 2.74 46.34 14.73
CA LEU A 295 2.77 45.47 13.57
C LEU A 295 1.84 45.98 12.47
N ASP A 296 0.80 46.71 12.85
CA ASP A 296 -0.13 47.23 11.85
C ASP A 296 0.49 48.39 11.10
N ILE A 297 1.40 49.12 11.75
CA ILE A 297 2.07 50.23 11.09
C ILE A 297 3.06 49.69 10.07
N ILE A 298 3.70 48.57 10.38
CA ILE A 298 4.66 47.95 9.47
C ILE A 298 3.93 47.31 8.29
N ASN A 299 2.81 46.65 8.56
CA ASN A 299 2.06 46.01 7.47
C ASN A 299 1.33 47.03 6.62
N GLY A 300 0.86 48.12 7.20
CA GLY A 300 0.16 49.13 6.43
C GLY A 300 -1.28 49.35 6.84
N ASP A 301 -1.48 49.66 8.11
CA ASP A 301 -2.81 49.92 8.68
C ASP A 301 -3.76 48.76 8.45
N LEU A 328 6.42 50.85 2.77
CA LEU A 328 6.23 51.09 4.18
C LEU A 328 7.54 50.90 4.94
N ILE A 329 8.30 49.88 4.56
CA ILE A 329 9.59 49.61 5.20
C ILE A 329 10.70 50.46 4.62
N GLU A 330 10.41 51.22 3.56
CA GLU A 330 11.41 52.07 2.96
C GLU A 330 11.44 53.45 3.59
N LYS A 331 10.43 53.77 4.42
CA LYS A 331 10.36 55.04 5.10
C LYS A 331 10.45 54.91 6.61
N LEU A 332 10.30 53.70 7.15
CA LEU A 332 10.39 53.50 8.59
C LEU A 332 11.75 52.98 9.02
N ALA A 333 12.62 52.64 8.07
CA ALA A 333 13.95 52.15 8.43
C ALA A 333 14.90 53.30 8.72
N GLU A 334 14.86 54.34 7.89
CA GLU A 334 15.72 55.50 8.07
C GLU A 334 15.16 56.47 9.09
N ILE A 335 13.90 56.30 9.50
CA ILE A 335 13.30 57.19 10.50
C ILE A 335 13.79 56.86 11.89
N TYR A 336 14.43 55.71 12.07
CA TYR A 336 14.94 55.34 13.38
C TYR A 336 16.39 55.73 13.56
N VAL A 337 17.16 55.86 12.47
CA VAL A 337 18.54 56.24 12.62
C VAL A 337 18.69 57.71 12.94
N ASN A 338 17.64 58.50 12.74
CA ASN A 338 17.66 59.94 13.02
C ASN A 338 16.74 60.30 14.18
N SER A 339 16.68 59.44 15.18
CA SER A 339 15.85 59.65 16.36
C SER A 339 16.75 59.76 17.58
N SER A 340 16.14 59.78 18.75
CA SER A 340 16.92 59.90 19.97
C SER A 340 17.33 58.54 20.55
N PHE A 341 16.65 57.47 20.19
CA PHE A 341 17.02 56.16 20.73
C PHE A 341 18.17 55.51 19.97
N TYR A 342 18.53 56.03 18.81
CA TYR A 342 19.62 55.48 18.01
C TYR A 342 20.95 56.17 18.26
N LYS A 343 20.91 57.45 18.64
CA LYS A 343 22.16 58.16 18.89
C LYS A 343 22.81 57.67 20.18
N GLU A 344 22.00 57.35 21.19
CA GLU A 344 22.49 56.85 22.46
C GLU A 344 22.89 55.39 22.39
N THR A 345 22.49 54.68 21.34
CA THR A 345 22.85 53.27 21.21
C THR A 345 24.26 53.15 20.67
N LYS A 346 24.61 53.94 19.66
CA LYS A 346 25.95 53.85 19.10
C LYS A 346 26.98 54.55 19.99
N ALA A 347 26.54 55.15 21.10
CA ALA A 347 27.49 55.81 21.98
C ALA A 347 28.32 54.80 22.76
N GLU A 348 27.68 53.82 23.38
CA GLU A 348 28.39 52.81 24.14
C GLU A 348 28.73 51.58 23.32
N LEU A 349 28.22 51.48 22.09
CA LEU A 349 28.54 50.29 21.30
C LEU A 349 29.95 50.38 20.72
N HIS A 350 30.40 51.58 20.37
CA HIS A 350 31.74 51.73 19.81
C HIS A 350 32.79 51.78 20.90
N TYR A 369 33.58 15.15 24.61
CA TYR A 369 33.82 16.53 24.97
C TYR A 369 34.13 16.60 26.44
N THR A 370 33.06 16.85 27.22
CA THR A 370 33.16 16.93 28.67
C THR A 370 33.30 15.55 29.30
N THR A 371 32.66 14.54 28.70
CA THR A 371 32.68 13.17 29.15
C THR A 371 33.54 12.33 28.20
N SER A 372 33.24 11.05 28.09
CA SER A 372 33.97 10.13 27.22
C SER A 372 33.01 9.46 26.25
N PHE A 373 33.53 8.55 25.44
CA PHE A 373 32.66 7.86 24.50
C PHE A 373 31.81 6.80 25.19
N CYS A 374 32.31 6.22 26.27
CA CYS A 374 31.55 5.19 26.97
C CYS A 374 30.41 5.80 27.78
N HIS A 375 30.63 6.98 28.35
CA HIS A 375 29.57 7.61 29.13
C HIS A 375 28.47 8.12 28.23
N GLN A 376 28.83 8.60 27.04
CA GLN A 376 27.80 9.09 26.14
C GLN A 376 27.05 7.92 25.53
N LEU A 377 27.74 6.80 25.33
CA LEU A 377 27.06 5.65 24.76
C LEU A 377 26.13 5.03 25.77
N ARG A 378 26.53 5.02 27.05
CA ARG A 378 25.68 4.40 28.04
C ARG A 378 24.48 5.27 28.35
N TRP A 379 24.66 6.60 28.37
CA TRP A 379 23.51 7.43 28.69
C TRP A 379 22.54 7.49 27.52
N VAL A 380 23.05 7.47 26.28
CA VAL A 380 22.15 7.52 25.15
C VAL A 380 21.40 6.20 25.02
N SER A 381 22.11 5.09 25.18
CA SER A 381 21.44 3.80 25.06
C SER A 381 20.48 3.58 26.21
N LYS A 382 20.73 4.20 27.36
CA LYS A 382 19.81 4.03 28.47
C LYS A 382 18.53 4.81 28.24
N ARG A 383 18.65 6.01 27.68
CA ARG A 383 17.45 6.78 27.43
C ARG A 383 16.64 6.17 26.28
N SER A 384 17.34 5.65 25.27
CA SER A 384 16.60 5.04 24.17
C SER A 384 16.02 3.69 24.56
N PHE A 385 16.62 3.00 25.54
CA PHE A 385 16.07 1.73 25.97
C PHE A 385 14.84 1.98 26.84
N LYS A 386 14.90 3.05 27.65
CA LYS A 386 13.76 3.37 28.49
C LYS A 386 12.61 3.85 27.63
N ASN A 387 12.90 4.45 26.48
CA ASN A 387 11.82 4.86 25.61
C ASN A 387 11.21 3.66 24.92
N LEU A 388 11.98 2.58 24.78
CA LEU A 388 11.52 1.36 24.13
C LEU A 388 10.60 0.56 25.04
N LEU A 389 11.01 0.36 26.29
CA LEU A 389 10.16 -0.40 27.22
C LEU A 389 8.95 0.40 27.63
N GLY A 390 9.03 1.72 27.56
CA GLY A 390 7.92 2.56 27.92
C GLY A 390 6.84 2.69 26.86
N ASN A 391 7.05 2.14 25.66
CA ASN A 391 6.03 2.25 24.63
C ASN A 391 5.34 0.93 24.39
N PRO A 392 4.12 0.74 24.89
CA PRO A 392 3.40 -0.53 24.67
C PRO A 392 2.69 -0.61 23.33
N GLN A 393 2.85 0.40 22.47
CA GLN A 393 2.23 0.45 21.17
C GLN A 393 3.18 0.21 20.01
N ALA A 394 4.49 0.31 20.24
CA ALA A 394 5.49 0.13 19.21
C ALA A 394 6.39 -1.08 19.42
N SER A 395 6.39 -1.68 20.61
CA SER A 395 7.22 -2.84 20.90
C SER A 395 6.43 -4.11 21.15
N ILE A 396 5.43 -4.06 22.02
CA ILE A 396 4.65 -5.26 22.29
C ILE A 396 3.73 -5.58 21.11
N ALA A 397 3.32 -4.58 20.34
CA ALA A 397 2.45 -4.85 19.21
C ALA A 397 3.19 -5.62 18.12
N GLN A 398 4.51 -5.45 18.03
CA GLN A 398 5.23 -6.19 17.01
C GLN A 398 5.41 -7.65 17.37
N ILE A 399 5.35 -8.00 18.65
CA ILE A 399 5.46 -9.42 18.97
C ILE A 399 4.14 -10.10 18.68
N ILE A 400 3.03 -9.37 18.75
CA ILE A 400 1.76 -10.00 18.46
C ILE A 400 1.56 -10.09 16.97
N VAL A 401 2.11 -9.14 16.22
CA VAL A 401 1.93 -9.16 14.78
C VAL A 401 2.79 -10.25 14.16
N THR A 402 3.77 -10.76 14.91
CA THR A 402 4.61 -11.83 14.40
C THR A 402 4.23 -13.17 15.01
N VAL A 403 3.49 -13.16 16.12
CA VAL A 403 3.04 -14.40 16.71
C VAL A 403 1.82 -14.92 15.97
N VAL A 404 0.87 -14.04 15.66
CA VAL A 404 -0.26 -14.55 14.90
C VAL A 404 0.19 -14.97 13.51
N LEU A 405 1.17 -14.28 12.93
CA LEU A 405 1.65 -14.69 11.62
C LEU A 405 2.39 -16.01 11.69
N GLY A 406 3.10 -16.26 12.79
CA GLY A 406 3.78 -17.54 12.89
C GLY A 406 2.86 -18.67 13.23
N LEU A 407 1.70 -18.38 13.80
CA LEU A 407 0.80 -19.47 14.10
C LEU A 407 -0.06 -19.79 12.88
N VAL A 408 -0.39 -18.78 12.08
CA VAL A 408 -1.18 -19.08 10.90
C VAL A 408 -0.32 -19.70 9.82
N ILE A 409 0.99 -19.48 9.85
CA ILE A 409 1.83 -20.12 8.85
C ILE A 409 1.98 -21.57 9.22
N GLY A 410 2.23 -21.85 10.49
CA GLY A 410 2.35 -23.24 10.90
C GLY A 410 1.05 -23.97 10.77
N ALA A 411 -0.08 -23.26 10.78
CA ALA A 411 -1.36 -23.92 10.62
C ALA A 411 -1.69 -24.20 9.16
N ILE A 412 -1.21 -23.37 8.23
CA ILE A 412 -1.50 -23.63 6.83
C ILE A 412 -0.59 -24.72 6.28
N TYR A 413 0.71 -24.61 6.52
CA TYR A 413 1.70 -25.57 6.06
C TYR A 413 1.89 -26.75 7.01
N PHE A 414 0.91 -27.06 7.84
CA PHE A 414 1.06 -28.17 8.77
C PHE A 414 1.10 -29.49 8.02
N GLY A 415 2.21 -30.21 8.15
CA GLY A 415 2.29 -31.47 7.46
C GLY A 415 2.99 -31.41 6.12
N LEU A 416 4.27 -31.06 6.10
CA LEU A 416 5.05 -30.96 4.88
C LEU A 416 5.47 -32.37 4.45
N LYS A 417 4.58 -33.03 3.72
CA LYS A 417 4.90 -34.37 3.28
C LYS A 417 5.89 -34.32 2.12
N ASN A 418 6.58 -35.44 1.92
CA ASN A 418 7.58 -35.58 0.87
C ASN A 418 6.98 -36.28 -0.33
N ASP A 419 6.42 -35.50 -1.24
CA ASP A 419 5.82 -36.06 -2.45
C ASP A 419 6.06 -35.12 -3.60
N SER A 420 5.14 -35.12 -4.56
CA SER A 420 5.29 -34.24 -5.72
C SER A 420 5.06 -32.78 -5.34
N THR A 421 4.14 -32.54 -4.41
CA THR A 421 3.82 -31.20 -3.95
C THR A 421 4.66 -30.74 -2.78
N GLY A 422 5.63 -31.53 -2.32
CA GLY A 422 6.44 -31.10 -1.20
C GLY A 422 7.43 -30.01 -1.55
N ILE A 423 7.84 -29.95 -2.82
CA ILE A 423 8.79 -28.93 -3.25
C ILE A 423 8.12 -27.57 -3.36
N GLN A 424 6.85 -27.54 -3.78
CA GLN A 424 6.20 -26.25 -3.90
C GLN A 424 5.88 -25.69 -2.52
N ASN A 425 5.52 -26.54 -1.57
CA ASN A 425 5.20 -26.05 -0.25
C ASN A 425 6.47 -25.64 0.48
N ARG A 426 7.57 -26.34 0.23
CA ARG A 426 8.80 -25.99 0.90
C ARG A 426 9.39 -24.70 0.35
N ALA A 427 9.40 -24.54 -0.96
CA ALA A 427 9.95 -23.28 -1.46
C ALA A 427 9.00 -22.12 -1.24
N GLY A 428 7.72 -22.37 -1.06
CA GLY A 428 6.82 -21.26 -0.83
C GLY A 428 6.91 -20.79 0.61
N VAL A 429 7.01 -21.73 1.54
CA VAL A 429 7.12 -21.29 2.93
C VAL A 429 8.50 -20.72 3.19
N LEU A 430 9.51 -21.13 2.43
CA LEU A 430 10.81 -20.55 2.68
C LEU A 430 10.92 -19.17 2.03
N PHE A 431 10.22 -18.95 0.92
CA PHE A 431 10.26 -17.63 0.31
C PHE A 431 9.47 -16.63 1.11
N PHE A 432 8.38 -17.07 1.74
CA PHE A 432 7.60 -16.15 2.54
C PHE A 432 8.30 -15.72 3.82
N LEU A 433 9.21 -16.53 4.37
CA LEU A 433 9.90 -16.10 5.57
C LEU A 433 10.85 -14.95 5.29
N THR A 434 11.63 -15.05 4.21
CA THR A 434 12.55 -13.97 3.86
C THR A 434 11.82 -12.78 3.26
N THR A 435 10.61 -12.98 2.75
CA THR A 435 9.91 -11.83 2.21
C THR A 435 9.26 -11.06 3.34
N ASN A 436 8.65 -11.75 4.30
CA ASN A 436 8.06 -11.04 5.41
C ASN A 436 9.14 -10.40 6.26
N GLN A 437 10.29 -11.05 6.40
CA GLN A 437 11.37 -10.47 7.18
C GLN A 437 11.99 -9.28 6.48
N CYS A 438 12.00 -9.27 5.15
CA CYS A 438 12.56 -8.11 4.47
C CYS A 438 11.57 -6.96 4.39
N PHE A 439 10.29 -7.26 4.21
CA PHE A 439 9.29 -6.20 4.16
C PHE A 439 8.95 -5.65 5.53
N SER A 440 9.37 -6.30 6.60
CA SER A 440 9.08 -5.75 7.92
C SER A 440 10.06 -4.66 8.31
N SER A 441 11.07 -4.38 7.48
CA SER A 441 12.04 -3.33 7.78
C SER A 441 11.51 -1.94 7.50
N VAL A 442 10.31 -1.82 6.92
CA VAL A 442 9.72 -0.53 6.64
C VAL A 442 9.30 0.14 7.94
N SER A 443 8.94 -0.64 8.94
CA SER A 443 8.55 -0.07 10.22
C SER A 443 9.73 0.44 11.02
N ALA A 444 10.95 0.13 10.59
CA ALA A 444 12.14 0.59 11.28
C ALA A 444 12.70 1.86 10.67
N VAL A 445 12.02 2.40 9.66
CA VAL A 445 12.45 3.64 9.02
C VAL A 445 12.22 4.84 9.92
N GLU A 446 11.34 4.70 10.92
CA GLU A 446 11.03 5.78 11.85
C GLU A 446 11.97 5.79 13.03
N LEU A 447 13.22 5.43 12.80
CA LEU A 447 14.22 5.38 13.84
C LEU A 447 15.05 6.66 13.94
N PHE A 448 15.31 7.31 12.81
CA PHE A 448 16.10 8.52 12.79
C PHE A 448 15.38 9.75 12.27
N VAL A 449 14.22 9.59 11.62
CA VAL A 449 13.49 10.73 11.09
C VAL A 449 12.55 11.36 12.11
N VAL A 450 12.12 10.61 13.12
CA VAL A 450 11.24 11.17 14.14
C VAL A 450 12.04 12.02 15.12
N GLU A 451 13.15 11.48 15.63
CA GLU A 451 14.00 12.19 16.57
C GLU A 451 15.07 13.02 15.87
N LYS A 452 14.77 13.56 14.70
CA LYS A 452 15.76 14.38 14.00
C LYS A 452 15.96 15.71 14.70
N LYS A 453 14.88 16.29 15.21
CA LYS A 453 15.03 17.56 15.91
C LYS A 453 15.74 17.35 17.23
N LEU A 454 15.66 16.14 17.77
CA LEU A 454 16.34 15.87 19.03
C LEU A 454 17.81 15.61 18.77
N PHE A 455 18.14 15.10 17.58
CA PHE A 455 19.54 14.85 17.31
C PHE A 455 20.24 16.14 16.96
N ILE A 456 19.58 17.03 16.21
CA ILE A 456 20.23 18.27 15.86
C ILE A 456 20.32 19.17 17.09
N HIS A 457 19.26 19.22 17.89
CA HIS A 457 19.30 20.08 19.05
C HIS A 457 20.27 19.57 20.09
N GLU A 458 20.46 18.23 20.19
CA GLU A 458 21.38 17.75 21.20
C GLU A 458 22.81 17.84 20.69
N TYR A 459 23.01 17.78 19.38
CA TYR A 459 24.35 17.87 18.86
C TYR A 459 24.86 19.30 18.91
N ILE A 460 23.98 20.27 18.76
CA ILE A 460 24.44 21.66 18.79
C ILE A 460 24.76 22.12 20.20
N SER A 461 23.95 21.73 21.18
CA SER A 461 24.23 22.19 22.53
C SER A 461 25.50 21.59 23.10
N GLY A 462 25.85 20.38 22.69
CA GLY A 462 27.06 19.76 23.19
C GLY A 462 26.73 18.66 24.14
N TYR A 463 25.81 17.79 23.71
CA TYR A 463 25.40 16.67 24.52
C TYR A 463 26.31 15.48 24.30
N TYR A 464 26.54 15.12 23.04
CA TYR A 464 27.40 14.01 22.69
C TYR A 464 28.00 14.30 21.33
N ARG A 465 28.44 13.27 20.64
CA ARG A 465 29.02 13.40 19.32
C ARG A 465 28.15 12.65 18.33
N VAL A 466 28.56 12.64 17.06
CA VAL A 466 27.78 11.97 16.03
C VAL A 466 27.99 10.46 16.03
N SER A 467 29.07 9.97 16.62
CA SER A 467 29.33 8.54 16.64
C SER A 467 28.70 7.86 17.84
N SER A 468 28.57 8.56 18.95
CA SER A 468 27.98 7.98 20.14
C SER A 468 26.47 7.88 20.01
N TYR A 469 25.86 8.78 19.27
CA TYR A 469 24.42 8.71 19.08
C TYR A 469 24.07 7.57 18.15
N PHE A 470 24.95 7.29 17.20
CA PHE A 470 24.71 6.21 16.26
C PHE A 470 24.92 4.87 16.94
N LEU A 471 26.00 4.72 17.70
CA LEU A 471 26.20 3.44 18.34
C LEU A 471 25.23 3.24 19.50
N GLY A 472 24.78 4.33 20.13
CA GLY A 472 23.83 4.19 21.20
C GLY A 472 22.43 3.92 20.73
N LYS A 473 22.12 4.27 19.48
CA LYS A 473 20.79 4.01 18.98
C LYS A 473 20.69 2.63 18.33
N LEU A 474 21.78 2.14 17.73
CA LEU A 474 21.76 0.83 17.10
C LEU A 474 21.95 -0.28 18.11
N LEU A 475 22.11 0.06 19.38
CA LEU A 475 22.31 -0.93 20.43
C LEU A 475 21.03 -1.21 21.19
N SER A 476 20.13 -0.23 21.29
CA SER A 476 18.88 -0.38 22.01
C SER A 476 17.67 -0.30 21.09
N ASP A 477 17.86 -0.49 19.78
CA ASP A 477 16.71 -0.43 18.88
C ASP A 477 16.75 -1.57 17.88
N LEU A 478 17.90 -1.78 17.25
CA LEU A 478 18.07 -2.85 16.28
C LEU A 478 18.48 -4.17 16.90
N LEU A 479 18.50 -4.28 18.21
CA LEU A 479 18.88 -5.54 18.84
C LEU A 479 17.68 -6.24 19.49
N PRO A 480 16.89 -5.56 20.32
CA PRO A 480 15.73 -6.23 20.93
C PRO A 480 14.47 -6.24 20.08
N MET A 481 14.41 -5.46 19.01
CA MET A 481 13.23 -5.42 18.14
C MET A 481 13.47 -6.07 16.79
N ARG A 482 14.73 -6.30 16.43
CA ARG A 482 15.07 -6.94 15.17
C ARG A 482 15.46 -8.40 15.33
N MET A 483 15.83 -8.82 16.54
CA MET A 483 16.21 -10.20 16.80
C MET A 483 15.12 -11.01 17.45
N LEU A 484 14.16 -10.36 18.12
CA LEU A 484 13.07 -11.11 18.75
C LEU A 484 12.11 -11.72 17.75
N PRO A 485 11.58 -10.99 16.76
CA PRO A 485 10.69 -11.66 15.80
C PRO A 485 11.38 -12.65 14.92
N SER A 486 12.69 -12.57 14.75
CA SER A 486 13.32 -13.58 13.92
C SER A 486 13.58 -14.84 14.75
N ILE A 487 13.83 -14.68 16.04
CA ILE A 487 14.07 -15.84 16.90
C ILE A 487 12.78 -16.53 17.32
N ILE A 488 11.63 -15.86 17.18
CA ILE A 488 10.37 -16.51 17.53
C ILE A 488 9.62 -16.98 16.30
N PHE A 489 10.00 -16.54 15.12
CA PHE A 489 9.37 -16.96 13.89
C PHE A 489 9.91 -18.28 13.40
N THR A 490 11.00 -18.75 13.98
CA THR A 490 11.61 -20.00 13.58
C THR A 490 11.48 -21.08 14.63
N CYS A 491 11.22 -20.73 15.88
CA CYS A 491 11.07 -21.75 16.91
C CYS A 491 9.65 -22.25 16.98
N ILE A 492 8.76 -21.68 16.16
CA ILE A 492 7.37 -22.09 16.12
C ILE A 492 7.07 -22.92 14.89
N VAL A 493 7.48 -22.43 13.71
CA VAL A 493 7.22 -23.16 12.48
C VAL A 493 8.15 -24.34 12.25
N TYR A 494 9.23 -24.47 13.00
CA TYR A 494 10.12 -25.61 12.76
C TYR A 494 9.54 -26.90 13.30
N PHE A 495 8.86 -26.84 14.43
CA PHE A 495 8.27 -28.02 15.04
C PHE A 495 6.80 -28.17 14.69
N MET A 496 6.32 -27.39 13.73
CA MET A 496 4.95 -27.43 13.27
C MET A 496 4.87 -27.81 11.82
N LEU A 497 5.85 -27.43 11.01
CA LEU A 497 5.86 -27.77 9.61
C LEU A 497 6.51 -29.13 9.41
N GLY A 498 7.71 -29.30 9.97
CA GLY A 498 8.39 -30.56 9.83
C GLY A 498 9.45 -30.45 8.77
N LEU A 499 10.34 -29.47 8.87
CA LEU A 499 11.35 -29.34 7.83
C LEU A 499 12.46 -30.35 7.94
N LYS A 500 13.59 -29.97 8.52
CA LYS A 500 14.72 -30.88 8.67
C LYS A 500 14.97 -31.05 10.16
N PRO A 501 14.57 -32.16 10.76
CA PRO A 501 14.80 -32.31 12.21
C PRO A 501 16.25 -32.56 12.55
N LYS A 502 17.02 -31.48 12.52
CA LYS A 502 18.44 -31.50 12.82
C LYS A 502 18.73 -30.39 13.82
N ALA A 503 19.76 -30.60 14.63
CA ALA A 503 20.12 -29.58 15.61
C ALA A 503 20.82 -28.40 14.97
N ASP A 504 21.70 -28.67 14.01
CA ASP A 504 22.42 -27.59 13.36
C ASP A 504 21.58 -26.81 12.35
N ALA A 505 20.59 -27.44 11.71
CA ALA A 505 19.82 -26.67 10.74
C ALA A 505 18.88 -25.69 11.42
N PHE A 506 18.55 -25.91 12.69
CA PHE A 506 17.68 -24.97 13.38
C PHE A 506 18.39 -23.67 13.66
N PHE A 507 19.69 -23.76 13.95
CA PHE A 507 20.43 -22.54 14.20
C PHE A 507 20.81 -21.86 12.92
N VAL A 508 20.89 -22.59 11.82
CA VAL A 508 21.20 -21.97 10.55
C VAL A 508 19.99 -21.17 10.08
N MET A 509 18.79 -21.73 10.24
CA MET A 509 17.60 -20.99 9.87
C MET A 509 17.39 -19.78 10.77
N MET A 510 17.74 -19.90 12.04
CA MET A 510 17.59 -18.76 12.93
C MET A 510 18.61 -17.67 12.61
N PHE A 511 19.84 -18.06 12.28
CA PHE A 511 20.83 -17.06 11.95
C PHE A 511 20.58 -16.44 10.59
N THR A 512 19.94 -17.18 9.69
CA THR A 512 19.63 -16.60 8.39
C THR A 512 18.54 -15.57 8.50
N LEU A 513 17.50 -15.86 9.31
CA LEU A 513 16.46 -14.86 9.44
C LEU A 513 16.94 -13.66 10.24
N MET A 514 17.91 -13.85 11.15
CA MET A 514 18.40 -12.71 11.89
C MET A 514 19.29 -11.83 11.01
N MET A 515 20.09 -12.45 10.13
CA MET A 515 20.92 -11.62 9.27
C MET A 515 20.11 -10.97 8.18
N VAL A 516 18.99 -11.58 7.77
CA VAL A 516 18.17 -10.96 6.74
C VAL A 516 17.47 -9.74 7.32
N ALA A 517 16.89 -9.87 8.52
CA ALA A 517 16.24 -8.72 9.10
C ALA A 517 17.24 -7.63 9.49
N TYR A 518 18.47 -8.02 9.82
CA TYR A 518 19.46 -7.00 10.18
C TYR A 518 19.94 -6.26 8.94
N SER A 519 20.06 -6.95 7.81
CA SER A 519 20.50 -6.26 6.62
C SER A 519 19.38 -5.44 6.00
N ALA A 520 18.14 -5.87 6.14
CA ALA A 520 17.05 -5.08 5.58
C ALA A 520 16.84 -3.82 6.41
N SER A 521 17.01 -3.92 7.73
CA SER A 521 16.85 -2.72 8.52
C SER A 521 18.06 -1.82 8.34
N SER A 522 19.21 -2.39 8.00
CA SER A 522 20.37 -1.55 7.79
C SER A 522 20.25 -0.84 6.47
N MET A 523 19.57 -1.44 5.49
CA MET A 523 19.39 -0.75 4.22
C MET A 523 18.38 0.37 4.37
N ALA A 524 17.32 0.14 5.15
CA ALA A 524 16.37 1.24 5.34
C ALA A 524 16.98 2.34 6.17
N LEU A 525 17.97 2.00 6.98
CA LEU A 525 18.64 3.00 7.79
C LEU A 525 19.61 3.84 6.98
N ALA A 526 20.03 3.35 5.81
CA ALA A 526 20.94 4.16 5.03
C ALA A 526 20.21 5.22 4.22
N ILE A 527 18.89 5.18 4.23
CA ILE A 527 18.07 6.14 3.52
C ILE A 527 17.34 7.07 4.49
N ALA A 528 16.78 6.54 5.57
CA ALA A 528 16.09 7.45 6.47
C ALA A 528 17.05 8.32 7.27
N ALA A 529 18.31 7.93 7.38
CA ALA A 529 19.28 8.73 8.12
C ALA A 529 19.63 9.99 7.35
N GLY A 530 19.14 11.14 7.80
CA GLY A 530 19.40 12.41 7.17
C GLY A 530 18.20 13.12 6.60
N GLN A 531 17.05 12.46 6.48
CA GLN A 531 15.85 13.08 5.95
C GLN A 531 14.88 13.38 7.08
N SER A 532 14.02 14.37 6.84
CA SER A 532 13.04 14.77 7.83
C SER A 532 11.61 14.41 7.41
N VAL A 533 11.40 14.06 6.15
CA VAL A 533 10.09 13.68 5.65
C VAL A 533 10.06 12.16 5.60
N VAL A 534 8.91 11.58 6.00
CA VAL A 534 8.77 10.13 5.99
C VAL A 534 7.99 9.63 4.78
N SER A 535 7.47 10.53 3.95
CA SER A 535 6.71 10.07 2.79
C SER A 535 7.60 9.54 1.67
N VAL A 536 8.68 10.25 1.34
CA VAL A 536 9.53 9.75 0.27
C VAL A 536 10.35 8.55 0.72
N ALA A 537 10.72 8.49 1.99
CA ALA A 537 11.53 7.37 2.46
C ALA A 537 10.74 6.08 2.63
N THR A 538 9.42 6.13 2.51
CA THR A 538 8.59 4.94 2.67
C THR A 538 8.14 4.34 1.36
N LEU A 539 8.29 5.04 0.24
CA LEU A 539 7.91 4.48 -1.04
C LEU A 539 9.10 3.93 -1.78
N LEU A 540 10.27 4.50 -1.53
CA LEU A 540 11.46 3.99 -2.20
C LEU A 540 11.84 2.63 -1.67
N MET A 541 11.52 2.36 -0.40
CA MET A 541 11.84 1.03 0.11
C MET A 541 10.85 0.01 -0.40
N THR A 542 9.62 0.43 -0.70
CA THR A 542 8.67 -0.55 -1.22
C THR A 542 8.97 -0.84 -2.68
N ILE A 543 9.34 0.19 -3.44
CA ILE A 543 9.66 -0.04 -4.85
C ILE A 543 11.02 -0.69 -5.00
N CYS A 544 11.88 -0.63 -3.99
CA CYS A 544 13.17 -1.29 -4.11
C CYS A 544 13.07 -2.73 -3.64
N PHE A 545 12.28 -2.97 -2.59
CA PHE A 545 12.10 -4.33 -2.12
C PHE A 545 11.26 -5.13 -3.09
N VAL A 546 10.37 -4.46 -3.84
CA VAL A 546 9.60 -5.20 -4.81
C VAL A 546 10.49 -5.56 -6.00
N PHE A 547 11.59 -4.85 -6.17
CA PHE A 547 12.52 -5.19 -7.23
C PHE A 547 13.43 -6.32 -6.79
N MET A 548 13.82 -6.33 -5.51
CA MET A 548 14.63 -7.44 -5.05
C MET A 548 13.80 -8.69 -4.86
N MET A 549 12.47 -8.55 -4.77
CA MET A 549 11.61 -9.71 -4.62
C MET A 549 11.54 -10.51 -5.91
N ILE A 550 11.73 -9.87 -7.05
CA ILE A 550 11.67 -10.62 -8.31
C ILE A 550 12.95 -11.42 -8.51
N PHE A 551 14.07 -10.88 -8.09
CA PHE A 551 15.35 -11.57 -8.23
C PHE A 551 15.63 -12.52 -7.09
N SER A 552 14.62 -12.94 -6.33
CA SER A 552 14.89 -13.85 -5.23
C SER A 552 15.21 -15.24 -5.73
N GLY A 553 14.40 -15.78 -6.63
CA GLY A 553 14.68 -17.10 -7.15
C GLY A 553 13.46 -18.00 -7.17
N LEU A 554 12.30 -17.40 -7.20
CA LEU A 554 11.03 -18.10 -7.23
C LEU A 554 10.14 -17.64 -8.36
N LEU A 555 10.10 -16.34 -8.62
CA LEU A 555 9.27 -15.80 -9.68
C LEU A 555 9.91 -15.98 -11.05
N VAL A 556 11.24 -16.09 -11.10
CA VAL A 556 11.97 -16.26 -12.34
C VAL A 556 13.25 -17.02 -12.04
N ASN A 557 13.56 -18.03 -12.84
CA ASN A 557 14.76 -18.79 -12.58
C ASN A 557 15.95 -17.87 -12.79
N LEU A 558 16.94 -17.97 -11.92
CA LEU A 558 18.11 -17.10 -12.03
C LEU A 558 19.02 -17.47 -13.18
N THR A 559 19.02 -18.73 -13.60
CA THR A 559 19.87 -19.15 -14.70
C THR A 559 19.32 -18.75 -16.07
N THR A 560 18.03 -18.50 -16.18
CA THR A 560 17.43 -18.11 -17.46
C THR A 560 17.49 -16.62 -17.75
N ILE A 561 18.06 -15.82 -16.87
CA ILE A 561 18.16 -14.39 -17.11
C ILE A 561 19.36 -14.16 -18.01
N ALA A 562 19.23 -13.22 -18.94
CA ALA A 562 20.31 -12.98 -19.88
C ALA A 562 21.57 -12.51 -19.16
N SER A 563 22.67 -12.51 -19.90
CA SER A 563 23.96 -12.15 -19.33
C SER A 563 24.04 -10.68 -18.97
N TRP A 564 23.41 -9.82 -19.75
CA TRP A 564 23.47 -8.39 -19.45
C TRP A 564 22.52 -7.97 -18.35
N LEU A 565 21.79 -8.92 -17.74
CA LEU A 565 20.87 -8.61 -16.66
C LEU A 565 21.03 -9.56 -15.49
N SER A 566 21.89 -10.57 -15.60
CA SER A 566 22.08 -11.52 -14.51
C SER A 566 22.92 -10.94 -13.40
N TRP A 567 23.66 -9.87 -13.67
CA TRP A 567 24.50 -9.26 -12.65
C TRP A 567 23.69 -8.46 -11.67
N LEU A 568 22.42 -8.18 -11.98
CA LEU A 568 21.54 -7.43 -11.11
C LEU A 568 21.04 -8.28 -9.96
N GLN A 569 21.22 -9.58 -10.01
CA GLN A 569 20.76 -10.44 -8.94
C GLN A 569 21.68 -10.38 -7.74
N TYR A 570 22.89 -9.89 -7.92
CA TYR A 570 23.82 -9.79 -6.79
C TYR A 570 23.48 -8.64 -5.87
N PHE A 571 22.75 -7.65 -6.35
CA PHE A 571 22.38 -6.50 -5.54
C PHE A 571 20.98 -6.69 -4.97
N SER A 572 20.80 -7.79 -4.24
CA SER A 572 19.51 -8.07 -3.65
C SER A 572 19.74 -8.53 -2.22
N ILE A 573 18.65 -8.76 -1.50
CA ILE A 573 18.74 -9.18 -0.10
C ILE A 573 17.97 -10.47 0.09
N PRO A 574 16.73 -10.58 -0.37
CA PRO A 574 16.02 -11.85 -0.20
C PRO A 574 16.64 -12.98 -0.97
N ARG A 575 17.48 -12.70 -1.95
CA ARG A 575 18.12 -13.78 -2.70
C ARG A 575 19.12 -14.52 -1.84
N TYR A 576 19.91 -13.80 -1.05
CA TYR A 576 20.88 -14.50 -0.21
C TYR A 576 20.19 -15.28 0.91
N GLY A 577 19.10 -14.75 1.44
CA GLY A 577 18.40 -15.46 2.49
C GLY A 577 17.62 -16.64 1.96
N PHE A 578 17.08 -16.51 0.75
CA PHE A 578 16.33 -17.61 0.18
C PHE A 578 17.26 -18.70 -0.31
N THR A 579 18.44 -18.35 -0.79
CA THR A 579 19.35 -19.39 -1.22
C THR A 579 19.95 -20.10 -0.03
N ALA A 580 20.17 -19.38 1.07
CA ALA A 580 20.72 -20.06 2.23
C ALA A 580 19.68 -20.95 2.88
N LEU A 581 18.41 -20.53 2.87
CA LEU A 581 17.41 -21.39 3.48
C LEU A 581 17.07 -22.58 2.58
N GLN A 582 17.24 -22.42 1.27
CA GLN A 582 16.97 -23.54 0.39
C GLN A 582 18.09 -24.54 0.47
N HIS A 583 19.32 -24.07 0.64
CA HIS A 583 20.44 -24.99 0.77
C HIS A 583 20.37 -25.69 2.10
N ASN A 584 19.88 -25.01 3.13
CA ASN A 584 19.77 -25.65 4.42
C ASN A 584 18.63 -26.64 4.52
N GLU A 585 17.61 -26.53 3.67
CA GLU A 585 16.49 -27.46 3.74
C GLU A 585 16.56 -28.57 2.70
N PHE A 586 16.65 -28.22 1.42
CA PHE A 586 16.72 -29.21 0.36
C PHE A 586 18.12 -29.80 0.31
N LEU A 587 18.29 -31.00 0.84
CA LEU A 587 19.61 -31.63 0.81
C LEU A 587 19.49 -33.13 0.64
N GLY A 588 19.23 -33.84 1.72
CA GLY A 588 19.12 -35.28 1.62
C GLY A 588 17.67 -35.72 1.60
N GLN A 589 16.86 -35.00 0.84
CA GLN A 589 15.44 -35.30 0.73
C GLN A 589 15.14 -36.03 -0.57
N ASN A 590 14.10 -36.85 -0.54
CA ASN A 590 13.66 -37.62 -1.70
C ASN A 590 12.16 -37.38 -1.86
N PHE A 591 11.79 -36.74 -2.96
CA PHE A 591 10.40 -36.43 -3.22
C PHE A 591 9.69 -37.46 -4.10
N CYS A 592 10.37 -38.49 -4.59
CA CYS A 592 9.74 -39.50 -5.42
C CYS A 592 9.30 -40.66 -4.54
N PRO A 593 8.01 -40.91 -4.37
CA PRO A 593 7.57 -42.03 -3.53
C PRO A 593 7.82 -43.36 -4.24
N GLY A 594 8.61 -44.22 -3.60
CA GLY A 594 8.91 -45.51 -4.18
C GLY A 594 9.82 -45.47 -5.38
N LEU A 595 10.65 -44.44 -5.50
CA LEU A 595 11.58 -44.29 -6.61
C LEU A 595 12.91 -43.81 -6.05
N ASN A 596 13.83 -44.73 -5.81
CA ASN A 596 15.14 -44.36 -5.28
C ASN A 596 15.97 -43.80 -6.42
N ALA A 597 16.09 -42.47 -6.46
CA ALA A 597 16.81 -41.80 -7.53
C ALA A 597 18.13 -41.19 -7.04
N THR A 598 18.65 -41.66 -5.91
CA THR A 598 19.92 -41.12 -5.43
C THR A 598 21.08 -41.65 -6.27
N GLY A 599 20.99 -42.91 -6.69
CA GLY A 599 22.01 -43.52 -7.52
C GLY A 599 21.56 -43.61 -8.97
N ASN A 600 20.39 -44.19 -9.17
CA ASN A 600 19.81 -44.33 -10.51
C ASN A 600 18.48 -43.59 -10.57
N ASN A 601 18.39 -42.63 -11.49
CA ASN A 601 17.20 -41.79 -11.68
C ASN A 601 16.76 -42.10 -13.09
N PRO A 602 15.95 -43.14 -13.30
CA PRO A 602 15.45 -43.42 -14.65
C PRO A 602 14.40 -42.40 -15.02
N CYS A 603 14.27 -42.18 -16.32
CA CYS A 603 13.30 -41.23 -16.83
C CYS A 603 13.60 -39.86 -16.24
N ASN A 604 14.38 -39.06 -16.96
CA ASN A 604 14.78 -37.75 -16.47
C ASN A 604 13.59 -36.81 -16.54
N TYR A 605 13.81 -35.50 -16.42
CA TYR A 605 12.73 -34.54 -16.39
C TYR A 605 11.80 -34.86 -15.23
N ALA A 606 12.39 -35.24 -14.10
CA ALA A 606 11.65 -35.58 -12.89
C ALA A 606 11.93 -34.61 -11.76
N THR A 607 13.20 -34.42 -11.40
CA THR A 607 13.60 -33.51 -10.33
C THR A 607 12.86 -33.85 -9.05
N CYS A 608 13.27 -34.91 -8.37
CA CYS A 608 12.59 -35.28 -7.15
C CYS A 608 13.55 -35.55 -6.00
N THR A 609 14.69 -34.88 -6.01
CA THR A 609 15.67 -35.02 -4.95
C THR A 609 15.98 -33.62 -4.42
N GLY A 610 16.69 -33.59 -3.31
CA GLY A 610 17.03 -32.32 -2.73
C GLY A 610 18.18 -31.63 -3.43
N GLU A 611 18.82 -32.34 -4.35
CA GLU A 611 19.94 -31.82 -5.10
C GLU A 611 19.59 -31.50 -6.53
N GLU A 612 18.59 -32.16 -7.11
CA GLU A 612 18.24 -31.84 -8.48
C GLU A 612 17.51 -30.52 -8.56
N TYR A 613 17.03 -30.02 -7.43
CA TYR A 613 16.34 -28.75 -7.37
C TYR A 613 17.31 -27.61 -7.10
N LEU A 614 18.40 -27.89 -6.41
CA LEU A 614 19.35 -26.83 -6.10
C LEU A 614 20.18 -26.51 -7.32
N VAL A 615 20.50 -27.50 -8.13
CA VAL A 615 21.30 -27.23 -9.32
C VAL A 615 20.44 -26.52 -10.34
N LYS A 616 19.17 -26.90 -10.43
CA LYS A 616 18.29 -26.27 -11.37
C LYS A 616 17.95 -24.85 -10.94
N GLN A 617 18.11 -24.52 -9.67
CA GLN A 617 17.83 -23.16 -9.26
C GLN A 617 19.06 -22.27 -9.29
N GLY A 618 20.26 -22.83 -9.32
CA GLY A 618 21.46 -22.04 -9.34
C GLY A 618 22.22 -22.03 -8.04
N ILE A 619 22.06 -23.05 -7.21
CA ILE A 619 22.70 -23.13 -5.90
C ILE A 619 23.71 -24.25 -5.88
N ASP A 620 24.89 -23.97 -5.33
CA ASP A 620 25.97 -24.94 -5.25
C ASP A 620 25.74 -25.87 -4.07
N LEU A 621 26.19 -27.12 -4.23
CA LEU A 621 26.06 -28.13 -3.21
C LEU A 621 27.18 -28.14 -2.19
N SER A 622 28.25 -27.38 -2.42
CA SER A 622 29.35 -27.34 -1.48
C SER A 622 28.96 -26.56 -0.23
N PRO A 623 29.56 -26.88 0.92
CA PRO A 623 29.24 -26.12 2.14
C PRO A 623 29.65 -24.68 2.06
N TRP A 624 30.58 -24.33 1.16
CA TRP A 624 30.96 -22.94 1.00
C TRP A 624 29.85 -22.16 0.33
N GLY A 625 29.08 -22.79 -0.54
CA GLY A 625 27.99 -22.07 -1.18
C GLY A 625 26.91 -21.68 -0.20
N LEU A 626 26.78 -22.43 0.88
CA LEU A 626 25.82 -22.05 1.91
C LEU A 626 26.26 -20.81 2.68
N TRP A 627 27.54 -20.73 3.04
CA TRP A 627 28.07 -19.57 3.75
C TRP A 627 28.40 -18.39 2.85
N LYS A 628 28.26 -18.55 1.55
CA LYS A 628 28.53 -17.42 0.66
C LYS A 628 27.49 -16.33 0.84
N ASN A 629 26.24 -16.73 1.09
CA ASN A 629 25.21 -15.73 1.32
C ASN A 629 25.36 -15.09 2.69
N HIS A 630 26.00 -15.78 3.62
CA HIS A 630 26.20 -15.20 4.93
C HIS A 630 27.28 -14.14 4.87
N VAL A 631 28.37 -14.40 4.16
CA VAL A 631 29.37 -13.35 4.09
C VAL A 631 28.91 -12.23 3.18
N ALA A 632 27.95 -12.50 2.29
CA ALA A 632 27.47 -11.39 1.46
C ALA A 632 26.53 -10.49 2.24
N LEU A 633 25.70 -11.07 3.12
CA LEU A 633 24.84 -10.24 3.92
C LEU A 633 25.65 -9.52 5.00
N ALA A 634 26.73 -10.14 5.46
CA ALA A 634 27.56 -9.46 6.46
C ALA A 634 28.31 -8.30 5.83
N CYS A 635 28.70 -8.42 4.57
CA CYS A 635 29.37 -7.28 3.94
C CYS A 635 28.39 -6.16 3.64
N MET A 636 27.14 -6.51 3.29
CA MET A 636 26.18 -5.46 3.02
C MET A 636 25.70 -4.77 4.29
N ILE A 637 25.82 -5.42 5.44
CA ILE A 637 25.41 -4.77 6.68
C ILE A 637 26.37 -3.65 7.01
N VAL A 638 27.67 -3.94 6.95
CA VAL A 638 28.66 -2.91 7.25
C VAL A 638 28.68 -1.82 6.18
N ILE A 639 28.35 -2.15 4.93
CA ILE A 639 28.35 -1.09 3.93
C ILE A 639 27.18 -0.15 4.14
N PHE A 640 26.00 -0.70 4.39
CA PHE A 640 24.86 0.19 4.61
C PHE A 640 24.98 0.95 5.91
N LEU A 641 25.61 0.36 6.93
CA LEU A 641 25.76 1.12 8.17
C LEU A 641 26.79 2.24 7.99
N THR A 642 27.77 2.05 7.12
CA THR A 642 28.72 3.13 6.90
C THR A 642 28.06 4.26 6.13
N ILE A 643 27.15 3.93 5.22
CA ILE A 643 26.45 4.99 4.49
C ILE A 643 25.50 5.73 5.42
N ALA A 644 24.84 5.02 6.34
CA ALA A 644 23.96 5.71 7.27
C ALA A 644 24.74 6.61 8.22
N TYR A 645 25.94 6.19 8.60
CA TYR A 645 26.75 7.04 9.48
C TYR A 645 27.32 8.23 8.74
N LEU A 646 27.66 8.07 7.46
CA LEU A 646 28.17 9.20 6.73
C LEU A 646 27.06 10.20 6.44
N LYS A 647 25.84 9.71 6.23
CA LYS A 647 24.74 10.62 6.00
C LYS A 647 24.39 11.37 7.28
N LEU A 648 24.54 10.71 8.43
CA LEU A 648 24.27 11.40 9.69
C LEU A 648 25.37 12.39 10.04
N LEU A 649 26.59 12.14 9.57
CA LEU A 649 27.69 13.06 9.87
C LEU A 649 27.71 14.28 8.95
N PHE A 650 27.49 14.08 7.66
CA PHE A 650 27.49 15.16 6.67
C PHE A 650 26.14 15.83 6.52
N LEU A 651 25.58 16.30 7.63
CA LEU A 651 24.28 16.96 7.62
C LEU A 651 24.41 18.41 8.04
N LYS A 652 23.51 19.24 7.51
CA LYS A 652 23.47 20.67 7.81
C LYS A 652 22.88 20.81 9.20
N LYS A 653 23.74 20.77 10.20
CA LYS A 653 23.33 20.88 11.60
C LYS A 653 23.33 22.32 12.11
N TYR A 654 22.91 23.27 11.28
CA TYR A 654 22.87 24.67 11.69
C TYR A 654 21.50 25.28 11.45
N ASP B 1 -11.62 -37.27 -2.11
CA ASP B 1 -10.75 -38.05 -2.96
C ASP B 1 -11.34 -38.23 -4.34
N ILE B 2 -10.70 -39.07 -5.15
CA ILE B 2 -11.14 -39.35 -6.51
C ILE B 2 -11.80 -40.72 -6.50
N VAL B 3 -13.11 -40.77 -6.47
CA VAL B 3 -13.77 -42.07 -6.46
C VAL B 3 -13.78 -42.63 -7.87
N LEU B 4 -13.80 -43.95 -7.98
CA LEU B 4 -13.82 -44.66 -9.25
C LEU B 4 -15.12 -45.45 -9.35
N THR B 5 -15.93 -45.14 -10.34
CA THR B 5 -17.20 -45.81 -10.55
C THR B 5 -17.13 -46.71 -11.76
N GLN B 6 -18.00 -47.72 -11.76
CA GLN B 6 -18.10 -48.69 -12.84
C GLN B 6 -19.57 -49.02 -12.94
N SER B 7 -20.15 -48.77 -14.11
CA SER B 7 -21.55 -49.02 -14.33
C SER B 7 -21.87 -50.50 -14.53
N PRO B 8 -21.12 -51.25 -15.33
CA PRO B 8 -21.47 -52.67 -15.48
C PRO B 8 -20.86 -53.50 -14.37
N SER B 9 -21.67 -53.87 -13.38
CA SER B 9 -21.18 -54.67 -12.26
C SER B 9 -21.10 -56.15 -12.61
N SER B 10 -21.85 -56.60 -13.62
CA SER B 10 -21.83 -57.99 -14.03
C SER B 10 -22.17 -58.05 -15.51
N PHE B 11 -21.36 -58.77 -16.27
CA PHE B 11 -21.55 -58.94 -17.70
C PHE B 11 -22.06 -60.33 -18.01
N SER B 12 -22.63 -60.46 -19.20
CA SER B 12 -23.20 -61.70 -19.69
C SER B 12 -22.88 -61.80 -21.17
N VAL B 13 -21.63 -62.15 -21.47
CA VAL B 13 -21.17 -62.27 -22.85
C VAL B 13 -21.03 -63.73 -23.22
N SER B 14 -20.53 -63.99 -24.43
CA SER B 14 -20.36 -65.35 -24.90
C SER B 14 -18.89 -65.62 -25.22
N LEU B 15 -18.62 -66.42 -26.23
CA LEU B 15 -17.26 -66.75 -26.62
C LEU B 15 -16.94 -66.06 -27.93
N GLY B 16 -15.81 -65.36 -27.97
CA GLY B 16 -15.40 -64.66 -29.17
C GLY B 16 -16.23 -63.42 -29.40
N ASP B 17 -16.26 -62.52 -28.42
CA ASP B 17 -17.03 -61.28 -28.52
C ASP B 17 -16.17 -60.13 -28.05
N ARG B 18 -16.60 -58.92 -28.42
CA ARG B 18 -15.89 -57.69 -28.06
C ARG B 18 -16.41 -57.19 -26.72
N VAL B 19 -15.73 -57.53 -25.63
CA VAL B 19 -16.14 -57.10 -24.30
C VAL B 19 -15.72 -55.65 -24.08
N THR B 20 -16.68 -54.80 -23.76
CA THR B 20 -16.48 -53.38 -23.49
C THR B 20 -16.72 -53.09 -22.02
N ILE B 21 -15.65 -52.83 -21.28
CA ILE B 21 -15.72 -52.53 -19.85
C ILE B 21 -15.33 -51.08 -19.68
N SER B 22 -16.23 -50.27 -19.13
CA SER B 22 -15.96 -48.86 -18.96
C SER B 22 -15.87 -48.51 -17.48
N CYS B 23 -15.04 -47.51 -17.17
CA CYS B 23 -14.85 -47.07 -15.79
C CYS B 23 -14.57 -45.58 -15.78
N LYS B 24 -15.54 -44.81 -15.29
CA LYS B 24 -15.45 -43.37 -15.20
C LYS B 24 -14.88 -42.99 -13.84
N ALA B 25 -14.69 -41.70 -13.60
CA ALA B 25 -14.15 -41.25 -12.33
C ALA B 25 -14.74 -39.90 -11.98
N SER B 26 -14.33 -39.36 -10.84
CA SER B 26 -14.82 -38.07 -10.39
C SER B 26 -13.88 -36.93 -10.71
N GLY B 27 -12.57 -37.15 -10.57
CA GLY B 27 -11.59 -36.14 -10.85
C GLY B 27 -10.82 -36.49 -12.12
N TYR B 28 -9.92 -35.60 -12.48
CA TYR B 28 -9.11 -35.83 -13.67
C TYR B 28 -7.99 -36.79 -13.33
N ILE B 29 -7.82 -37.81 -14.17
CA ILE B 29 -6.79 -38.82 -13.98
C ILE B 29 -5.62 -38.60 -14.92
N LEU B 30 -5.88 -38.18 -16.15
CA LEU B 30 -4.83 -37.91 -17.13
C LEU B 30 -3.99 -39.15 -17.43
N ASN B 31 -4.66 -40.19 -17.88
CA ASN B 31 -3.98 -41.43 -18.28
C ASN B 31 -3.16 -42.00 -17.15
N ARG B 32 -3.81 -42.20 -16.01
CA ARG B 32 -3.14 -42.76 -14.86
C ARG B 32 -3.95 -43.89 -14.26
N LEU B 33 -4.74 -44.56 -15.08
CA LEU B 33 -5.58 -45.64 -14.63
C LEU B 33 -4.98 -46.97 -15.06
N ALA B 34 -5.02 -47.95 -14.17
CA ALA B 34 -4.50 -49.27 -14.38
C ALA B 34 -5.62 -50.27 -14.23
N TRP B 35 -5.60 -51.33 -15.03
CA TRP B 35 -6.64 -52.35 -14.95
C TRP B 35 -6.06 -53.59 -14.30
N TYR B 36 -6.92 -54.32 -13.59
CA TYR B 36 -6.49 -55.51 -12.90
C TYR B 36 -7.48 -56.62 -13.22
N GLN B 37 -7.02 -57.85 -13.03
CA GLN B 37 -7.84 -59.03 -13.30
C GLN B 37 -7.66 -60.06 -12.20
N GLN B 38 -8.68 -60.22 -11.39
CA GLN B 38 -8.64 -61.16 -10.29
C GLN B 38 -9.40 -62.41 -10.68
N LYS B 39 -8.75 -63.53 -10.60
CA LYS B 39 -9.30 -64.83 -10.89
C LYS B 39 -10.01 -65.35 -9.64
N PRO B 40 -11.04 -66.13 -9.80
CA PRO B 40 -11.75 -66.65 -8.63
C PRO B 40 -10.87 -67.58 -7.80
N GLY B 41 -10.05 -67.00 -6.94
CA GLY B 41 -9.16 -67.79 -6.12
C GLY B 41 -7.69 -67.43 -6.25
N ASN B 42 -7.40 -66.18 -6.59
CA ASN B 42 -6.02 -65.76 -6.74
C ASN B 42 -5.91 -64.30 -6.32
N ALA B 43 -4.87 -63.66 -6.72
CA ALA B 43 -4.51 -62.28 -6.46
C ALA B 43 -4.75 -61.44 -7.70
N PRO B 44 -5.11 -60.20 -7.55
CA PRO B 44 -5.36 -59.34 -8.71
C PRO B 44 -4.13 -59.09 -9.56
N ARG B 45 -4.04 -59.73 -10.72
CA ARG B 45 -2.89 -59.55 -11.58
C ARG B 45 -3.03 -58.26 -12.38
N LEU B 46 -1.91 -57.57 -12.58
CA LEU B 46 -1.94 -56.32 -13.33
C LEU B 46 -2.13 -56.57 -14.82
N LEU B 47 -3.07 -55.83 -15.41
CA LEU B 47 -3.37 -55.98 -16.82
C LEU B 47 -2.77 -54.81 -17.60
N ILE B 48 -3.52 -53.73 -17.77
CA ILE B 48 -3.11 -52.54 -18.52
C ILE B 48 -2.59 -51.48 -17.58
N SER B 49 -1.38 -51.01 -17.80
CA SER B 49 -0.76 -49.97 -16.98
C SER B 49 -0.85 -48.63 -17.70
N GLY B 50 -1.40 -47.63 -17.03
CA GLY B 50 -1.50 -46.33 -17.68
C GLY B 50 -2.70 -46.18 -18.57
N ALA B 51 -3.53 -47.21 -18.70
CA ALA B 51 -4.73 -47.19 -19.53
C ALA B 51 -4.37 -46.88 -20.97
N THR B 52 -3.23 -47.40 -21.41
CA THR B 52 -2.76 -47.19 -22.77
C THR B 52 -1.93 -48.39 -23.21
N SER B 53 -0.94 -48.76 -22.41
CA SER B 53 -0.07 -49.87 -22.78
C SER B 53 -0.67 -51.20 -22.35
N LEU B 54 0.17 -52.22 -22.27
CA LEU B 54 -0.24 -53.57 -21.89
C LEU B 54 0.95 -54.30 -21.30
N GLU B 55 0.73 -54.99 -20.20
CA GLU B 55 1.84 -55.71 -19.59
C GLU B 55 2.15 -56.97 -20.38
N THR B 56 3.31 -57.54 -20.09
CA THR B 56 3.75 -58.76 -20.77
C THR B 56 3.02 -59.96 -20.18
N GLY B 57 3.11 -61.08 -20.89
CA GLY B 57 2.43 -62.26 -20.42
C GLY B 57 0.96 -62.30 -20.74
N PHE B 58 0.44 -61.30 -21.43
CA PHE B 58 -0.97 -61.23 -21.79
C PHE B 58 -1.08 -61.06 -23.29
N PRO B 59 -2.10 -61.66 -23.91
CA PRO B 59 -2.27 -61.54 -25.35
C PRO B 59 -2.63 -60.12 -25.74
N SER B 60 -2.62 -59.88 -27.05
CA SER B 60 -2.92 -58.55 -27.56
C SER B 60 -4.42 -58.29 -27.65
N ARG B 61 -5.24 -59.15 -27.07
CA ARG B 61 -6.69 -58.95 -27.11
C ARG B 61 -7.15 -57.87 -26.15
N PHE B 62 -6.33 -57.51 -25.17
CA PHE B 62 -6.67 -56.49 -24.19
C PHE B 62 -6.13 -55.14 -24.68
N SER B 63 -7.02 -54.17 -24.86
CA SER B 63 -6.62 -52.84 -25.31
C SER B 63 -7.34 -51.78 -24.50
N GLY B 64 -6.60 -50.83 -23.96
CA GLY B 64 -7.26 -49.81 -23.17
C GLY B 64 -7.17 -48.39 -23.70
N THR B 65 -8.33 -47.78 -23.94
CA THR B 65 -8.40 -46.42 -24.44
C THR B 65 -9.12 -45.49 -23.48
N GLY B 66 -9.59 -44.36 -23.99
CA GLY B 66 -10.28 -43.38 -23.17
C GLY B 66 -9.33 -42.38 -22.56
N SER B 67 -9.76 -41.13 -22.49
CA SER B 67 -8.95 -40.06 -21.93
C SER B 67 -9.86 -39.01 -21.31
N GLY B 68 -9.40 -38.41 -20.21
CA GLY B 68 -10.19 -37.40 -19.54
C GLY B 68 -10.69 -37.85 -18.19
N LYS B 69 -11.94 -38.29 -18.13
CA LYS B 69 -12.54 -38.76 -16.89
C LYS B 69 -13.04 -40.18 -16.96
N ASP B 70 -13.01 -40.81 -18.13
CA ASP B 70 -13.47 -42.18 -18.28
C ASP B 70 -12.44 -42.96 -19.08
N TYR B 71 -12.36 -44.25 -18.80
CA TYR B 71 -11.42 -45.12 -19.49
C TYR B 71 -12.13 -46.40 -19.88
N THR B 72 -11.84 -46.92 -21.06
CA THR B 72 -12.50 -48.10 -21.57
C THR B 72 -11.54 -49.23 -21.92
N LEU B 73 -11.80 -50.41 -21.41
CA LEU B 73 -11.01 -51.60 -21.69
C LEU B 73 -11.78 -52.44 -22.69
N SER B 74 -11.11 -52.83 -23.76
CA SER B 74 -11.69 -53.61 -24.84
C SER B 74 -11.05 -54.97 -24.89
N ILE B 75 -11.87 -55.99 -25.14
CA ILE B 75 -11.41 -57.36 -25.26
C ILE B 75 -11.91 -57.89 -26.58
N SER B 76 -11.00 -58.25 -27.47
CA SER B 76 -11.34 -58.77 -28.79
C SER B 76 -11.32 -60.28 -28.73
N SER B 77 -12.39 -60.91 -29.23
CA SER B 77 -12.47 -62.37 -29.24
C SER B 77 -12.32 -62.92 -27.83
N LEU B 78 -13.38 -62.80 -27.04
CA LEU B 78 -13.34 -63.29 -25.66
C LEU B 78 -13.43 -64.80 -25.63
N GLN B 79 -12.49 -65.43 -24.93
CA GLN B 79 -12.50 -66.89 -24.84
C GLN B 79 -13.06 -67.35 -23.51
N THR B 80 -12.60 -68.51 -23.05
CA THR B 80 -13.04 -69.09 -21.78
C THR B 80 -11.92 -69.06 -20.75
N GLU B 81 -10.82 -68.41 -21.09
CA GLU B 81 -9.66 -68.28 -20.22
C GLU B 81 -9.47 -66.81 -19.88
N ASP B 82 -10.58 -66.10 -19.74
CA ASP B 82 -10.56 -64.69 -19.42
C ASP B 82 -11.67 -64.33 -18.44
N VAL B 83 -12.22 -65.31 -17.75
CA VAL B 83 -13.26 -65.02 -16.79
C VAL B 83 -12.62 -64.48 -15.52
N GLY B 84 -13.40 -63.77 -14.72
CA GLY B 84 -12.90 -63.22 -13.49
C GLY B 84 -13.54 -61.88 -13.22
N THR B 85 -12.90 -61.12 -12.33
CA THR B 85 -13.39 -59.81 -11.95
C THR B 85 -12.34 -58.77 -12.30
N TYR B 86 -12.73 -57.72 -13.01
CA TYR B 86 -11.79 -56.69 -13.40
C TYR B 86 -11.96 -55.44 -12.55
N TYR B 87 -10.87 -54.72 -12.35
CA TYR B 87 -10.91 -53.49 -11.57
C TYR B 87 -10.14 -52.40 -12.27
N CYS B 88 -10.41 -51.16 -11.84
CA CYS B 88 -9.78 -49.97 -12.40
C CYS B 88 -9.25 -49.16 -11.24
N GLN B 89 -7.94 -49.10 -11.11
CA GLN B 89 -7.29 -48.37 -10.03
C GLN B 89 -6.59 -47.16 -10.57
N GLN B 90 -6.66 -46.08 -9.82
CA GLN B 90 -5.97 -44.88 -10.24
C GLN B 90 -4.79 -44.68 -9.31
N TYR B 91 -3.87 -43.82 -9.71
CA TYR B 91 -2.72 -43.56 -8.87
C TYR B 91 -2.29 -42.14 -9.06
N TRP B 92 -3.27 -41.26 -9.28
CA TRP B 92 -2.98 -39.85 -9.45
C TRP B 92 -2.64 -39.21 -8.11
N SER B 93 -3.54 -39.29 -7.14
CA SER B 93 -3.24 -38.71 -5.85
C SER B 93 -2.73 -39.80 -4.90
N THR B 94 -2.83 -39.55 -3.60
CA THR B 94 -2.35 -40.55 -2.65
C THR B 94 -3.41 -41.49 -2.10
N PRO B 95 -4.66 -41.07 -1.92
CA PRO B 95 -5.68 -42.05 -1.49
C PRO B 95 -6.12 -42.83 -2.74
N TRP B 96 -5.32 -43.83 -3.08
CA TRP B 96 -5.59 -44.64 -4.26
C TRP B 96 -6.84 -45.45 -4.05
N THR B 97 -7.83 -45.25 -4.90
CA THR B 97 -9.09 -45.95 -4.78
C THR B 97 -9.34 -46.77 -6.02
N PHE B 98 -9.81 -47.98 -5.79
CA PHE B 98 -10.15 -48.96 -6.80
C PHE B 98 -11.57 -48.76 -7.29
N GLY B 99 -11.93 -49.55 -8.29
CA GLY B 99 -13.25 -49.50 -8.86
C GLY B 99 -14.15 -50.56 -8.26
N GLY B 100 -15.29 -50.76 -8.89
CA GLY B 100 -16.23 -51.75 -8.41
C GLY B 100 -15.75 -53.14 -8.75
N GLY B 101 -16.21 -53.67 -9.88
CA GLY B 101 -15.82 -54.99 -10.32
C GLY B 101 -16.79 -55.46 -11.37
N THR B 102 -16.26 -55.85 -12.52
CA THR B 102 -17.04 -56.32 -13.65
C THR B 102 -16.81 -57.82 -13.79
N LYS B 103 -17.59 -58.61 -13.05
CA LYS B 103 -17.45 -60.06 -13.09
C LYS B 103 -18.09 -60.60 -14.35
N LEU B 104 -17.25 -61.08 -15.27
CA LEU B 104 -17.75 -61.64 -16.51
C LEU B 104 -18.32 -63.03 -16.29
N GLU B 105 -19.37 -63.35 -17.04
CA GLU B 105 -20.02 -64.64 -16.93
C GLU B 105 -20.46 -65.06 -18.32
N ILE B 106 -19.95 -66.19 -18.79
CA ILE B 106 -20.28 -66.70 -20.10
C ILE B 106 -21.56 -67.53 -19.99
N ARG B 107 -22.20 -67.74 -21.14
CA ARG B 107 -23.44 -68.51 -21.16
C ARG B 107 -23.32 -69.79 -21.97
N VAL C 2 10.16 -58.74 -5.67
CA VAL C 2 9.91 -59.77 -6.66
C VAL C 2 8.97 -60.82 -6.11
N GLN C 3 9.33 -61.45 -5.01
CA GLN C 3 8.50 -62.48 -4.40
C GLN C 3 8.20 -62.06 -2.96
N LEU C 4 6.92 -62.16 -2.59
CA LEU C 4 6.45 -61.77 -1.27
C LEU C 4 5.72 -62.95 -0.63
N GLN C 5 5.64 -62.92 0.70
CA GLN C 5 4.98 -63.99 1.44
C GLN C 5 4.22 -63.41 2.63
N GLU C 6 2.90 -63.50 2.61
CA GLU C 6 2.05 -62.99 3.66
C GLU C 6 1.88 -64.01 4.78
N SER C 7 1.99 -63.55 6.03
CA SER C 7 1.83 -64.43 7.18
C SER C 7 1.25 -63.68 8.36
N GLY C 8 0.63 -64.43 9.27
CA GLY C 8 0.03 -63.86 10.47
C GLY C 8 -1.19 -64.58 10.97
N PRO C 9 -1.80 -64.05 12.04
CA PRO C 9 -3.00 -64.67 12.61
C PRO C 9 -4.21 -64.46 11.72
N GLY C 10 -5.25 -65.24 12.00
CA GLY C 10 -6.48 -65.16 11.24
C GLY C 10 -7.76 -65.10 12.03
N LEU C 11 -7.67 -65.21 13.36
CA LEU C 11 -8.84 -65.17 14.24
C LEU C 11 -8.53 -64.23 15.39
N VAL C 12 -8.92 -62.97 15.26
CA VAL C 12 -8.66 -61.96 16.29
C VAL C 12 -9.95 -61.53 16.96
N LYS C 13 -9.89 -61.35 18.28
CA LYS C 13 -11.04 -60.91 19.03
C LYS C 13 -11.30 -59.44 18.74
N PRO C 14 -12.55 -59.00 18.75
CA PRO C 14 -12.81 -57.59 18.48
C PRO C 14 -12.25 -56.69 19.58
N SER C 15 -12.12 -55.42 19.23
CA SER C 15 -11.60 -54.40 20.13
C SER C 15 -10.20 -54.75 20.65
N GLN C 16 -9.34 -55.23 19.76
CA GLN C 16 -7.98 -55.59 20.13
C GLN C 16 -6.98 -55.09 19.10
N SER C 17 -5.92 -55.87 18.87
CA SER C 17 -4.89 -55.51 17.92
C SER C 17 -4.70 -56.63 16.91
N LEU C 18 -4.26 -56.23 15.73
CA LEU C 18 -4.01 -57.08 14.58
C LEU C 18 -2.60 -56.85 14.08
N SER C 19 -1.87 -57.91 13.79
CA SER C 19 -0.51 -57.72 13.31
C SER C 19 -0.25 -58.71 12.21
N LEU C 20 0.26 -58.22 11.09
CA LEU C 20 0.58 -59.06 9.95
C LEU C 20 2.07 -58.99 9.69
N THR C 21 2.56 -59.80 8.76
CA THR C 21 3.98 -59.82 8.44
C THR C 21 4.17 -60.32 7.03
N CYS C 22 4.77 -59.52 6.14
CA CYS C 22 4.99 -59.99 4.78
C CYS C 22 6.47 -59.95 4.47
N THR C 23 7.05 -61.13 4.28
CA THR C 23 8.47 -61.21 3.99
C THR C 23 8.72 -60.95 2.51
N VAL C 24 9.93 -60.50 2.19
CA VAL C 24 10.33 -60.20 0.83
C VAL C 24 11.56 -61.03 0.49
N THR C 25 11.46 -61.84 -0.56
CA THR C 25 12.54 -62.70 -1.02
C THR C 25 12.91 -62.32 -2.45
N GLY C 26 14.21 -62.22 -2.72
CA GLY C 26 14.69 -61.88 -4.04
C GLY C 26 14.92 -60.40 -4.28
N PHE C 27 14.62 -59.55 -3.31
CA PHE C 27 14.82 -58.12 -3.47
C PHE C 27 15.06 -57.52 -2.10
N SER C 28 15.74 -56.38 -2.07
CA SER C 28 15.97 -55.81 -0.77
C SER C 28 14.71 -55.08 -0.33
N ILE C 29 14.64 -54.77 0.95
CA ILE C 29 13.47 -54.08 1.49
C ILE C 29 13.66 -52.58 1.46
N THR C 30 14.89 -52.09 1.34
CA THR C 30 15.14 -50.66 1.32
C THR C 30 15.93 -50.28 0.08
N SER C 31 15.76 -51.06 -0.98
CA SER C 31 16.45 -50.83 -2.24
C SER C 31 15.78 -49.71 -3.03
N ASP C 32 14.61 -49.98 -3.61
CA ASP C 32 13.91 -49.01 -4.45
C ASP C 32 12.38 -48.95 -4.34
N TYR C 33 11.71 -50.08 -4.50
CA TYR C 33 10.26 -50.14 -4.50
C TYR C 33 9.69 -49.93 -3.11
N ALA C 34 8.47 -49.40 -3.05
CA ALA C 34 7.86 -49.21 -1.74
C ALA C 34 6.90 -50.36 -1.51
N TRP C 35 6.29 -50.41 -0.34
CA TRP C 35 5.40 -51.52 -0.04
C TRP C 35 4.07 -51.07 0.54
N ASN C 36 2.98 -51.65 0.05
CA ASN C 36 1.65 -51.29 0.54
C ASN C 36 0.98 -52.45 1.26
N TRP C 37 -0.28 -52.23 1.62
CA TRP C 37 -1.13 -53.20 2.32
C TRP C 37 -2.53 -53.02 1.76
N ILE C 38 -2.99 -53.98 0.96
CA ILE C 38 -4.30 -53.90 0.33
C ILE C 38 -5.21 -54.96 0.91
N ARG C 39 -6.45 -54.61 1.26
CA ARG C 39 -7.37 -55.60 1.78
C ARG C 39 -8.59 -55.71 0.88
N GLN C 40 -9.07 -56.94 0.71
CA GLN C 40 -10.22 -57.25 -0.11
C GLN C 40 -11.33 -57.68 0.84
N PHE C 41 -12.38 -56.89 0.92
CA PHE C 41 -13.47 -57.17 1.82
C PHE C 41 -14.18 -58.47 1.44
N PRO C 42 -14.81 -59.14 2.41
CA PRO C 42 -15.50 -60.39 2.11
C PRO C 42 -16.62 -60.12 1.13
N GLY C 43 -16.24 -60.11 -0.13
CA GLY C 43 -17.15 -59.85 -1.21
C GLY C 43 -16.39 -59.53 -2.46
N LYS C 44 -16.60 -58.35 -3.01
CA LYS C 44 -15.91 -57.91 -4.22
C LYS C 44 -15.50 -56.45 -4.13
N LYS C 45 -14.74 -56.12 -3.10
CA LYS C 45 -14.30 -54.75 -2.91
C LYS C 45 -12.87 -54.80 -2.43
N LEU C 46 -12.16 -53.71 -2.67
CA LEU C 46 -10.77 -53.61 -2.29
C LEU C 46 -10.54 -52.24 -1.69
N GLU C 47 -9.48 -52.15 -0.90
CA GLU C 47 -9.16 -50.90 -0.25
C GLU C 47 -7.67 -50.84 0.00
N TRP C 48 -7.11 -49.67 -0.23
CA TRP C 48 -5.69 -49.47 -0.03
C TRP C 48 -5.55 -48.94 1.39
N MET C 49 -4.76 -49.63 2.20
CA MET C 49 -4.59 -49.21 3.59
C MET C 49 -3.48 -48.17 3.70
N GLY C 50 -2.26 -48.55 3.38
CA GLY C 50 -1.17 -47.58 3.45
C GLY C 50 0.09 -48.25 2.96
N TYR C 51 1.12 -47.42 2.79
CA TYR C 51 2.38 -47.95 2.33
C TYR C 51 3.52 -47.33 3.10
N ILE C 52 4.71 -47.87 2.85
CA ILE C 52 5.95 -47.45 3.49
C ILE C 52 7.00 -47.35 2.40
N ASN C 53 7.71 -46.24 2.37
CA ASN C 53 8.72 -46.01 1.36
C ASN C 53 9.94 -46.86 1.66
N PHE C 54 10.95 -46.76 0.80
CA PHE C 54 12.14 -47.58 1.03
C PHE C 54 12.97 -47.02 2.16
N ASP C 55 12.89 -45.72 2.44
CA ASP C 55 13.68 -45.14 3.51
C ASP C 55 12.91 -45.15 4.83
N GLY C 56 11.60 -44.95 4.79
CA GLY C 56 10.83 -44.94 6.01
C GLY C 56 9.61 -44.06 5.96
N GLY C 57 9.34 -43.47 4.80
CA GLY C 57 8.18 -42.61 4.65
C GLY C 57 6.96 -43.49 4.59
N THR C 58 6.05 -43.34 5.54
CA THR C 58 4.84 -44.15 5.62
C THR C 58 3.62 -43.26 5.46
N THR C 59 2.90 -43.43 4.36
CA THR C 59 1.68 -42.70 4.08
C THR C 59 0.50 -43.65 4.22
N TYR C 60 -0.44 -43.29 5.10
CA TYR C 60 -1.59 -44.11 5.40
C TYR C 60 -2.84 -43.53 4.75
N ASN C 61 -3.92 -44.31 4.81
CA ASN C 61 -5.17 -43.86 4.22
C ASN C 61 -5.93 -43.00 5.22
N PRO C 62 -6.55 -41.90 4.77
CA PRO C 62 -7.32 -41.06 5.70
C PRO C 62 -8.51 -41.75 6.29
N SER C 63 -8.94 -42.88 5.72
CA SER C 63 -10.09 -43.58 6.29
C SER C 63 -9.71 -44.22 7.61
N LEU C 64 -8.48 -44.72 7.71
CA LEU C 64 -7.99 -45.33 8.93
C LEU C 64 -7.34 -44.22 9.74
N ARG C 65 -8.09 -43.65 10.66
CA ARG C 65 -7.62 -42.53 11.48
C ARG C 65 -6.96 -43.08 12.74
N GLY C 66 -5.64 -43.20 12.71
CA GLY C 66 -4.90 -43.68 13.86
C GLY C 66 -5.14 -45.14 14.20
N ARG C 67 -5.25 -45.98 13.19
CA ARG C 67 -5.46 -47.40 13.39
C ARG C 67 -4.47 -48.27 12.66
N ILE C 68 -3.76 -47.72 11.67
CA ILE C 68 -2.80 -48.47 10.89
C ILE C 68 -1.40 -47.99 11.24
N SER C 69 -0.48 -48.93 11.41
CA SER C 69 0.90 -48.61 11.72
C SER C 69 1.78 -49.64 11.02
N ILE C 70 2.44 -49.24 9.95
CA ILE C 70 3.29 -50.13 9.19
C ILE C 70 4.70 -50.01 9.74
N THR C 71 5.30 -51.14 10.12
CA THR C 71 6.65 -51.11 10.66
C THR C 71 7.56 -52.07 9.91
N ARG C 72 8.75 -51.65 9.55
CA ARG C 72 9.61 -52.54 8.79
C ARG C 72 10.83 -53.00 9.56
N ASP C 73 11.50 -53.98 8.95
CA ASP C 73 12.73 -54.59 9.44
C ASP C 73 13.60 -54.86 8.22
N THR C 74 14.86 -54.44 8.31
CA THR C 74 15.84 -54.56 7.24
C THR C 74 16.56 -55.89 7.22
N SER C 75 16.80 -56.50 8.37
CA SER C 75 17.56 -57.74 8.46
C SER C 75 16.81 -58.84 7.73
N LYS C 76 15.65 -59.21 8.25
CA LYS C 76 14.85 -60.28 7.66
C LYS C 76 14.05 -59.81 6.46
N ASN C 77 14.15 -58.52 6.08
CA ASN C 77 13.42 -57.98 4.93
C ASN C 77 11.91 -58.14 5.10
N GLN C 78 11.40 -57.80 6.26
CA GLN C 78 9.98 -57.95 6.48
C GLN C 78 9.31 -56.66 6.88
N PHE C 79 8.05 -56.51 6.55
CA PHE C 79 7.32 -55.33 6.97
C PHE C 79 6.02 -55.83 7.57
N PHE C 80 5.64 -55.27 8.70
CA PHE C 80 4.45 -55.66 9.43
C PHE C 80 3.38 -54.59 9.29
N LEU C 81 2.25 -54.89 9.93
CA LEU C 81 1.07 -54.02 9.92
C LEU C 81 0.26 -54.19 11.18
N GLN C 82 0.35 -53.19 12.06
CA GLN C 82 -0.38 -53.14 13.32
C GLN C 82 -1.71 -52.43 13.05
N LEU C 83 -2.82 -53.05 13.43
CA LEU C 83 -4.17 -52.50 13.26
C LEU C 83 -4.82 -52.58 14.62
N ARG C 84 -4.82 -51.47 15.35
CA ARG C 84 -5.40 -51.41 16.68
C ARG C 84 -6.89 -51.13 16.64
N SER C 85 -7.56 -51.57 17.71
CA SER C 85 -9.00 -51.42 17.88
C SER C 85 -9.74 -52.06 16.71
N VAL C 86 -9.57 -53.37 16.62
CA VAL C 86 -10.19 -54.11 15.54
C VAL C 86 -11.69 -54.21 15.79
N THR C 87 -12.44 -54.28 14.70
CA THR C 87 -13.88 -54.36 14.60
C THR C 87 -14.32 -55.59 13.80
N PRO C 88 -15.51 -56.12 14.07
CA PRO C 88 -15.97 -57.30 13.32
C PRO C 88 -16.19 -57.08 11.84
N GLU C 89 -16.32 -55.85 11.36
CA GLU C 89 -16.49 -55.65 9.92
C GLU C 89 -15.17 -55.67 9.18
N ASP C 90 -14.04 -55.77 9.87
CA ASP C 90 -12.75 -55.79 9.19
C ASP C 90 -12.24 -57.21 9.01
N THR C 91 -13.10 -58.07 8.49
CA THR C 91 -12.78 -59.46 8.20
C THR C 91 -12.25 -59.65 6.77
N ALA C 92 -11.60 -58.64 6.21
CA ALA C 92 -11.10 -58.66 4.85
C ALA C 92 -9.84 -59.49 4.68
N THR C 93 -9.60 -59.96 3.46
CA THR C 93 -8.40 -60.71 3.14
C THR C 93 -7.28 -59.74 2.80
N TYR C 94 -6.25 -59.68 3.64
CA TYR C 94 -5.15 -58.74 3.47
C TYR C 94 -4.06 -59.24 2.53
N TYR C 95 -3.60 -58.37 1.63
CA TYR C 95 -2.50 -58.67 0.71
C TYR C 95 -1.37 -57.69 1.00
N CYS C 96 -0.23 -57.91 0.34
CA CYS C 96 0.95 -57.05 0.50
C CYS C 96 1.55 -56.84 -0.88
N ALA C 97 1.13 -55.78 -1.56
CA ALA C 97 1.63 -55.47 -2.88
C ALA C 97 2.75 -54.44 -2.85
N THR C 98 3.53 -54.44 -3.93
CA THR C 98 4.66 -53.54 -4.10
C THR C 98 4.26 -52.38 -4.99
N PHE C 99 5.13 -51.41 -5.25
CA PHE C 99 4.67 -50.25 -6.08
C PHE C 99 5.83 -49.58 -6.78
N TYR C 100 6.09 -49.87 -8.03
CA TYR C 100 7.29 -49.27 -8.67
C TYR C 100 6.97 -47.82 -8.88
N GLY C 101 7.81 -46.92 -8.43
CA GLY C 101 7.42 -45.51 -8.51
C GLY C 101 7.19 -45.03 -9.92
N ALA C 102 8.09 -45.33 -10.84
CA ALA C 102 7.97 -44.80 -12.21
C ALA C 102 6.83 -45.39 -13.04
N LYS C 103 6.59 -46.69 -13.05
CA LYS C 103 5.39 -47.20 -13.77
C LYS C 103 4.20 -46.79 -12.93
N GLY C 104 4.30 -46.87 -11.62
CA GLY C 104 3.24 -46.44 -10.68
C GLY C 104 2.26 -47.52 -10.29
N THR C 105 2.32 -48.67 -10.92
CA THR C 105 1.27 -49.66 -10.68
C THR C 105 1.80 -50.77 -9.80
N LEU C 106 0.92 -51.50 -9.14
CA LEU C 106 1.37 -52.53 -8.22
C LEU C 106 1.57 -53.80 -9.01
N ASP C 107 2.82 -54.14 -9.27
CA ASP C 107 3.14 -55.31 -10.06
C ASP C 107 3.01 -56.58 -9.25
N TYR C 108 4.02 -56.91 -8.47
CA TYR C 108 4.00 -58.14 -7.68
C TYR C 108 3.05 -57.99 -6.51
N TRP C 109 2.40 -59.11 -6.16
CA TRP C 109 1.45 -59.10 -5.06
C TRP C 109 1.80 -60.20 -4.07
N GLY C 110 0.87 -60.49 -3.15
CA GLY C 110 1.06 -61.51 -2.15
C GLY C 110 -0.07 -62.53 -2.24
N GLN C 111 0.08 -63.61 -1.49
CA GLN C 111 -0.95 -64.64 -1.50
C GLN C 111 -2.18 -64.20 -0.73
N GLY C 112 -1.98 -63.43 0.34
CA GLY C 112 -3.07 -62.93 1.15
C GLY C 112 -3.53 -63.89 2.22
N THR C 113 -3.91 -63.36 3.37
CA THR C 113 -4.37 -64.17 4.49
C THR C 113 -5.73 -63.70 4.98
N SER C 114 -6.65 -64.63 5.08
CA SER C 114 -8.00 -64.33 5.53
C SER C 114 -8.00 -64.07 7.03
N VAL C 115 -8.38 -62.87 7.43
CA VAL C 115 -8.42 -62.50 8.83
C VAL C 115 -9.88 -62.46 9.25
N THR C 116 -10.23 -63.28 10.24
CA THR C 116 -11.59 -63.38 10.75
C THR C 116 -11.67 -62.69 12.10
N VAL C 117 -12.58 -61.75 12.22
CA VAL C 117 -12.79 -61.01 13.45
C VAL C 117 -14.08 -61.49 14.09
N SER C 118 -13.97 -62.43 15.04
CA SER C 118 -15.17 -62.93 15.69
C SER C 118 -14.84 -63.27 17.12
N SER C 119 -15.88 -63.38 17.94
CA SER C 119 -15.74 -63.69 19.36
C SER C 119 -15.79 -65.19 19.59
N LEU D 28 -32.00 57.39 2.32
CA LEU D 28 -31.53 57.43 3.70
C LEU D 28 -30.67 56.21 4.03
N LYS D 29 -31.33 55.06 4.10
CA LYS D 29 -30.67 53.80 4.40
C LYS D 29 -30.72 52.87 3.18
N ALA D 30 -30.85 51.57 3.42
CA ALA D 30 -30.91 50.61 2.33
C ALA D 30 -31.90 49.48 2.57
N PHE D 31 -32.46 49.34 3.76
CA PHE D 31 -33.42 48.29 4.02
C PHE D 31 -34.29 48.70 5.18
N THR D 32 -35.51 48.19 5.21
CA THR D 32 -36.44 48.50 6.28
C THR D 32 -36.54 47.42 7.33
N GLU D 33 -36.50 46.16 6.93
CA GLU D 33 -36.58 45.06 7.88
C GLU D 33 -35.69 43.93 7.42
N GLY D 34 -35.35 43.05 8.36
CA GLY D 34 -34.51 41.92 8.08
C GLY D 34 -35.08 40.64 8.69
N ALA D 35 -34.57 39.53 8.20
CA ALA D 35 -34.99 38.21 8.67
C ALA D 35 -34.29 37.92 9.99
N VAL D 36 -34.97 38.15 11.12
CA VAL D 36 -34.35 37.89 12.40
C VAL D 36 -34.34 36.40 12.68
N LEU D 37 -33.52 35.99 13.65
CA LEU D 37 -33.36 34.59 14.05
C LEU D 37 -33.29 34.56 15.56
N SER D 38 -34.42 34.39 16.22
CA SER D 38 -34.51 34.37 17.66
C SER D 38 -34.52 32.95 18.18
N PHE D 39 -33.95 32.76 19.36
CA PHE D 39 -33.91 31.44 19.98
C PHE D 39 -34.21 31.59 21.46
N HIS D 40 -34.96 30.65 22.02
CA HIS D 40 -35.33 30.69 23.43
C HIS D 40 -35.00 29.38 24.11
N ASN D 41 -34.16 29.43 25.14
CA ASN D 41 -33.77 28.26 25.90
C ASN D 41 -33.20 27.17 25.01
N ILE D 42 -31.95 27.34 24.59
CA ILE D 42 -31.27 26.36 23.74
C ILE D 42 -30.47 25.43 24.64
N CYS D 43 -30.85 24.16 24.66
CA CYS D 43 -30.19 23.15 25.48
C CYS D 43 -29.82 21.99 24.58
N TYR D 44 -28.55 21.60 24.61
CA TYR D 44 -28.05 20.51 23.78
C TYR D 44 -27.30 19.52 24.65
N ARG D 45 -27.34 18.25 24.23
CA ARG D 45 -26.66 17.19 24.96
C ARG D 45 -26.25 16.09 23.99
N VAL D 46 -25.06 15.55 24.20
CA VAL D 46 -24.54 14.49 23.36
C VAL D 46 -24.39 13.20 24.14
N LYS D 61 -22.30 15.18 29.27
CA LYS D 61 -23.09 14.86 28.08
C LYS D 61 -23.77 16.13 27.56
N GLU D 62 -24.08 17.04 28.46
CA GLU D 62 -24.72 18.29 28.13
C GLU D 62 -23.66 19.30 27.72
N ILE D 63 -23.81 19.90 26.55
CA ILE D 63 -22.84 20.88 26.08
C ILE D 63 -23.35 22.32 26.08
N LEU D 64 -24.66 22.54 26.19
CA LEU D 64 -25.21 23.89 26.22
C LEU D 64 -26.31 23.91 27.27
N SER D 65 -26.34 24.96 28.08
CA SER D 65 -27.37 25.02 29.11
C SER D 65 -28.54 25.89 28.71
N ASN D 66 -28.60 27.12 29.23
CA ASN D 66 -29.69 28.03 28.91
C ASN D 66 -29.13 29.15 28.05
N ILE D 67 -29.32 29.04 26.74
CA ILE D 67 -28.85 30.04 25.79
C ILE D 67 -30.05 30.62 25.08
N ASN D 68 -30.22 31.94 25.17
CA ASN D 68 -31.34 32.58 24.52
C ASN D 68 -30.95 33.98 24.10
N GLY D 69 -31.66 34.48 23.10
CA GLY D 69 -31.44 35.80 22.55
C GLY D 69 -31.86 35.83 21.10
N ILE D 70 -31.91 37.03 20.55
CA ILE D 70 -32.29 37.18 19.15
C ILE D 70 -31.08 37.68 18.37
N MET D 71 -31.16 37.56 17.05
CA MET D 71 -30.09 37.99 16.16
C MET D 71 -30.67 38.94 15.12
N LYS D 72 -30.51 40.23 15.35
CA LYS D 72 -30.99 41.24 14.44
C LYS D 72 -30.11 41.29 13.18
N PRO D 73 -30.70 41.63 12.03
CA PRO D 73 -29.94 41.69 10.78
C PRO D 73 -28.86 42.76 10.72
N GLY D 74 -27.62 42.33 10.85
CA GLY D 74 -26.46 43.19 10.83
C GLY D 74 -25.21 42.34 10.71
N LEU D 75 -24.27 42.48 11.64
CA LEU D 75 -23.03 41.71 11.63
C LEU D 75 -22.73 41.32 13.08
N ASN D 76 -23.41 40.29 13.56
CA ASN D 76 -23.22 39.86 14.94
C ASN D 76 -22.14 38.79 15.04
N ALA D 77 -21.58 38.65 16.24
CA ALA D 77 -20.54 37.65 16.45
C ALA D 77 -20.74 36.87 17.74
N ILE D 78 -20.28 35.63 17.72
CA ILE D 78 -20.37 34.73 18.87
C ILE D 78 -18.95 34.52 19.39
N LEU D 79 -18.59 35.26 20.44
CA LEU D 79 -17.28 35.18 21.06
C LEU D 79 -17.22 34.06 22.10
N GLY D 80 -16.05 33.89 22.71
CA GLY D 80 -15.86 32.88 23.71
C GLY D 80 -14.64 32.02 23.46
N PRO D 81 -14.23 31.26 24.47
CA PRO D 81 -13.07 30.39 24.31
C PRO D 81 -13.42 29.17 23.47
N THR D 82 -12.40 28.38 23.17
CA THR D 82 -12.61 27.19 22.36
C THR D 82 -13.28 26.07 23.13
N GLY D 83 -13.14 26.05 24.45
CA GLY D 83 -13.77 24.99 25.21
C GLY D 83 -15.25 25.12 25.43
N GLY D 84 -15.83 26.27 25.13
CA GLY D 84 -17.25 26.49 25.31
C GLY D 84 -18.07 26.15 24.08
N GLY D 85 -19.20 26.85 23.95
CA GLY D 85 -20.09 26.64 22.82
C GLY D 85 -19.95 27.72 21.77
N LYS D 86 -18.72 28.18 21.55
CA LYS D 86 -18.51 29.20 20.54
C LYS D 86 -18.70 28.64 19.14
N SER D 87 -18.02 27.53 18.85
CA SER D 87 -18.11 26.89 17.54
C SER D 87 -19.21 25.83 17.49
N SER D 88 -20.00 25.70 18.54
CA SER D 88 -21.08 24.73 18.57
C SER D 88 -22.45 25.36 18.52
N LEU D 89 -22.55 26.66 18.79
CA LEU D 89 -23.85 27.32 18.74
C LEU D 89 -24.29 27.51 17.29
N LEU D 90 -23.34 27.78 16.40
CA LEU D 90 -23.68 27.97 15.01
C LEU D 90 -24.10 26.67 14.34
N ASP D 91 -23.66 25.53 14.86
CA ASP D 91 -24.09 24.29 14.24
C ASP D 91 -25.53 24.00 14.61
N VAL D 92 -25.98 24.51 15.75
CA VAL D 92 -27.37 24.29 16.15
C VAL D 92 -28.23 25.45 15.68
N LEU D 93 -27.62 26.56 15.27
CA LEU D 93 -28.40 27.69 14.78
C LEU D 93 -28.92 27.43 13.40
N ALA D 94 -28.22 26.60 12.64
CA ALA D 94 -28.63 26.24 11.28
C ALA D 94 -29.11 24.79 11.30
N ALA D 95 -28.67 23.94 10.40
CA ALA D 95 -29.07 22.54 10.36
C ALA D 95 -27.85 21.66 10.32
N ARG D 96 -26.91 21.89 11.24
CA ARG D 96 -25.69 21.11 11.26
C ARG D 96 -25.60 20.11 12.40
N LYS D 97 -26.62 19.99 13.25
CA LYS D 97 -26.56 19.04 14.35
C LYS D 97 -27.79 18.14 14.29
N ASP D 98 -27.78 17.11 15.12
CA ASP D 98 -28.92 16.20 15.11
C ASP D 98 -30.12 16.83 15.79
N PRO D 99 -31.32 16.65 15.22
CA PRO D 99 -32.51 17.23 15.83
C PRO D 99 -32.86 16.58 17.16
N SER D 100 -32.38 15.36 17.41
CA SER D 100 -32.65 14.67 18.66
C SER D 100 -31.61 14.97 19.73
N GLY D 101 -31.08 16.18 19.74
CA GLY D 101 -30.09 16.55 20.74
C GLY D 101 -30.44 17.85 21.41
N LEU D 102 -31.12 18.73 20.69
CA LEU D 102 -31.53 20.02 21.21
C LEU D 102 -32.97 19.97 21.70
N SER D 103 -33.33 20.95 22.52
CA SER D 103 -34.67 21.04 23.06
C SER D 103 -35.27 22.44 22.97
N GLY D 104 -34.55 23.40 22.41
CA GLY D 104 -35.02 24.75 22.29
C GLY D 104 -35.81 24.97 21.02
N ASP D 105 -35.85 26.22 20.57
CA ASP D 105 -36.58 26.53 19.35
C ASP D 105 -35.97 27.76 18.69
N VAL D 106 -35.63 27.60 17.42
CA VAL D 106 -35.06 28.66 16.60
C VAL D 106 -36.17 29.18 15.70
N LEU D 107 -36.71 30.34 16.04
CA LEU D 107 -37.79 30.96 15.31
C LEU D 107 -37.21 32.00 14.37
N ILE D 108 -37.82 32.11 13.19
CA ILE D 108 -37.43 33.06 12.15
C ILE D 108 -38.65 33.93 11.89
N ASN D 109 -38.60 35.17 12.36
CA ASN D 109 -39.69 36.12 12.22
C ASN D 109 -40.98 35.59 12.82
N GLY D 110 -40.88 34.96 13.99
CA GLY D 110 -42.05 34.41 14.65
C GLY D 110 -42.54 33.11 14.08
N ALA D 111 -41.81 32.52 13.13
CA ALA D 111 -42.14 31.28 12.47
C ALA D 111 -40.96 30.34 12.56
N PRO D 112 -41.19 29.06 12.63
CA PRO D 112 -40.07 28.13 12.71
C PRO D 112 -39.27 28.11 11.42
N ARG D 113 -38.32 27.20 11.34
CA ARG D 113 -37.47 27.12 10.16
C ARG D 113 -38.30 26.65 8.97
N PRO D 114 -38.41 27.45 7.91
CA PRO D 114 -39.21 27.07 6.75
C PRO D 114 -38.47 26.09 5.83
N ALA D 115 -39.12 25.76 4.72
CA ALA D 115 -38.53 24.84 3.77
C ALA D 115 -37.54 25.47 2.81
N ASN D 116 -37.51 26.80 2.70
CA ASN D 116 -36.57 27.46 1.80
C ASN D 116 -35.35 27.92 2.56
N PHE D 117 -35.14 27.39 3.75
CA PHE D 117 -33.98 27.79 4.54
C PHE D 117 -32.69 27.28 3.95
N LYS D 118 -32.72 26.17 3.23
CA LYS D 118 -31.48 25.69 2.63
C LYS D 118 -31.05 26.58 1.48
N CYS D 119 -32.02 27.23 0.84
CA CYS D 119 -31.75 28.14 -0.27
C CYS D 119 -31.70 29.60 0.15
N ASN D 120 -31.88 29.87 1.45
CA ASN D 120 -31.83 31.22 1.99
C ASN D 120 -30.76 31.39 3.05
N SER D 121 -29.86 30.44 3.20
CA SER D 121 -28.82 30.58 4.20
C SER D 121 -27.60 29.83 3.72
N GLY D 122 -26.45 30.47 3.82
CA GLY D 122 -25.25 29.82 3.38
C GLY D 122 -24.27 29.64 4.52
N TYR D 123 -23.71 28.46 4.63
CA TYR D 123 -22.75 28.15 5.68
C TYR D 123 -21.38 28.14 5.04
N VAL D 124 -20.43 28.80 5.67
CA VAL D 124 -19.07 28.87 5.17
C VAL D 124 -18.23 28.02 6.11
N VAL D 125 -17.52 27.06 5.56
CA VAL D 125 -16.71 26.18 6.37
C VAL D 125 -15.40 26.86 6.72
N GLN D 126 -14.86 26.51 7.88
CA GLN D 126 -13.64 27.15 8.35
C GLN D 126 -12.45 26.75 7.48
N ASP D 127 -12.23 25.45 7.30
CA ASP D 127 -11.10 24.99 6.51
C ASP D 127 -11.41 25.16 5.02
N ASP D 128 -10.50 24.68 4.18
CA ASP D 128 -10.68 24.82 2.75
C ASP D 128 -11.79 23.88 2.28
N VAL D 129 -12.49 24.31 1.23
CA VAL D 129 -13.58 23.53 0.65
C VAL D 129 -13.46 23.57 -0.87
N VAL D 130 -13.20 24.77 -1.39
CA VAL D 130 -13.07 24.96 -2.83
C VAL D 130 -11.83 24.24 -3.33
N MET D 131 -11.97 23.56 -4.46
CA MET D 131 -10.86 22.81 -5.04
C MET D 131 -9.80 23.76 -5.58
N GLY D 132 -8.58 23.24 -5.68
CA GLY D 132 -7.47 24.03 -6.17
C GLY D 132 -7.18 23.74 -7.63
N THR D 133 -7.68 22.61 -8.12
CA THR D 133 -7.48 22.21 -9.51
C THR D 133 -8.43 22.91 -10.46
N LEU D 134 -9.38 23.69 -9.95
CA LEU D 134 -10.33 24.41 -10.78
C LEU D 134 -10.17 25.90 -10.58
N THR D 135 -10.61 26.67 -11.57
CA THR D 135 -10.51 28.11 -11.49
C THR D 135 -11.67 28.66 -10.67
N VAL D 136 -11.72 29.97 -10.50
CA VAL D 136 -12.81 30.56 -9.72
C VAL D 136 -14.11 30.53 -10.50
N ARG D 137 -14.06 30.74 -11.81
CA ARG D 137 -15.29 30.71 -12.59
C ARG D 137 -15.85 29.30 -12.65
N GLU D 138 -14.98 28.31 -12.72
CA GLU D 138 -15.47 26.94 -12.78
C GLU D 138 -15.99 26.48 -11.44
N ASN D 139 -15.43 27.01 -10.35
CA ASN D 139 -15.92 26.63 -9.04
C ASN D 139 -17.25 27.30 -8.77
N LEU D 140 -17.42 28.52 -9.24
CA LEU D 140 -18.67 29.19 -9.04
C LEU D 140 -19.75 28.60 -9.94
N GLN D 141 -19.38 28.19 -11.15
CA GLN D 141 -20.36 27.60 -12.04
C GLN D 141 -20.75 26.21 -11.61
N PHE D 142 -19.88 25.50 -10.90
CA PHE D 142 -20.24 24.17 -10.46
C PHE D 142 -21.27 24.23 -9.35
N SER D 143 -21.11 25.16 -8.41
CA SER D 143 -22.11 25.24 -7.37
C SER D 143 -23.35 25.98 -7.84
N ALA D 144 -23.23 26.81 -8.87
CA ALA D 144 -24.38 27.52 -9.38
C ALA D 144 -25.26 26.59 -10.20
N ALA D 145 -24.68 25.54 -10.78
CA ALA D 145 -25.49 24.64 -11.57
C ALA D 145 -26.21 23.60 -10.73
N LEU D 146 -25.81 23.42 -9.48
CA LEU D 146 -26.45 22.47 -8.58
C LEU D 146 -27.35 23.13 -7.56
N ARG D 147 -26.98 24.31 -7.05
CA ARG D 147 -27.80 24.98 -6.05
C ARG D 147 -29.01 25.68 -6.67
N LEU D 148 -28.84 26.33 -7.81
CA LEU D 148 -29.99 27.00 -8.39
C LEU D 148 -30.89 26.00 -9.10
N ALA D 149 -32.08 26.46 -9.45
CA ALA D 149 -33.04 25.59 -10.13
C ALA D 149 -32.63 25.38 -11.58
N THR D 150 -33.24 24.37 -12.19
CA THR D 150 -32.94 24.07 -13.58
C THR D 150 -33.75 24.92 -14.53
N THR D 151 -34.66 25.76 -14.02
CA THR D 151 -35.48 26.59 -14.88
C THR D 151 -34.75 27.84 -15.31
N MET D 152 -33.58 28.09 -14.74
CA MET D 152 -32.77 29.25 -15.08
C MET D 152 -31.83 28.86 -16.21
N THR D 153 -31.75 29.69 -17.24
CA THR D 153 -30.90 29.38 -18.37
C THR D 153 -29.48 29.89 -18.10
N ASN D 154 -28.63 29.87 -19.12
CA ASN D 154 -27.26 30.34 -18.95
C ASN D 154 -27.17 31.84 -18.95
N HIS D 155 -28.24 32.51 -19.37
CA HIS D 155 -28.23 33.96 -19.40
C HIS D 155 -28.33 34.52 -18.00
N GLU D 156 -29.29 34.02 -17.21
CA GLU D 156 -29.40 34.52 -15.85
C GLU D 156 -28.31 33.98 -14.94
N LYS D 157 -27.76 32.81 -15.26
CA LYS D 157 -26.71 32.29 -14.39
C LYS D 157 -25.38 32.95 -14.68
N ASN D 158 -25.15 33.38 -15.91
CA ASN D 158 -23.88 34.04 -16.20
C ASN D 158 -23.86 35.43 -15.59
N GLU D 159 -24.98 36.16 -15.68
CA GLU D 159 -25.01 37.47 -15.08
C GLU D 159 -25.06 37.38 -13.56
N ARG D 160 -25.52 36.24 -13.03
CA ARG D 160 -25.54 36.13 -11.58
C ARG D 160 -24.13 35.84 -11.09
N ILE D 161 -23.38 35.03 -11.84
CA ILE D 161 -22.02 34.74 -11.45
C ILE D 161 -21.17 35.99 -11.63
N ASN D 162 -21.37 36.73 -12.72
CA ASN D 162 -20.57 37.93 -12.89
C ASN D 162 -20.95 38.97 -11.86
N ARG D 163 -22.17 38.91 -11.33
CA ARG D 163 -22.59 39.85 -10.31
C ARG D 163 -21.91 39.53 -8.99
N VAL D 164 -21.85 38.24 -8.65
CA VAL D 164 -21.17 37.89 -7.41
C VAL D 164 -19.69 38.14 -7.57
N ILE D 165 -19.16 38.03 -8.79
CA ILE D 165 -17.75 38.31 -8.99
C ILE D 165 -17.48 39.81 -8.80
N GLN D 166 -18.38 40.65 -9.30
CA GLN D 166 -18.20 42.09 -9.13
C GLN D 166 -18.29 42.52 -7.67
N GLU D 167 -19.17 41.87 -6.90
CA GLU D 167 -19.25 42.22 -5.47
C GLU D 167 -18.13 41.60 -4.66
N LEU D 168 -17.62 40.46 -5.11
CA LEU D 168 -16.53 39.79 -4.43
C LEU D 168 -15.18 40.38 -4.79
N GLY D 169 -15.12 41.21 -5.83
CA GLY D 169 -13.86 41.79 -6.25
C GLY D 169 -12.95 40.81 -6.96
N LEU D 170 -13.53 39.83 -7.66
CA LEU D 170 -12.73 38.84 -8.36
C LEU D 170 -12.77 38.95 -9.87
N ASP D 171 -12.64 40.15 -10.42
CA ASP D 171 -12.66 40.29 -11.88
C ASP D 171 -11.40 39.69 -12.50
N LYS D 172 -10.24 39.99 -11.93
CA LYS D 172 -8.99 39.45 -12.43
C LYS D 172 -8.60 38.13 -11.78
N VAL D 173 -9.42 37.58 -10.91
CA VAL D 173 -9.07 36.33 -10.26
C VAL D 173 -9.89 35.19 -10.85
N ALA D 174 -11.06 35.53 -11.40
CA ALA D 174 -11.94 34.52 -11.98
C ALA D 174 -11.35 33.91 -13.25
N ASP D 175 -10.44 34.63 -13.90
CA ASP D 175 -9.79 34.16 -15.11
C ASP D 175 -8.51 33.40 -14.81
N SER D 176 -8.32 32.97 -13.57
CA SER D 176 -7.12 32.25 -13.17
C SER D 176 -7.47 31.07 -12.29
N LYS D 177 -6.57 30.09 -12.25
CA LYS D 177 -6.82 28.91 -11.44
C LYS D 177 -6.60 29.25 -9.97
N VAL D 178 -7.26 28.49 -9.11
CA VAL D 178 -7.11 28.73 -7.67
C VAL D 178 -5.76 28.23 -7.19
N GLY D 179 -5.43 26.98 -7.49
CA GLY D 179 -4.15 26.44 -7.08
C GLY D 179 -4.25 25.67 -5.76
N THR D 180 -3.26 24.81 -5.56
CA THR D 180 -3.17 23.99 -4.36
C THR D 180 -1.74 24.02 -3.82
N GLN D 181 -1.32 22.95 -3.15
CA GLN D 181 0.04 22.92 -2.61
C GLN D 181 1.07 22.69 -3.70
N PHE D 182 0.65 22.34 -4.92
CA PHE D 182 1.57 22.08 -6.02
C PHE D 182 1.59 23.20 -7.04
N ILE D 183 0.43 23.68 -7.48
CA ILE D 183 0.40 24.75 -8.46
C ILE D 183 0.05 26.04 -7.73
N ARG D 184 0.57 27.16 -8.24
CA ARG D 184 0.31 28.45 -7.65
C ARG D 184 -0.61 29.26 -8.56
N GLY D 185 -1.55 29.98 -7.95
CA GLY D 185 -2.47 30.79 -8.72
C GLY D 185 -3.11 31.90 -7.90
N VAL D 186 -3.87 31.50 -6.90
CA VAL D 186 -4.57 32.41 -6.00
C VAL D 186 -4.04 32.18 -4.59
N SER D 187 -3.63 33.26 -3.93
CA SER D 187 -3.10 33.13 -2.58
C SER D 187 -4.24 32.99 -1.57
N GLY D 188 -3.90 33.00 -0.29
CA GLY D 188 -4.90 32.87 0.75
C GLY D 188 -5.74 34.09 1.00
N GLY D 189 -5.39 35.22 0.37
CA GLY D 189 -6.18 36.42 0.55
C GLY D 189 -7.52 36.34 -0.13
N GLU D 190 -7.58 35.65 -1.27
CA GLU D 190 -8.83 35.50 -1.99
C GLU D 190 -9.37 34.09 -1.93
N ARG D 191 -8.72 33.20 -1.16
CA ARG D 191 -9.24 31.85 -1.06
C ARG D 191 -10.49 31.84 -0.20
N LYS D 192 -10.50 32.63 0.88
CA LYS D 192 -11.68 32.71 1.70
C LYS D 192 -12.74 33.55 1.03
N ARG D 193 -12.34 34.39 0.08
CA ARG D 193 -13.32 35.19 -0.63
C ARG D 193 -14.04 34.32 -1.63
N THR D 194 -13.29 33.47 -2.35
CA THR D 194 -13.94 32.60 -3.31
C THR D 194 -14.64 31.44 -2.62
N SER D 195 -14.33 31.19 -1.34
CA SER D 195 -15.03 30.11 -0.67
C SER D 195 -16.44 30.55 -0.35
N ILE D 196 -16.62 31.82 0.02
CA ILE D 196 -17.96 32.31 0.30
C ILE D 196 -18.69 32.70 -0.98
N GLY D 197 -18.00 32.73 -2.11
CA GLY D 197 -18.72 33.08 -3.33
C GLY D 197 -19.61 31.97 -3.81
N MET D 198 -19.33 30.74 -3.39
CA MET D 198 -20.14 29.60 -3.77
C MET D 198 -21.44 29.54 -2.98
N GLU D 199 -21.59 30.39 -1.96
CA GLU D 199 -22.79 30.45 -1.14
C GLU D 199 -23.64 31.67 -1.43
N LEU D 200 -23.09 32.69 -2.08
CA LEU D 200 -23.84 33.88 -2.41
C LEU D 200 -24.48 33.77 -3.78
N ILE D 201 -24.54 32.55 -4.32
CA ILE D 201 -25.13 32.34 -5.64
C ILE D 201 -26.64 32.36 -5.54
N THR D 202 -27.18 31.76 -4.49
CA THR D 202 -28.63 31.72 -4.34
C THR D 202 -29.17 32.95 -3.64
N ASP D 203 -28.34 33.96 -3.46
CA ASP D 203 -28.71 35.22 -2.83
C ASP D 203 -29.31 34.89 -1.47
N PRO D 204 -28.51 34.55 -0.47
CA PRO D 204 -29.08 34.23 0.84
C PRO D 204 -29.42 35.48 1.61
N SER D 205 -30.16 35.27 2.69
CA SER D 205 -30.58 36.30 3.61
C SER D 205 -29.83 36.20 4.92
N ILE D 206 -29.73 35.00 5.48
CA ILE D 206 -29.03 34.77 6.73
C ILE D 206 -27.77 33.95 6.52
N LEU D 207 -26.67 34.63 6.22
CA LEU D 207 -25.38 34.00 6.01
C LEU D 207 -24.71 33.58 7.31
N PHE D 208 -24.17 32.36 7.33
CA PHE D 208 -23.49 31.82 8.51
C PHE D 208 -22.01 31.62 8.19
N LEU D 209 -21.15 31.87 9.17
CA LEU D 209 -19.72 31.69 8.99
C LEU D 209 -19.12 31.04 10.22
N ASP D 210 -18.09 30.24 10.00
CA ASP D 210 -17.40 29.52 11.08
C ASP D 210 -15.95 29.98 11.14
N GLU D 211 -15.67 30.98 11.99
CA GLU D 211 -14.33 31.53 12.19
C GLU D 211 -13.76 32.00 10.85
N PRO D 212 -14.16 33.17 10.37
CA PRO D 212 -13.66 33.65 9.09
C PRO D 212 -12.28 34.30 9.15
N THR D 213 -11.65 34.39 10.31
CA THR D 213 -10.36 35.03 10.43
C THR D 213 -9.23 34.06 10.76
N THR D 214 -9.53 32.79 10.99
CA THR D 214 -8.49 31.83 11.32
C THR D 214 -7.73 31.45 10.05
N GLY D 215 -6.41 31.57 10.12
CA GLY D 215 -5.54 31.27 8.98
C GLY D 215 -5.16 32.47 8.16
N LEU D 216 -5.49 33.67 8.60
CA LEU D 216 -5.21 34.91 7.92
C LEU D 216 -4.26 35.75 8.77
N ASP D 217 -4.00 36.97 8.32
CA ASP D 217 -3.10 37.89 9.02
C ASP D 217 -3.95 39.04 9.55
N SER D 218 -3.40 40.25 9.50
CA SER D 218 -4.12 41.42 9.96
C SER D 218 -4.66 42.25 8.81
N SER D 219 -3.93 42.30 7.70
CA SER D 219 -4.40 43.05 6.54
C SER D 219 -5.54 42.31 5.86
N THR D 220 -5.41 40.98 5.71
CA THR D 220 -6.47 40.23 5.07
C THR D 220 -7.66 40.05 6.00
N ALA D 221 -7.48 40.23 7.30
CA ALA D 221 -8.63 40.12 8.19
C ALA D 221 -9.52 41.32 8.00
N ASN D 222 -8.91 42.49 7.86
CA ASN D 222 -9.74 43.66 7.64
C ASN D 222 -10.23 43.72 6.21
N ALA D 223 -9.53 43.04 5.29
CA ALA D 223 -9.99 43.05 3.91
C ALA D 223 -11.23 42.17 3.78
N VAL D 224 -11.21 41.00 4.41
CA VAL D 224 -12.37 40.14 4.37
C VAL D 224 -13.49 40.66 5.26
N LEU D 225 -13.18 41.44 6.31
CA LEU D 225 -14.26 41.96 7.14
C LEU D 225 -14.90 43.20 6.57
N LEU D 226 -14.22 43.94 5.69
CA LEU D 226 -14.89 45.08 5.12
C LEU D 226 -15.97 44.61 4.18
N LEU D 227 -15.76 43.48 3.51
CA LEU D 227 -16.80 42.97 2.65
C LEU D 227 -17.97 42.42 3.45
N LEU D 228 -17.70 41.85 4.61
CA LEU D 228 -18.82 41.37 5.42
C LEU D 228 -19.62 42.52 5.96
N LYS D 229 -18.97 43.63 6.30
CA LYS D 229 -19.73 44.79 6.77
C LYS D 229 -20.49 45.44 5.62
N ARG D 230 -19.94 45.34 4.41
CA ARG D 230 -20.62 45.91 3.26
C ARG D 230 -21.88 45.11 2.94
N MET D 231 -21.79 43.79 3.01
CA MET D 231 -22.98 42.98 2.77
C MET D 231 -23.95 43.05 3.94
N SER D 232 -23.46 43.35 5.14
CA SER D 232 -24.32 43.48 6.30
C SER D 232 -25.14 44.75 6.22
N LYS D 233 -24.58 45.80 5.60
CA LYS D 233 -25.33 47.04 5.47
C LYS D 233 -26.50 46.92 4.50
N GLN D 234 -26.45 45.96 3.59
CA GLN D 234 -27.56 45.80 2.65
C GLN D 234 -28.79 45.26 3.36
N GLY D 235 -28.68 44.12 4.00
CA GLY D 235 -29.82 43.56 4.68
C GLY D 235 -29.61 42.10 5.03
N ARG D 236 -28.37 41.68 5.12
CA ARG D 236 -28.05 40.31 5.43
C ARG D 236 -27.75 40.18 6.92
N THR D 237 -28.02 39.00 7.44
CA THR D 237 -27.81 38.68 8.84
C THR D 237 -26.55 37.81 8.89
N ILE D 238 -25.41 38.47 9.04
CA ILE D 238 -24.11 37.82 9.05
C ILE D 238 -23.79 37.40 10.48
N ILE D 239 -23.94 36.10 10.74
CA ILE D 239 -23.68 35.49 12.02
C ILE D 239 -22.45 34.61 11.89
N PHE D 240 -21.51 34.76 12.80
CA PHE D 240 -20.30 33.94 12.76
C PHE D 240 -19.77 33.79 14.17
N SER D 241 -18.66 33.06 14.30
CA SER D 241 -18.04 32.85 15.61
C SER D 241 -16.55 33.12 15.45
N ILE D 242 -16.16 34.35 15.75
CA ILE D 242 -14.76 34.73 15.66
C ILE D 242 -14.01 34.19 16.87
N HIS D 243 -12.69 34.12 16.75
CA HIS D 243 -11.85 33.62 17.82
C HIS D 243 -10.71 34.60 18.05
N GLN D 244 -10.77 35.36 19.15
CA GLN D 244 -9.76 36.33 19.51
C GLN D 244 -9.53 37.35 18.40
N PRO D 245 -10.41 38.32 18.24
CA PRO D 245 -10.26 39.32 17.18
C PRO D 245 -9.36 40.46 17.64
N ARG D 246 -9.59 41.66 17.12
CA ARG D 246 -8.80 42.83 17.51
C ARG D 246 -9.74 44.00 17.66
N TYR D 247 -9.18 45.18 17.97
CA TYR D 247 -10.04 46.34 18.13
C TYR D 247 -10.56 46.85 16.79
N SER D 248 -9.82 46.63 15.71
CA SER D 248 -10.30 47.10 14.42
C SER D 248 -11.42 46.21 13.90
N ILE D 249 -11.58 45.02 14.45
CA ILE D 249 -12.65 44.12 14.04
C ILE D 249 -13.78 44.13 15.06
N PHE D 250 -13.47 44.45 16.33
CA PHE D 250 -14.48 44.49 17.38
C PHE D 250 -15.44 45.67 17.21
N LYS D 251 -14.97 46.75 16.61
CA LYS D 251 -15.80 47.94 16.44
C LYS D 251 -16.83 47.77 15.34
N LEU D 252 -16.63 46.82 14.43
CA LEU D 252 -17.54 46.56 13.33
C LEU D 252 -18.69 45.63 13.69
N PHE D 253 -18.68 45.05 14.88
CA PHE D 253 -19.74 44.13 15.27
C PHE D 253 -20.99 44.88 15.67
N ASP D 254 -22.14 44.39 15.23
CA ASP D 254 -23.40 45.00 15.64
C ASP D 254 -23.88 44.38 16.94
N SER D 255 -23.96 43.06 17.01
CA SER D 255 -24.32 42.36 18.23
C SER D 255 -23.17 41.45 18.64
N LEU D 256 -23.22 41.01 19.89
CA LEU D 256 -22.17 40.19 20.44
C LEU D 256 -22.71 39.27 21.54
N THR D 257 -22.43 37.98 21.39
CA THR D 257 -22.85 36.97 22.34
C THR D 257 -21.60 36.30 22.90
N LEU D 258 -21.44 36.30 24.22
CA LEU D 258 -20.31 35.66 24.88
C LEU D 258 -20.75 34.32 25.43
N LEU D 259 -19.97 33.27 25.17
CA LEU D 259 -20.29 31.95 25.67
C LEU D 259 -19.08 31.33 26.33
N ALA D 260 -19.32 30.60 27.42
CA ALA D 260 -18.25 29.92 28.16
C ALA D 260 -18.82 28.63 28.74
N SER D 261 -18.48 27.50 28.14
CA SER D 261 -18.93 26.18 28.59
C SER D 261 -20.45 26.08 28.66
N GLY D 262 -21.12 26.56 27.62
CA GLY D 262 -22.56 26.49 27.56
C GLY D 262 -23.33 27.44 28.44
N ARG D 263 -22.68 28.46 28.99
CA ARG D 263 -23.37 29.42 29.83
C ARG D 263 -23.37 30.77 29.13
N LEU D 264 -24.54 31.39 29.04
CA LEU D 264 -24.64 32.69 28.38
C LEU D 264 -24.05 33.74 29.31
N MET D 265 -22.91 34.29 28.93
CA MET D 265 -22.31 35.29 29.81
C MET D 265 -22.80 36.69 29.50
N PHE D 266 -22.97 37.04 28.24
CA PHE D 266 -23.45 38.37 27.88
C PHE D 266 -24.01 38.32 26.48
N HIS D 267 -25.11 39.01 26.24
CA HIS D 267 -25.69 39.06 24.90
C HIS D 267 -26.31 40.42 24.66
N GLY D 268 -25.74 41.18 23.74
CA GLY D 268 -26.27 42.50 23.47
C GLY D 268 -25.44 43.22 22.44
N PRO D 269 -25.55 44.53 22.37
CA PRO D 269 -24.75 45.26 21.40
C PRO D 269 -23.28 45.18 21.76
N ALA D 270 -22.44 45.30 20.74
CA ALA D 270 -21.00 45.23 20.95
C ALA D 270 -20.46 46.50 21.55
N GLN D 271 -21.10 47.63 21.31
CA GLN D 271 -20.61 48.88 21.86
C GLN D 271 -20.87 48.96 23.36
N GLU D 272 -21.96 48.35 23.82
CA GLU D 272 -22.29 48.34 25.25
C GLU D 272 -21.72 47.14 25.99
N ALA D 273 -20.83 46.36 25.37
CA ALA D 273 -20.27 45.20 26.07
C ALA D 273 -19.21 45.60 27.09
N LEU D 274 -18.37 46.58 26.76
CA LEU D 274 -17.34 47.05 27.67
C LEU D 274 -17.91 47.90 28.80
N GLY D 275 -19.05 48.54 28.56
CA GLY D 275 -19.66 49.36 29.58
C GLY D 275 -20.46 48.56 30.57
N TYR D 276 -20.89 47.36 30.18
CA TYR D 276 -21.64 46.51 31.09
C TYR D 276 -20.73 45.88 32.12
N PHE D 277 -19.54 45.45 31.70
CA PHE D 277 -18.62 44.82 32.63
C PHE D 277 -17.86 45.84 33.46
N GLU D 278 -17.93 47.12 33.11
CA GLU D 278 -17.23 48.14 33.89
C GLU D 278 -17.95 48.44 35.19
N SER D 279 -19.23 48.09 35.29
CA SER D 279 -20.00 48.34 36.50
C SER D 279 -20.43 47.04 37.17
N ALA D 280 -19.85 45.91 36.77
CA ALA D 280 -20.19 44.63 37.35
C ALA D 280 -19.16 44.17 38.38
N GLY D 281 -18.02 44.84 38.46
CA GLY D 281 -16.98 44.47 39.41
C GLY D 281 -15.59 44.53 38.82
N TYR D 282 -15.51 44.64 37.50
CA TYR D 282 -14.25 44.70 36.78
C TYR D 282 -14.15 45.99 35.99
N HIS D 283 -12.93 46.27 35.53
CA HIS D 283 -12.66 47.46 34.74
C HIS D 283 -11.44 47.19 33.89
N CYS D 284 -11.56 47.45 32.60
CA CYS D 284 -10.44 47.21 31.71
C CYS D 284 -9.38 48.29 31.92
N GLU D 285 -8.15 47.92 31.63
CA GLU D 285 -7.03 48.83 31.79
C GLU D 285 -6.85 49.70 30.55
N ALA D 286 -5.96 50.67 30.67
CA ALA D 286 -5.70 51.57 29.55
C ALA D 286 -4.90 50.87 28.48
N TYR D 287 -5.23 51.14 27.22
CA TYR D 287 -4.56 50.55 26.07
C TYR D 287 -4.63 49.02 26.15
N ASN D 288 -5.86 48.53 26.15
CA ASN D 288 -6.12 47.10 26.21
C ASN D 288 -7.19 46.74 25.20
N ASN D 289 -7.09 45.53 24.66
CA ASN D 289 -8.06 45.08 23.68
C ASN D 289 -9.40 44.85 24.37
N PRO D 290 -10.50 45.41 23.85
CA PRO D 290 -11.79 45.18 24.49
C PRO D 290 -12.22 43.73 24.40
N ALA D 291 -11.87 43.05 23.33
CA ALA D 291 -12.24 41.65 23.19
C ALA D 291 -11.42 40.77 24.12
N ASP D 292 -10.18 41.15 24.41
CA ASP D 292 -9.37 40.35 25.32
C ASP D 292 -9.76 40.54 26.77
N PHE D 293 -10.46 41.61 27.11
CA PHE D 293 -10.83 41.78 28.51
C PHE D 293 -11.96 40.83 28.88
N PHE D 294 -12.84 40.55 27.94
CA PHE D 294 -13.94 39.63 28.23
C PHE D 294 -13.41 38.22 28.36
N LEU D 295 -12.39 37.88 27.57
CA LEU D 295 -11.82 36.56 27.68
C LEU D 295 -10.95 36.44 28.92
N ASP D 296 -10.47 37.57 29.43
CA ASP D 296 -9.66 37.53 30.64
C ASP D 296 -10.53 37.46 31.88
N ILE D 297 -11.78 37.93 31.80
CA ILE D 297 -12.66 37.86 32.96
C ILE D 297 -13.05 36.41 33.25
N ILE D 298 -13.37 35.64 32.22
CA ILE D 298 -13.73 34.24 32.43
C ILE D 298 -12.54 33.37 32.81
N ASN D 299 -11.32 33.88 32.64
CA ASN D 299 -10.13 33.11 33.00
C ASN D 299 -9.58 33.47 34.36
N GLY D 300 -9.73 34.73 34.79
CA GLY D 300 -9.23 35.13 36.09
C GLY D 300 -8.65 36.53 36.11
N ASP D 301 -9.29 37.47 35.43
CA ASP D 301 -8.85 38.86 35.37
C ASP D 301 -7.42 38.97 34.87
N LEU D 328 -15.67 31.15 39.11
CA LEU D 328 -15.40 31.87 37.87
C LEU D 328 -16.58 31.79 36.93
N ILE D 329 -16.94 30.56 36.53
CA ILE D 329 -18.08 30.37 35.63
C ILE D 329 -19.39 30.30 36.38
N GLU D 330 -19.36 30.11 37.68
CA GLU D 330 -20.56 30.04 38.48
C GLU D 330 -21.03 31.40 38.98
N LYS D 331 -20.19 32.43 38.90
CA LYS D 331 -20.65 33.72 39.38
C LYS D 331 -21.04 34.66 38.26
N LEU D 332 -20.50 34.45 37.04
CA LEU D 332 -20.86 35.33 35.95
C LEU D 332 -22.16 34.91 35.30
N ALA D 333 -22.56 33.64 35.45
CA ALA D 333 -23.80 33.21 34.87
C ALA D 333 -24.97 33.74 35.69
N GLU D 334 -24.74 34.02 36.97
CA GLU D 334 -25.77 34.55 37.86
C GLU D 334 -25.75 36.07 37.93
N ILE D 335 -25.00 36.72 37.04
CA ILE D 335 -24.93 38.17 36.99
C ILE D 335 -25.73 38.70 35.82
N TYR D 336 -25.55 38.09 34.65
CA TYR D 336 -26.25 38.50 33.45
C TYR D 336 -27.73 38.16 33.50
N VAL D 337 -28.13 37.18 34.32
CA VAL D 337 -29.53 36.81 34.39
C VAL D 337 -30.37 37.87 35.06
N ASN D 338 -29.75 38.74 35.84
CA ASN D 338 -30.45 39.82 36.52
C ASN D 338 -29.67 41.09 36.26
N SER D 339 -29.74 41.57 35.02
CA SER D 339 -29.03 42.77 34.64
C SER D 339 -29.98 43.62 33.79
N SER D 340 -29.42 44.57 33.06
CA SER D 340 -30.19 45.44 32.19
C SER D 340 -30.24 44.91 30.78
N PHE D 341 -29.73 43.70 30.54
CA PHE D 341 -29.73 43.12 29.22
C PHE D 341 -30.51 41.82 29.14
N TYR D 342 -30.90 41.24 30.27
CA TYR D 342 -31.67 40.01 30.25
C TYR D 342 -33.17 40.26 30.25
N LYS D 343 -33.62 41.30 30.92
CA LYS D 343 -35.05 41.56 30.93
C LYS D 343 -35.54 42.07 29.58
N GLU D 344 -34.70 42.76 28.82
CA GLU D 344 -35.14 43.23 27.52
C GLU D 344 -35.19 42.08 26.53
N THR D 345 -34.23 41.17 26.62
CA THR D 345 -34.23 40.05 25.72
C THR D 345 -35.34 39.08 26.10
N LYS D 346 -35.60 38.90 27.39
CA LYS D 346 -36.69 37.99 27.75
C LYS D 346 -38.03 38.61 27.40
N ALA D 347 -38.11 39.94 27.38
CA ALA D 347 -39.36 40.58 27.01
C ALA D 347 -39.60 40.46 25.52
N GLU D 348 -38.54 40.47 24.72
CA GLU D 348 -38.77 40.31 23.30
C GLU D 348 -38.83 38.86 22.88
N LEU D 349 -38.24 37.97 23.67
CA LEU D 349 -38.27 36.55 23.35
C LEU D 349 -39.62 35.94 23.69
N HIS D 350 -40.20 36.34 24.82
CA HIS D 350 -41.50 35.77 25.14
C HIS D 350 -42.58 36.40 24.28
N GLN D 351 -42.31 37.57 23.73
CA GLN D 351 -43.28 38.23 22.87
C GLN D 351 -43.24 37.65 21.47
N LEU D 352 -42.04 37.42 20.93
CA LEU D 352 -41.90 36.85 19.60
C LEU D 352 -42.14 35.35 19.58
N SER D 353 -41.98 34.67 20.71
CA SER D 353 -42.17 33.23 20.78
C SER D 353 -43.50 32.83 21.42
N GLY D 354 -44.24 33.78 21.98
CA GLY D 354 -45.51 33.47 22.60
C GLY D 354 -46.49 34.62 22.46
N TYR D 369 -34.11 16.56 -5.39
CA TYR D 369 -34.20 17.70 -4.48
C TYR D 369 -34.50 18.93 -5.32
N THR D 370 -33.44 19.57 -5.78
CA THR D 370 -33.51 20.77 -6.63
C THR D 370 -33.43 20.43 -8.10
N THR D 371 -32.40 19.70 -8.51
CA THR D 371 -32.22 19.31 -9.89
C THR D 371 -32.61 17.84 -10.10
N SER D 372 -32.32 17.32 -11.29
CA SER D 372 -32.63 15.95 -11.62
C SER D 372 -31.42 15.06 -11.37
N PHE D 373 -31.57 13.76 -11.64
CA PHE D 373 -30.46 12.85 -11.43
C PHE D 373 -29.42 12.96 -12.54
N CYS D 374 -29.83 13.30 -13.75
CA CYS D 374 -28.89 13.41 -14.85
C CYS D 374 -28.03 14.65 -14.70
N HIS D 375 -28.60 15.73 -14.16
CA HIS D 375 -27.82 16.94 -14.00
C HIS D 375 -26.84 16.81 -12.86
N GLN D 376 -27.18 16.00 -11.86
CA GLN D 376 -26.23 15.85 -10.76
C GLN D 376 -25.13 14.90 -11.16
N LEU D 377 -25.48 13.86 -11.92
CA LEU D 377 -24.46 12.91 -12.34
C LEU D 377 -23.59 13.50 -13.42
N ARG D 378 -24.03 14.58 -14.06
CA ARG D 378 -23.19 15.17 -15.08
C ARG D 378 -22.24 16.17 -14.47
N TRP D 379 -22.74 17.05 -13.60
CA TRP D 379 -21.85 18.05 -13.03
C TRP D 379 -20.89 17.48 -11.99
N VAL D 380 -21.28 16.42 -11.27
CA VAL D 380 -20.36 15.85 -10.30
C VAL D 380 -19.23 15.13 -11.01
N SER D 381 -19.55 14.33 -12.01
CA SER D 381 -18.51 13.64 -12.75
C SER D 381 -17.67 14.61 -13.55
N LYS D 382 -18.23 15.78 -13.89
CA LYS D 382 -17.44 16.75 -14.63
C LYS D 382 -16.41 17.40 -13.73
N ARG D 383 -16.82 17.76 -12.51
CA ARG D 383 -15.85 18.36 -11.61
C ARG D 383 -14.81 17.36 -11.15
N SER D 384 -15.20 16.09 -10.99
CA SER D 384 -14.21 15.11 -10.58
C SER D 384 -13.25 14.78 -11.71
N PHE D 385 -13.71 14.83 -12.95
CA PHE D 385 -12.82 14.55 -14.07
C PHE D 385 -11.89 15.72 -14.32
N LYS D 386 -12.36 16.95 -14.10
CA LYS D 386 -11.48 18.08 -14.28
C LYS D 386 -10.47 18.13 -13.16
N ASN D 387 -10.83 17.63 -11.98
CA ASN D 387 -9.87 17.59 -10.89
C ASN D 387 -8.82 16.52 -11.14
N LEU D 388 -9.22 15.38 -11.71
CA LEU D 388 -8.27 14.30 -12.00
C LEU D 388 -7.38 14.62 -13.18
N LEU D 389 -7.87 15.40 -14.15
CA LEU D 389 -7.04 15.74 -15.30
C LEU D 389 -5.97 16.76 -14.92
N GLY D 390 -6.29 17.70 -14.05
CA GLY D 390 -5.35 18.71 -13.62
C GLY D 390 -4.43 18.32 -12.48
N ASN D 391 -4.33 17.02 -12.15
CA ASN D 391 -3.47 16.55 -11.07
C ASN D 391 -2.44 15.59 -11.66
N PRO D 392 -1.34 16.12 -12.20
CA PRO D 392 -0.33 15.25 -12.84
C PRO D 392 0.51 14.46 -11.87
N GLN D 393 0.52 14.81 -10.58
CA GLN D 393 1.32 14.10 -9.60
C GLN D 393 0.77 12.74 -9.24
N ALA D 394 -0.46 12.42 -9.63
CA ALA D 394 -1.05 11.13 -9.31
C ALA D 394 -1.62 10.39 -10.51
N SER D 395 -1.99 11.07 -11.59
CA SER D 395 -2.53 10.35 -12.74
C SER D 395 -1.45 9.92 -13.72
N ILE D 396 -0.58 10.85 -14.14
CA ILE D 396 0.47 10.47 -15.08
C ILE D 396 1.55 9.65 -14.39
N ALA D 397 1.79 9.87 -13.10
CA ALA D 397 2.80 9.09 -12.42
C ALA D 397 2.39 7.63 -12.30
N GLN D 398 1.07 7.39 -12.28
CA GLN D 398 0.59 6.02 -12.22
C GLN D 398 0.82 5.30 -13.54
N ILE D 399 0.89 6.06 -14.63
CA ILE D 399 1.13 5.44 -15.93
C ILE D 399 2.62 5.24 -16.14
N ILE D 400 3.45 6.17 -15.65
CA ILE D 400 4.89 5.96 -15.82
C ILE D 400 5.35 4.82 -14.93
N VAL D 401 4.76 4.67 -13.75
CA VAL D 401 5.17 3.58 -12.87
C VAL D 401 4.72 2.23 -13.41
N THR D 402 3.80 2.21 -14.37
CA THR D 402 3.39 0.95 -14.95
C THR D 402 4.10 0.67 -16.26
N VAL D 403 4.50 1.73 -16.97
CA VAL D 403 5.24 1.54 -18.20
C VAL D 403 6.66 1.08 -17.89
N VAL D 404 7.30 1.73 -16.92
CA VAL D 404 8.65 1.30 -16.59
C VAL D 404 8.60 -0.03 -15.86
N LEU D 405 7.45 -0.42 -15.33
CA LEU D 405 7.37 -1.72 -14.68
C LEU D 405 7.20 -2.82 -15.71
N GLY D 406 6.34 -2.60 -16.70
CA GLY D 406 6.17 -3.62 -17.72
C GLY D 406 7.36 -3.75 -18.64
N LEU D 407 8.14 -2.68 -18.80
CA LEU D 407 9.31 -2.81 -19.66
C LEU D 407 10.38 -3.64 -18.97
N VAL D 408 10.54 -3.45 -17.66
CA VAL D 408 11.54 -4.23 -16.96
C VAL D 408 11.02 -5.63 -16.69
N ILE D 409 9.71 -5.86 -16.81
CA ILE D 409 9.23 -7.22 -16.63
C ILE D 409 9.42 -7.99 -17.91
N GLY D 410 9.08 -7.38 -19.05
CA GLY D 410 9.28 -8.07 -20.30
C GLY D 410 10.74 -8.26 -20.64
N ALA D 411 11.61 -7.41 -20.10
CA ALA D 411 13.04 -7.59 -20.37
C ALA D 411 13.63 -8.75 -19.59
N ILE D 412 13.10 -9.06 -18.40
CA ILE D 412 13.62 -10.18 -17.62
C ILE D 412 13.11 -11.51 -18.14
N TYR D 413 11.80 -11.59 -18.37
CA TYR D 413 11.17 -12.81 -18.87
C TYR D 413 11.25 -12.94 -20.37
N PHE D 414 12.11 -12.19 -21.03
CA PHE D 414 12.21 -12.26 -22.48
C PHE D 414 12.75 -13.61 -22.87
N GLY D 415 11.93 -14.43 -23.52
CA GLY D 415 12.38 -15.74 -23.90
C GLY D 415 11.81 -16.88 -23.08
N LEU D 416 10.49 -16.97 -23.03
CA LEU D 416 9.82 -18.02 -22.27
C LEU D 416 9.89 -19.31 -23.08
N LYS D 417 10.96 -20.07 -22.87
CA LYS D 417 11.13 -21.30 -23.59
C LYS D 417 10.24 -22.37 -23.00
N ASN D 418 10.19 -23.52 -23.68
CA ASN D 418 9.37 -24.65 -23.28
C ASN D 418 10.29 -25.78 -22.84
N ASP D 419 10.78 -25.68 -21.62
CA ASP D 419 11.66 -26.71 -21.08
C ASP D 419 11.26 -26.97 -19.65
N SER D 420 12.21 -27.39 -18.84
CA SER D 420 11.92 -27.66 -17.44
C SER D 420 11.70 -26.36 -16.68
N THR D 421 12.41 -25.30 -17.08
CA THR D 421 12.29 -23.99 -16.46
C THR D 421 11.16 -23.15 -17.01
N GLY D 422 10.38 -23.65 -17.98
CA GLY D 422 9.30 -22.84 -18.49
C GLY D 422 8.12 -22.74 -17.55
N ILE D 423 7.89 -23.75 -16.72
CA ILE D 423 6.78 -23.70 -15.78
C ILE D 423 7.03 -22.72 -14.65
N GLN D 424 8.28 -22.56 -14.24
CA GLN D 424 8.56 -21.62 -13.16
C GLN D 424 8.49 -20.19 -13.65
N ASN D 425 8.84 -19.97 -14.90
CA ASN D 425 8.82 -18.63 -15.44
C ASN D 425 7.39 -18.23 -15.78
N ARG D 426 6.60 -19.19 -16.23
CA ARG D 426 5.22 -18.88 -16.59
C ARG D 426 4.39 -18.64 -15.34
N ALA D 427 4.60 -19.44 -14.29
CA ALA D 427 3.82 -19.19 -13.10
C ALA D 427 4.30 -17.99 -12.32
N GLY D 428 5.56 -17.60 -12.49
CA GLY D 428 5.99 -16.44 -11.75
C GLY D 428 5.56 -15.17 -12.45
N VAL D 429 5.58 -15.17 -13.77
CA VAL D 429 5.15 -13.94 -14.44
C VAL D 429 3.65 -13.81 -14.36
N LEU D 430 2.93 -14.92 -14.21
CA LEU D 430 1.49 -14.75 -14.10
C LEU D 430 1.10 -14.39 -12.68
N PHE D 431 1.85 -14.85 -11.69
CA PHE D 431 1.52 -14.49 -10.32
C PHE D 431 1.89 -13.05 -10.00
N PHE D 432 2.96 -12.54 -10.62
CA PHE D 432 3.33 -11.15 -10.34
C PHE D 432 2.37 -10.14 -10.95
N LEU D 433 1.70 -10.48 -12.04
CA LEU D 433 0.76 -9.53 -12.62
C LEU D 433 -0.47 -9.36 -11.75
N THR D 434 -0.93 -10.45 -11.13
CA THR D 434 -2.09 -10.36 -10.27
C THR D 434 -1.72 -9.78 -8.92
N THR D 435 -0.47 -9.99 -8.50
CA THR D 435 -0.10 -9.42 -7.20
C THR D 435 0.11 -7.93 -7.36
N ASN D 436 0.66 -7.49 -8.49
CA ASN D 436 0.86 -6.05 -8.66
C ASN D 436 -0.48 -5.36 -8.88
N GLN D 437 -1.41 -6.02 -9.57
CA GLN D 437 -2.71 -5.39 -9.78
C GLN D 437 -3.50 -5.36 -8.48
N CYS D 438 -3.27 -6.32 -7.59
CA CYS D 438 -4.01 -6.29 -6.34
C CYS D 438 -3.35 -5.35 -5.33
N PHE D 439 -2.03 -5.22 -5.35
CA PHE D 439 -1.39 -4.33 -4.42
C PHE D 439 -1.35 -2.88 -4.89
N SER D 440 -1.74 -2.60 -6.13
CA SER D 440 -1.73 -1.21 -6.57
C SER D 440 -3.05 -0.51 -6.26
N SER D 441 -4.00 -1.20 -5.64
CA SER D 441 -5.27 -0.60 -5.29
C SER D 441 -5.24 0.16 -3.98
N VAL D 442 -4.08 0.21 -3.31
CA VAL D 442 -3.98 0.97 -2.07
C VAL D 442 -4.04 2.46 -2.37
N SER D 443 -3.59 2.86 -3.55
CA SER D 443 -3.65 4.26 -3.94
C SER D 443 -5.07 4.71 -4.21
N ALA D 444 -5.97 3.78 -4.51
CA ALA D 444 -7.36 4.11 -4.75
C ALA D 444 -8.13 4.30 -3.46
N VAL D 445 -7.49 4.09 -2.31
CA VAL D 445 -8.19 4.29 -1.05
C VAL D 445 -8.45 5.78 -0.84
N GLU D 446 -7.49 6.63 -1.20
CA GLU D 446 -7.62 8.08 -1.07
C GLU D 446 -8.59 8.61 -2.12
N LEU D 447 -9.88 8.31 -1.96
CA LEU D 447 -10.88 8.78 -2.90
C LEU D 447 -12.04 9.39 -2.16
N PHE D 448 -12.54 8.69 -1.15
CA PHE D 448 -13.62 9.16 -0.30
C PHE D 448 -13.13 9.69 1.03
N VAL D 449 -11.90 9.37 1.42
CA VAL D 449 -11.36 9.85 2.69
C VAL D 449 -10.77 11.25 2.58
N VAL D 450 -10.19 11.61 1.44
CA VAL D 450 -9.63 12.95 1.31
C VAL D 450 -10.70 13.99 0.99
N GLU D 451 -11.85 13.58 0.50
CA GLU D 451 -12.94 14.49 0.18
C GLU D 451 -14.15 14.25 1.07
N LYS D 452 -13.91 13.80 2.31
CA LYS D 452 -15.02 13.55 3.21
C LYS D 452 -15.65 14.84 3.70
N LYS D 453 -14.84 15.86 3.97
CA LYS D 453 -15.42 17.11 4.44
C LYS D 453 -16.23 17.79 3.36
N LEU D 454 -15.86 17.57 2.09
CA LEU D 454 -16.62 18.19 1.03
C LEU D 454 -17.92 17.44 0.80
N PHE D 455 -17.90 16.13 0.99
CA PHE D 455 -19.13 15.38 0.78
C PHE D 455 -20.11 15.64 1.91
N ILE D 456 -19.62 15.69 3.14
CA ILE D 456 -20.55 15.95 4.25
C ILE D 456 -20.95 17.41 4.28
N HIS D 457 -20.26 18.29 3.55
CA HIS D 457 -20.67 19.68 3.57
C HIS D 457 -21.64 19.99 2.45
N GLU D 458 -21.43 19.43 1.27
CA GLU D 458 -22.32 19.72 0.17
C GLU D 458 -23.60 18.90 0.22
N TYR D 459 -23.56 17.74 0.87
CA TYR D 459 -24.75 16.91 0.94
C TYR D 459 -25.81 17.49 1.86
N ILE D 460 -25.40 18.08 2.98
CA ILE D 460 -26.33 18.66 3.93
C ILE D 460 -26.65 20.09 3.55
N SER D 461 -26.15 20.53 2.41
CA SER D 461 -26.41 21.88 1.94
C SER D 461 -27.44 21.93 0.82
N GLY D 462 -27.62 20.85 0.09
CA GLY D 462 -28.59 20.85 -0.97
C GLY D 462 -27.94 20.82 -2.33
N TYR D 463 -27.04 19.87 -2.55
CA TYR D 463 -26.33 19.73 -3.81
C TYR D 463 -26.74 18.48 -4.56
N TYR D 464 -26.54 17.31 -3.96
CA TYR D 464 -26.90 16.09 -4.65
C TYR D 464 -27.30 15.07 -3.59
N ARG D 465 -27.35 13.82 -3.99
CA ARG D 465 -27.71 12.75 -3.08
C ARG D 465 -26.49 11.88 -2.86
N VAL D 466 -26.69 10.75 -2.22
CA VAL D 466 -25.55 9.89 -1.98
C VAL D 466 -25.30 9.02 -3.20
N SER D 467 -26.35 8.64 -3.92
CA SER D 467 -26.14 7.81 -5.08
C SER D 467 -25.57 8.61 -6.24
N SER D 468 -25.87 9.91 -6.31
CA SER D 468 -25.32 10.68 -7.41
C SER D 468 -23.86 11.00 -7.15
N TYR D 469 -23.47 11.18 -5.89
CA TYR D 469 -22.08 11.45 -5.59
C TYR D 469 -21.25 10.19 -5.68
N PHE D 470 -21.87 9.06 -5.34
CA PHE D 470 -21.16 7.79 -5.40
C PHE D 470 -20.98 7.35 -6.83
N LEU D 471 -21.93 7.67 -7.70
CA LEU D 471 -21.77 7.27 -9.09
C LEU D 471 -20.95 8.26 -9.87
N GLY D 472 -20.95 9.53 -9.47
CA GLY D 472 -20.17 10.51 -10.18
C GLY D 472 -18.71 10.39 -9.86
N LYS D 473 -18.35 10.07 -8.61
CA LYS D 473 -16.93 9.95 -8.33
C LYS D 473 -16.38 8.63 -8.86
N LEU D 474 -17.24 7.62 -8.94
CA LEU D 474 -16.84 6.30 -9.42
C LEU D 474 -16.68 6.30 -10.94
N LEU D 475 -17.55 7.01 -11.66
CA LEU D 475 -17.45 7.02 -13.12
C LEU D 475 -16.29 7.86 -13.61
N SER D 476 -15.71 8.70 -12.74
CA SER D 476 -14.61 9.56 -13.11
C SER D 476 -13.28 9.17 -12.49
N ASP D 477 -13.26 8.25 -11.55
CA ASP D 477 -11.96 7.91 -10.98
C ASP D 477 -11.60 6.44 -11.12
N LEU D 478 -12.55 5.52 -10.98
CA LEU D 478 -12.27 4.10 -11.10
C LEU D 478 -12.36 3.58 -12.52
N LEU D 479 -12.54 4.43 -13.50
CA LEU D 479 -12.61 3.95 -14.87
C LEU D 479 -11.36 4.29 -15.68
N PRO D 480 -10.89 5.54 -15.72
CA PRO D 480 -9.70 5.83 -16.51
C PRO D 480 -8.38 5.58 -15.80
N MET D 481 -8.39 5.34 -14.50
CA MET D 481 -7.16 5.08 -13.75
C MET D 481 -7.01 3.63 -13.32
N ARG D 482 -8.07 2.84 -13.45
CA ARG D 482 -8.00 1.43 -13.10
C ARG D 482 -7.93 0.56 -14.34
N MET D 483 -8.48 1.01 -15.45
CA MET D 483 -8.43 0.28 -16.71
C MET D 483 -7.23 0.66 -17.56
N LEU D 484 -6.63 1.84 -17.33
CA LEU D 484 -5.47 2.23 -18.12
C LEU D 484 -4.21 1.46 -17.77
N PRO D 485 -3.81 1.30 -16.50
CA PRO D 485 -2.61 0.51 -16.23
C PRO D 485 -2.81 -0.96 -16.45
N SER D 486 -4.02 -1.41 -16.72
CA SER D 486 -4.23 -2.82 -16.97
C SER D 486 -4.04 -3.16 -18.44
N ILE D 487 -4.46 -2.26 -19.34
CA ILE D 487 -4.32 -2.54 -20.76
C ILE D 487 -2.89 -2.29 -21.23
N ILE D 488 -2.21 -1.28 -20.67
CA ILE D 488 -0.84 -1.03 -21.08
C ILE D 488 0.12 -2.03 -20.45
N PHE D 489 -0.33 -2.80 -19.48
CA PHE D 489 0.49 -3.80 -18.82
C PHE D 489 0.43 -5.15 -19.50
N THR D 490 -0.52 -5.36 -20.40
CA THR D 490 -0.66 -6.62 -21.10
C THR D 490 -0.37 -6.50 -22.58
N CYS D 491 -0.40 -5.28 -23.12
CA CYS D 491 -0.12 -5.11 -24.52
C CYS D 491 1.37 -5.04 -24.79
N ILE D 492 2.19 -4.97 -23.74
CA ILE D 492 3.63 -4.92 -23.90
C ILE D 492 4.29 -6.24 -23.56
N VAL D 493 3.91 -6.84 -22.42
CA VAL D 493 4.53 -8.10 -22.02
C VAL D 493 3.99 -9.31 -22.76
N TYR D 494 2.97 -9.16 -23.59
CA TYR D 494 2.45 -10.32 -24.28
C TYR D 494 3.29 -10.67 -25.49
N PHE D 495 3.53 -9.71 -26.35
CA PHE D 495 4.32 -9.95 -27.56
C PHE D 495 5.80 -9.95 -27.25
N MET D 496 6.17 -9.57 -26.03
CA MET D 496 7.55 -9.53 -25.58
C MET D 496 7.93 -10.85 -24.93
N LEU D 497 7.01 -11.44 -24.18
CA LEU D 497 7.33 -12.71 -23.54
C LEU D 497 7.08 -13.83 -24.53
N GLY D 498 5.85 -13.94 -25.02
CA GLY D 498 5.50 -14.97 -25.96
C GLY D 498 4.69 -16.01 -25.23
N LEU D 499 3.57 -15.59 -24.65
CA LEU D 499 2.74 -16.52 -23.92
C LEU D 499 1.99 -17.46 -24.85
N LYS D 500 0.87 -17.02 -25.40
CA LYS D 500 0.08 -17.84 -26.30
C LYS D 500 -0.28 -17.00 -27.52
N PRO D 501 0.28 -17.28 -28.69
CA PRO D 501 -0.06 -16.48 -29.87
C PRO D 501 -1.46 -16.74 -30.37
N LYS D 502 -2.45 -16.20 -29.68
CA LYS D 502 -3.85 -16.35 -30.02
C LYS D 502 -4.53 -14.99 -29.92
N ALA D 503 -5.58 -14.81 -30.72
CA ALA D 503 -6.28 -13.54 -30.68
C ALA D 503 -7.19 -13.45 -29.46
N ASP D 504 -7.85 -14.54 -29.11
CA ASP D 504 -8.74 -14.52 -27.95
C ASP D 504 -7.99 -14.59 -26.63
N ALA D 505 -6.80 -15.21 -26.64
CA ALA D 505 -6.06 -15.29 -25.39
C ALA D 505 -5.51 -13.95 -24.99
N PHE D 506 -5.31 -13.06 -25.96
CA PHE D 506 -4.82 -11.73 -25.61
C PHE D 506 -5.90 -10.91 -24.96
N PHE D 507 -7.15 -11.09 -25.36
CA PHE D 507 -8.23 -10.34 -24.76
C PHE D 507 -8.71 -10.98 -23.47
N VAL D 508 -8.41 -12.26 -23.26
CA VAL D 508 -8.84 -12.91 -22.04
C VAL D 508 -8.02 -12.41 -20.86
N MET D 509 -6.69 -12.40 -20.99
CA MET D 509 -5.92 -11.91 -19.86
C MET D 509 -6.07 -10.41 -19.68
N MET D 510 -6.44 -9.69 -20.74
CA MET D 510 -6.66 -8.26 -20.58
C MET D 510 -7.94 -8.01 -19.80
N PHE D 511 -8.98 -8.81 -20.07
CA PHE D 511 -10.20 -8.66 -19.29
C PHE D 511 -10.04 -9.22 -17.90
N THR D 512 -9.18 -10.21 -17.71
CA THR D 512 -8.95 -10.72 -16.38
C THR D 512 -8.21 -9.71 -15.52
N LEU D 513 -7.20 -9.05 -16.08
CA LEU D 513 -6.52 -8.02 -15.30
C LEU D 513 -7.42 -6.83 -15.05
N MET D 514 -8.36 -6.57 -15.96
CA MET D 514 -9.27 -5.46 -15.70
C MET D 514 -10.25 -5.81 -14.58
N MET D 515 -10.66 -7.07 -14.51
CA MET D 515 -11.56 -7.44 -13.44
C MET D 515 -10.82 -7.57 -12.12
N VAL D 516 -9.54 -7.89 -12.16
CA VAL D 516 -8.77 -7.97 -10.91
C VAL D 516 -8.57 -6.58 -10.34
N ALA D 517 -8.18 -5.62 -11.18
CA ALA D 517 -8.00 -4.27 -10.65
C ALA D 517 -9.32 -3.64 -10.27
N TYR D 518 -10.42 -4.05 -10.89
CA TYR D 518 -11.70 -3.46 -10.50
C TYR D 518 -12.17 -4.05 -9.19
N SER D 519 -11.97 -5.34 -8.98
CA SER D 519 -12.40 -5.94 -7.73
C SER D 519 -11.51 -5.51 -6.57
N ALA D 520 -10.23 -5.28 -6.83
CA ALA D 520 -9.38 -4.83 -5.73
C ALA D 520 -9.68 -3.39 -5.37
N SER D 521 -10.00 -2.55 -6.35
CA SER D 521 -10.33 -1.18 -5.98
C SER D 521 -11.71 -1.12 -5.34
N SER D 522 -12.61 -2.03 -5.74
CA SER D 522 -13.92 -2.04 -5.13
C SER D 522 -13.82 -2.53 -3.70
N MET D 523 -12.88 -3.43 -3.43
CA MET D 523 -12.71 -3.85 -2.04
C MET D 523 -12.04 -2.74 -1.26
N ALA D 524 -11.27 -1.90 -1.94
CA ALA D 524 -10.64 -0.79 -1.24
C ALA D 524 -11.65 0.27 -0.87
N LEU D 525 -12.70 0.43 -1.68
CA LEU D 525 -13.74 1.40 -1.38
C LEU D 525 -14.72 0.94 -0.32
N ALA D 526 -14.76 -0.35 -0.03
CA ALA D 526 -15.67 -0.85 0.98
C ALA D 526 -15.11 -0.75 2.38
N ILE D 527 -13.86 -0.36 2.53
CA ILE D 527 -13.22 -0.23 3.82
C ILE D 527 -13.03 1.24 4.20
N ALA D 528 -12.53 2.04 3.27
CA ALA D 528 -12.29 3.46 3.56
C ALA D 528 -13.54 4.32 3.47
N ALA D 529 -14.70 3.77 3.18
CA ALA D 529 -15.89 4.60 3.12
C ALA D 529 -16.32 5.01 4.52
N GLY D 530 -16.42 6.31 4.76
CA GLY D 530 -16.82 6.85 6.04
C GLY D 530 -15.69 7.20 6.98
N GLN D 531 -14.57 6.51 6.92
CA GLN D 531 -13.45 6.81 7.79
C GLN D 531 -12.72 8.05 7.32
N SER D 532 -11.79 8.52 8.15
CA SER D 532 -11.02 9.71 7.81
C SER D 532 -9.53 9.43 7.95
N VAL D 533 -9.15 8.56 8.87
CA VAL D 533 -7.74 8.23 9.06
C VAL D 533 -7.34 7.29 7.94
N VAL D 534 -6.35 7.70 7.15
CA VAL D 534 -5.90 6.85 6.05
C VAL D 534 -4.92 5.78 6.49
N SER D 535 -4.46 5.82 7.74
CA SER D 535 -3.51 4.81 8.19
C SER D 535 -4.19 3.51 8.61
N VAL D 536 -5.45 3.56 9.01
CA VAL D 536 -6.10 2.33 9.43
C VAL D 536 -6.62 1.57 8.23
N ALA D 537 -7.14 2.29 7.23
CA ALA D 537 -7.65 1.61 6.06
C ALA D 537 -6.51 1.00 5.28
N THR D 538 -5.34 1.61 5.34
CA THR D 538 -4.20 1.07 4.61
C THR D 538 -3.55 -0.05 5.38
N LEU D 539 -3.57 -0.01 6.71
CA LEU D 539 -2.96 -1.11 7.44
C LEU D 539 -3.84 -2.34 7.34
N LEU D 540 -5.17 -2.15 7.38
CA LEU D 540 -6.04 -3.31 7.28
C LEU D 540 -6.07 -3.84 5.86
N MET D 541 -5.87 -2.97 4.86
CA MET D 541 -5.87 -3.47 3.50
C MET D 541 -4.59 -4.20 3.17
N THR D 542 -3.45 -3.73 3.70
CA THR D 542 -2.23 -4.48 3.40
C THR D 542 -2.22 -5.79 4.16
N ILE D 543 -2.94 -5.87 5.28
CA ILE D 543 -2.97 -7.13 6.00
C ILE D 543 -3.85 -8.13 5.27
N CYS D 544 -5.05 -7.71 4.85
CA CYS D 544 -5.89 -8.65 4.13
C CYS D 544 -5.33 -8.95 2.74
N PHE D 545 -4.55 -8.04 2.16
CA PHE D 545 -3.98 -8.34 0.86
C PHE D 545 -2.87 -9.37 0.99
N VAL D 546 -2.18 -9.39 2.12
CA VAL D 546 -1.16 -10.40 2.30
C VAL D 546 -1.82 -11.76 2.52
N PHE D 547 -2.89 -11.78 3.31
CA PHE D 547 -3.56 -13.05 3.51
C PHE D 547 -4.18 -13.56 2.22
N MET D 548 -4.67 -12.68 1.35
CA MET D 548 -5.20 -13.18 0.09
C MET D 548 -4.08 -13.54 -0.87
N MET D 549 -2.88 -13.01 -0.64
CA MET D 549 -1.75 -13.35 -1.50
C MET D 549 -1.22 -14.73 -1.17
N ILE D 550 -1.34 -15.17 0.08
CA ILE D 550 -0.84 -16.51 0.40
C ILE D 550 -1.73 -17.58 -0.23
N PHE D 551 -3.03 -17.35 -0.26
CA PHE D 551 -3.98 -18.29 -0.83
C PHE D 551 -4.11 -18.16 -2.33
N SER D 552 -3.11 -17.61 -3.02
CA SER D 552 -3.22 -17.47 -4.48
C SER D 552 -3.07 -18.81 -5.17
N GLY D 553 -2.05 -19.58 -4.81
CA GLY D 553 -1.87 -20.87 -5.44
C GLY D 553 -0.44 -21.17 -5.82
N LEU D 554 0.48 -20.30 -5.43
CA LEU D 554 1.89 -20.44 -5.74
C LEU D 554 2.74 -20.68 -4.51
N LEU D 555 2.48 -19.95 -3.43
CA LEU D 555 3.24 -20.11 -2.21
C LEU D 555 2.84 -21.37 -1.46
N VAL D 556 1.64 -21.89 -1.70
CA VAL D 556 1.16 -23.10 -1.05
C VAL D 556 0.17 -23.78 -1.99
N ASN D 557 0.20 -25.11 -2.02
CA ASN D 557 -0.73 -25.81 -2.89
C ASN D 557 -2.12 -25.73 -2.29
N LEU D 558 -3.12 -25.56 -3.15
CA LEU D 558 -4.49 -25.45 -2.65
C LEU D 558 -5.14 -26.79 -2.35
N THR D 559 -4.49 -27.91 -2.61
CA THR D 559 -5.09 -29.20 -2.32
C THR D 559 -4.55 -29.86 -1.06
N THR D 560 -3.41 -29.38 -0.55
CA THR D 560 -2.84 -29.96 0.65
C THR D 560 -3.29 -29.25 1.92
N ILE D 561 -4.09 -28.20 1.81
CA ILE D 561 -4.57 -27.49 2.98
C ILE D 561 -5.64 -28.36 3.63
N ALA D 562 -5.72 -28.31 4.95
CA ALA D 562 -6.68 -29.16 5.61
C ALA D 562 -8.11 -28.72 5.29
N SER D 563 -9.06 -29.55 5.72
CA SER D 563 -10.47 -29.31 5.44
C SER D 563 -11.01 -28.12 6.20
N TRP D 564 -10.49 -27.85 7.40
CA TRP D 564 -10.99 -26.74 8.18
C TRP D 564 -10.32 -25.43 7.79
N LEU D 565 -9.54 -25.43 6.72
CA LEU D 565 -8.88 -24.24 6.22
C LEU D 565 -8.92 -24.12 4.72
N SER D 566 -9.39 -25.14 4.00
CA SER D 566 -9.43 -25.02 2.55
C SER D 566 -10.56 -24.14 2.08
N TRP D 567 -11.53 -23.84 2.94
CA TRP D 567 -12.63 -22.99 2.54
C TRP D 567 -12.24 -21.53 2.51
N LEU D 568 -11.05 -21.19 2.99
CA LEU D 568 -10.61 -19.82 2.99
C LEU D 568 -10.07 -19.39 1.64
N GLN D 569 -9.94 -20.32 0.70
CA GLN D 569 -9.44 -20.01 -0.63
C GLN D 569 -10.50 -19.32 -1.47
N TYR D 570 -11.75 -19.39 -1.07
CA TYR D 570 -12.84 -18.76 -1.80
C TYR D 570 -12.98 -17.30 -1.43
N PHE D 571 -12.36 -16.87 -0.33
CA PHE D 571 -12.45 -15.48 0.12
C PHE D 571 -11.23 -14.68 -0.31
N SER D 572 -10.69 -14.91 -1.49
CA SER D 572 -9.52 -14.15 -1.88
C SER D 572 -9.82 -13.41 -3.18
N ILE D 573 -8.81 -12.74 -3.69
CA ILE D 573 -8.95 -11.96 -4.92
C ILE D 573 -7.86 -12.38 -5.90
N PRO D 574 -6.59 -12.42 -5.51
CA PRO D 574 -5.57 -12.80 -6.48
C PRO D 574 -5.69 -14.25 -6.91
N ARG D 575 -6.42 -15.07 -6.16
CA ARG D 575 -6.57 -16.46 -6.58
C ARG D 575 -7.44 -16.59 -7.81
N TYR D 576 -8.50 -15.80 -7.91
CA TYR D 576 -9.32 -15.91 -9.10
C TYR D 576 -8.60 -15.37 -10.32
N GLY D 577 -7.76 -14.36 -10.13
CA GLY D 577 -7.01 -13.83 -11.24
C GLY D 577 -5.88 -14.75 -11.64
N PHE D 578 -5.24 -15.39 -10.67
CA PHE D 578 -4.17 -16.29 -11.02
C PHE D 578 -4.71 -17.58 -11.59
N THR D 579 -5.94 -17.95 -11.25
CA THR D 579 -6.52 -19.16 -11.81
C THR D 579 -6.92 -18.93 -13.25
N ALA D 580 -7.52 -17.77 -13.53
CA ALA D 580 -7.90 -17.51 -14.90
C ALA D 580 -6.69 -17.22 -15.77
N LEU D 581 -5.63 -16.64 -15.18
CA LEU D 581 -4.43 -16.38 -15.96
C LEU D 581 -3.67 -17.67 -16.24
N GLN D 582 -3.74 -18.62 -15.32
CA GLN D 582 -3.06 -19.90 -15.50
C GLN D 582 -3.81 -20.80 -16.46
N HIS D 583 -5.13 -20.71 -16.47
CA HIS D 583 -5.91 -21.54 -17.36
C HIS D 583 -5.79 -21.06 -18.79
N ASN D 584 -5.53 -19.78 -18.99
CA ASN D 584 -5.39 -19.21 -20.31
C ASN D 584 -4.08 -19.55 -20.99
N GLU D 585 -3.06 -19.98 -20.27
CA GLU D 585 -1.77 -20.29 -20.87
C GLU D 585 -1.43 -21.77 -20.84
N PHE D 586 -1.49 -22.41 -19.69
CA PHE D 586 -1.15 -23.82 -19.59
C PHE D 586 -2.30 -24.62 -20.18
N LEU D 587 -2.27 -24.84 -21.49
CA LEU D 587 -3.32 -25.60 -22.12
C LEU D 587 -2.73 -26.62 -23.08
N GLY D 588 -2.49 -26.23 -24.32
CA GLY D 588 -1.94 -27.13 -25.29
C GLY D 588 -0.45 -26.92 -25.44
N GLN D 589 0.24 -26.70 -24.32
CA GLN D 589 1.67 -26.48 -24.30
C GLN D 589 2.39 -27.63 -23.62
N ASN D 590 3.48 -28.09 -24.22
CA ASN D 590 4.26 -29.17 -23.65
C ASN D 590 5.45 -28.56 -22.91
N PHE D 591 6.04 -29.33 -22.01
CA PHE D 591 7.17 -28.80 -21.26
C PHE D 591 8.40 -29.70 -21.24
N CYS D 592 8.41 -30.78 -21.99
CA CYS D 592 9.55 -31.70 -22.04
C CYS D 592 9.93 -31.89 -23.49
N PRO D 593 11.11 -31.46 -23.91
CA PRO D 593 11.51 -31.60 -25.31
C PRO D 593 11.84 -33.03 -25.66
N GLY D 594 11.33 -33.47 -26.81
CA GLY D 594 11.56 -34.81 -27.25
C GLY D 594 10.82 -35.87 -26.46
N LEU D 595 9.73 -35.51 -25.80
CA LEU D 595 8.93 -36.45 -25.01
C LEU D 595 7.47 -36.13 -25.23
N ASN D 596 6.86 -36.71 -26.25
CA ASN D 596 5.45 -36.48 -26.49
C ASN D 596 4.64 -37.24 -25.45
N ALA D 597 3.98 -36.51 -24.56
CA ALA D 597 3.21 -37.09 -23.48
C ALA D 597 1.82 -36.51 -23.46
N THR D 598 1.24 -36.28 -24.64
CA THR D 598 -0.11 -35.77 -24.74
C THR D 598 -1.14 -36.89 -24.81
N GLY D 599 -0.70 -38.13 -24.96
CA GLY D 599 -1.59 -39.26 -24.99
C GLY D 599 -0.99 -40.39 -24.19
N ASN D 600 0.33 -40.36 -24.03
CA ASN D 600 1.01 -41.38 -23.24
C ASN D 600 2.20 -40.78 -22.52
N ASN D 601 2.13 -40.71 -21.19
CA ASN D 601 3.20 -40.12 -20.40
C ASN D 601 3.80 -41.24 -19.59
N PRO D 602 4.85 -41.89 -20.09
CA PRO D 602 5.51 -42.93 -19.31
C PRO D 602 6.33 -42.27 -18.23
N CYS D 603 6.56 -43.02 -17.16
CA CYS D 603 7.31 -42.51 -16.03
C CYS D 603 6.67 -41.27 -15.44
N ASN D 604 5.83 -41.46 -14.43
CA ASN D 604 5.10 -40.38 -13.79
C ASN D 604 6.07 -39.49 -13.01
N TYR D 605 5.51 -38.51 -12.31
CA TYR D 605 6.29 -37.51 -11.58
C TYR D 605 7.19 -36.76 -12.55
N ALA D 606 6.57 -36.15 -13.56
CA ALA D 606 7.35 -35.42 -14.54
C ALA D 606 6.69 -34.12 -15.00
N THR D 607 5.36 -34.15 -15.13
CA THR D 607 4.59 -33.00 -15.60
C THR D 607 5.14 -32.57 -16.93
N CYS D 608 4.84 -33.31 -17.99
CA CYS D 608 5.32 -33.03 -19.33
C CYS D 608 4.31 -32.30 -20.19
N THR D 609 3.28 -31.72 -19.59
CA THR D 609 2.27 -31.02 -20.36
C THR D 609 1.67 -29.94 -19.49
N GLY D 610 0.95 -29.01 -20.11
CA GLY D 610 0.34 -27.96 -19.32
C GLY D 610 -0.89 -28.41 -18.58
N GLU D 611 -1.51 -29.51 -19.01
CA GLU D 611 -2.68 -30.01 -18.31
C GLU D 611 -2.30 -30.69 -17.01
N GLU D 612 -1.12 -31.27 -16.94
CA GLU D 612 -0.75 -31.93 -15.69
C GLU D 612 -0.41 -30.92 -14.62
N TYR D 613 -0.10 -29.68 -15.00
CA TYR D 613 0.19 -28.68 -14.00
C TYR D 613 -1.08 -28.05 -13.48
N LEU D 614 -2.11 -28.04 -14.32
CA LEU D 614 -3.36 -27.45 -13.87
C LEU D 614 -4.03 -28.40 -12.91
N VAL D 615 -4.00 -29.70 -13.20
CA VAL D 615 -4.61 -30.64 -12.29
C VAL D 615 -3.76 -30.76 -11.03
N LYS D 616 -2.44 -30.59 -11.17
CA LYS D 616 -1.60 -30.67 -9.98
C LYS D 616 -1.83 -29.49 -9.07
N GLN D 617 -2.36 -28.38 -9.59
CA GLN D 617 -2.60 -27.22 -8.74
C GLN D 617 -4.05 -27.11 -8.26
N GLY D 618 -5.00 -27.70 -8.96
CA GLY D 618 -6.38 -27.59 -8.51
C GLY D 618 -7.22 -26.77 -9.46
N ILE D 619 -6.90 -26.82 -10.74
CA ILE D 619 -7.61 -26.08 -11.77
C ILE D 619 -8.41 -27.04 -12.62
N ASP D 620 -9.59 -26.62 -13.02
CA ASP D 620 -10.47 -27.45 -13.83
C ASP D 620 -10.11 -27.25 -15.29
N LEU D 621 -10.15 -28.33 -16.06
CA LEU D 621 -9.83 -28.26 -17.48
C LEU D 621 -11.02 -27.89 -18.34
N SER D 622 -12.24 -27.88 -17.79
CA SER D 622 -13.40 -27.53 -18.58
C SER D 622 -13.40 -26.03 -18.85
N PRO D 623 -14.00 -25.60 -19.96
CA PRO D 623 -14.05 -24.16 -20.24
C PRO D 623 -14.87 -23.39 -19.22
N TRP D 624 -15.73 -24.08 -18.47
CA TRP D 624 -16.49 -23.40 -17.44
C TRP D 624 -15.59 -22.97 -16.30
N GLY D 625 -14.52 -23.74 -16.04
CA GLY D 625 -13.62 -23.35 -14.97
C GLY D 625 -12.87 -22.08 -15.27
N LEU D 626 -12.70 -21.75 -16.55
CA LEU D 626 -12.05 -20.49 -16.90
C LEU D 626 -12.93 -19.30 -16.58
N TRP D 627 -14.22 -19.37 -16.92
CA TRP D 627 -15.15 -18.28 -16.63
C TRP D 627 -15.72 -18.29 -15.23
N LYS D 628 -15.39 -19.31 -14.43
CA LYS D 628 -15.89 -19.32 -13.07
C LYS D 628 -15.24 -18.22 -12.25
N ASN D 629 -13.94 -17.99 -12.43
CA ASN D 629 -13.29 -16.92 -11.69
C ASN D 629 -13.77 -15.55 -12.15
N HIS D 630 -14.20 -15.44 -13.40
CA HIS D 630 -14.72 -14.16 -13.88
C HIS D 630 -16.08 -13.88 -13.27
N VAL D 631 -16.92 -14.92 -13.16
CA VAL D 631 -18.22 -14.70 -12.56
C VAL D 631 -18.09 -14.56 -11.04
N ALA D 632 -16.96 -14.98 -10.47
CA ALA D 632 -16.78 -14.79 -9.02
C ALA D 632 -16.28 -13.39 -8.73
N LEU D 633 -15.41 -12.86 -9.60
CA LEU D 633 -14.94 -11.51 -9.39
C LEU D 633 -16.02 -10.50 -9.73
N ALA D 634 -16.92 -10.84 -10.65
CA ALA D 634 -17.99 -9.89 -10.93
C ALA D 634 -18.95 -9.80 -9.76
N CYS D 635 -19.18 -10.90 -9.06
CA CYS D 635 -20.03 -10.85 -7.88
C CYS D 635 -19.35 -10.14 -6.73
N MET D 636 -18.03 -10.27 -6.61
CA MET D 636 -17.36 -9.57 -5.53
C MET D 636 -17.32 -8.08 -5.78
N ILE D 637 -17.40 -7.66 -7.04
CA ILE D 637 -17.40 -6.23 -7.32
C ILE D 637 -18.70 -5.61 -6.86
N VAL D 638 -19.84 -6.22 -7.20
CA VAL D 638 -21.11 -5.68 -6.78
C VAL D 638 -21.32 -5.79 -5.28
N ILE D 639 -20.73 -6.79 -4.65
CA ILE D 639 -20.91 -6.88 -3.19
C ILE D 639 -20.12 -5.79 -2.50
N PHE D 640 -18.87 -5.59 -2.91
CA PHE D 640 -18.10 -4.55 -2.25
C PHE D 640 -18.62 -3.16 -2.58
N LEU D 641 -19.18 -2.96 -3.78
CA LEU D 641 -19.72 -1.64 -4.06
C LEU D 641 -21.01 -1.40 -3.30
N THR D 642 -21.76 -2.46 -3.01
CA THR D 642 -22.98 -2.25 -2.23
C THR D 642 -22.63 -1.94 -0.80
N ILE D 643 -21.55 -2.52 -0.28
CA ILE D 643 -21.15 -2.21 1.08
C ILE D 643 -20.62 -0.79 1.15
N ALA D 644 -19.89 -0.34 0.12
CA ALA D 644 -19.39 1.03 0.15
C ALA D 644 -20.52 2.04 0.03
N TYR D 645 -21.58 1.68 -0.67
CA TYR D 645 -22.70 2.61 -0.78
C TYR D 645 -23.51 2.62 0.51
N LEU D 646 -23.63 1.49 1.18
CA LEU D 646 -24.37 1.48 2.42
C LEU D 646 -23.57 2.18 3.51
N LYS D 647 -22.24 2.15 3.41
CA LYS D 647 -21.44 2.85 4.40
C LYS D 647 -21.54 4.34 4.20
N LEU D 648 -21.70 4.80 2.95
CA LEU D 648 -21.86 6.22 2.73
C LEU D 648 -23.27 6.71 3.00
N LEU D 649 -24.27 5.83 2.91
CA LEU D 649 -25.64 6.23 3.16
C LEU D 649 -25.96 6.39 4.65
N PHE D 650 -25.43 5.52 5.50
CA PHE D 650 -25.67 5.57 6.94
C PHE D 650 -24.67 6.42 7.71
N LEU D 651 -23.92 7.28 7.04
CA LEU D 651 -22.93 8.12 7.70
C LEU D 651 -23.58 9.31 8.40
N LYS D 652 -22.99 9.69 9.54
CA LYS D 652 -23.46 10.82 10.34
C LYS D 652 -23.07 12.11 9.63
N LYS D 653 -24.04 12.78 9.01
CA LYS D 653 -23.82 14.01 8.28
C LYS D 653 -23.96 15.28 9.13
N TYR D 654 -23.60 15.23 10.41
CA TYR D 654 -23.71 16.41 11.26
C TYR D 654 -22.40 16.71 11.98
N GLN E 1 -34.47 37.54 -19.02
CA GLN E 1 -35.26 37.27 -20.21
C GLN E 1 -36.74 37.28 -19.87
N VAL E 2 -37.09 37.84 -18.71
CA VAL E 2 -38.46 37.91 -18.27
C VAL E 2 -39.00 39.30 -18.56
N GLN E 3 -40.33 39.39 -18.65
CA GLN E 3 -41.01 40.63 -18.93
C GLN E 3 -41.98 40.95 -17.79
N LEU E 4 -42.42 42.20 -17.78
CA LEU E 4 -43.33 42.69 -16.76
C LEU E 4 -44.62 43.19 -17.40
N GLN E 5 -45.75 42.69 -16.92
CA GLN E 5 -47.04 43.09 -17.42
C GLN E 5 -47.79 43.73 -16.26
N GLU E 6 -48.55 44.76 -16.56
CA GLU E 6 -49.31 45.48 -15.54
C GLU E 6 -50.77 45.07 -15.60
N SER E 7 -51.48 45.31 -14.49
CA SER E 7 -52.89 44.97 -14.44
C SER E 7 -53.66 45.87 -13.48
N GLY E 8 -52.96 46.55 -12.57
CA GLY E 8 -53.66 47.40 -11.65
C GLY E 8 -53.94 48.75 -12.26
N GLY E 9 -55.21 49.11 -12.41
CA GLY E 9 -55.55 50.40 -12.99
C GLY E 9 -55.50 51.51 -11.97
N GLY E 10 -55.21 52.71 -12.45
CA GLY E 10 -55.13 53.84 -11.54
C GLY E 10 -55.67 55.13 -12.09
N LEU E 11 -56.72 55.63 -11.47
CA LEU E 11 -57.34 56.88 -11.88
C LEU E 11 -58.00 57.65 -10.75
N VAL E 12 -57.94 57.15 -9.51
CA VAL E 12 -58.56 57.83 -8.38
C VAL E 12 -57.49 58.62 -7.63
N GLN E 13 -57.82 59.88 -7.32
CA GLN E 13 -56.93 60.77 -6.61
C GLN E 13 -57.40 60.96 -5.17
N ALA E 14 -56.48 60.79 -4.23
CA ALA E 14 -56.77 60.92 -2.80
C ALA E 14 -57.92 60.01 -2.37
N GLY E 15 -57.80 58.74 -2.73
CA GLY E 15 -58.80 57.75 -2.39
C GLY E 15 -58.47 57.01 -1.11
N GLY E 16 -59.03 55.81 -1.00
CA GLY E 16 -58.81 54.96 0.15
C GLY E 16 -57.65 54.00 -0.02
N SER E 17 -57.77 53.09 -0.97
CA SER E 17 -56.73 52.10 -1.24
C SER E 17 -56.77 51.71 -2.70
N LEU E 18 -55.61 51.28 -3.21
CA LEU E 18 -55.48 50.85 -4.60
C LEU E 18 -54.35 49.85 -4.68
N ARG E 19 -54.63 48.68 -5.25
CA ARG E 19 -53.64 47.63 -5.38
C ARG E 19 -53.30 47.44 -6.84
N LEU E 20 -52.01 47.37 -7.15
CA LEU E 20 -51.51 47.18 -8.50
C LEU E 20 -50.80 45.86 -8.56
N SER E 21 -51.27 44.96 -9.42
CA SER E 21 -50.69 43.64 -9.60
C SER E 21 -49.85 43.67 -10.86
N CYS E 22 -48.55 43.46 -10.72
CA CYS E 22 -47.67 43.48 -11.89
C CYS E 22 -47.12 42.07 -12.08
N ALA E 23 -47.81 41.30 -12.91
CA ALA E 23 -47.42 39.93 -13.18
C ALA E 23 -46.21 39.91 -14.11
N ALA E 24 -45.59 38.73 -14.21
CA ALA E 24 -44.42 38.57 -15.06
C ALA E 24 -44.56 37.38 -15.98
N SER E 25 -43.44 36.80 -16.39
CA SER E 25 -43.42 35.66 -17.28
C SER E 25 -43.42 34.40 -16.41
N GLY E 26 -43.08 33.25 -16.98
CA GLY E 26 -43.09 32.02 -16.22
C GLY E 26 -41.82 31.20 -16.32
N ARG E 27 -40.68 31.86 -16.34
CA ARG E 27 -39.45 31.09 -16.45
C ARG E 27 -38.86 30.96 -15.05
N SER E 28 -38.32 32.05 -14.50
CA SER E 28 -37.74 32.00 -13.17
C SER E 28 -38.21 33.23 -12.39
N PHE E 29 -39.46 33.21 -11.96
CA PHE E 29 -40.01 34.33 -11.21
C PHE E 29 -39.56 34.33 -9.77
N SER E 30 -39.25 33.16 -9.22
CA SER E 30 -38.83 33.04 -7.84
C SER E 30 -37.34 33.24 -7.68
N SER E 31 -36.69 33.85 -8.68
CA SER E 31 -35.26 34.09 -8.64
C SER E 31 -34.95 35.55 -8.97
N TYR E 32 -35.90 36.45 -8.73
CA TYR E 32 -35.70 37.85 -9.02
C TYR E 32 -36.24 38.65 -7.84
N THR E 33 -35.90 39.93 -7.81
CA THR E 33 -36.30 40.88 -6.80
C THR E 33 -37.21 41.89 -7.50
N MET E 34 -38.50 41.62 -7.46
CA MET E 34 -39.48 42.50 -8.08
C MET E 34 -39.62 43.78 -7.27
N GLY E 35 -39.81 44.90 -7.96
CA GLY E 35 -39.93 46.18 -7.28
C GLY E 35 -40.84 47.10 -8.06
N TRP E 36 -40.95 48.33 -7.59
CA TRP E 36 -41.78 49.33 -8.22
C TRP E 36 -41.00 50.63 -8.36
N PHE E 37 -41.54 51.52 -9.18
CA PHE E 37 -40.92 52.82 -9.40
C PHE E 37 -42.02 53.86 -9.48
N ARG E 38 -41.59 55.12 -9.56
CA ARG E 38 -42.51 56.26 -9.61
C ARG E 38 -41.94 57.27 -10.60
N GLN E 39 -42.74 57.59 -11.61
CA GLN E 39 -42.39 58.55 -12.65
C GLN E 39 -43.42 59.66 -12.63
N ALA E 40 -43.08 60.76 -12.01
CA ALA E 40 -44.03 61.85 -11.95
C ALA E 40 -44.03 62.64 -13.26
N PRO E 41 -45.20 63.16 -13.67
CA PRO E 41 -45.27 63.95 -14.90
C PRO E 41 -44.47 65.24 -14.82
N GLY E 42 -43.17 65.12 -15.09
CA GLY E 42 -42.24 66.22 -15.04
C GLY E 42 -40.97 65.84 -14.32
N LYS E 43 -40.97 64.68 -13.68
CA LYS E 43 -39.81 64.18 -12.96
C LYS E 43 -39.29 62.92 -13.67
N GLU E 44 -38.11 62.47 -13.24
CA GLU E 44 -37.42 61.31 -13.78
C GLU E 44 -37.88 60.02 -13.11
N ARG E 45 -36.93 59.13 -12.80
CA ARG E 45 -37.26 57.84 -12.18
C ARG E 45 -37.12 58.00 -10.68
N GLU E 46 -38.16 57.59 -9.96
CA GLU E 46 -38.17 57.69 -8.51
C GLU E 46 -38.47 56.30 -7.95
N PHE E 47 -37.60 55.82 -7.08
CA PHE E 47 -37.79 54.52 -6.46
C PHE E 47 -38.85 54.55 -5.39
N VAL E 48 -39.63 53.48 -5.30
CA VAL E 48 -40.68 53.35 -4.31
C VAL E 48 -40.35 52.21 -3.38
N ALA E 49 -40.50 50.98 -3.86
CA ALA E 49 -40.28 49.81 -3.02
C ALA E 49 -39.73 48.67 -3.85
N ALA E 50 -39.12 47.70 -3.17
CA ALA E 50 -38.57 46.55 -3.86
C ALA E 50 -38.47 45.38 -2.89
N ILE E 51 -39.30 44.39 -3.08
CA ILE E 51 -39.36 43.24 -2.19
C ILE E 51 -38.40 42.19 -2.72
N LYS E 52 -37.58 41.64 -1.84
CA LYS E 52 -36.67 40.60 -2.24
C LYS E 52 -37.39 39.28 -2.43
N TRP E 53 -36.70 38.35 -3.08
CA TRP E 53 -37.28 37.05 -3.31
C TRP E 53 -37.43 36.36 -1.96
N SER E 54 -38.28 35.36 -1.92
CA SER E 54 -38.58 34.64 -0.70
C SER E 54 -39.26 35.47 0.39
N GLY E 55 -39.78 36.65 0.09
CA GLY E 55 -40.48 37.32 1.19
C GLY E 55 -39.64 37.73 2.38
N ASP E 56 -38.47 38.29 2.13
CA ASP E 56 -37.54 38.69 3.17
C ASP E 56 -37.23 40.16 3.03
N ILE E 57 -36.08 40.56 3.56
CA ILE E 57 -35.57 41.93 3.53
C ILE E 57 -36.10 42.72 2.36
N THR E 58 -37.11 43.53 2.62
CA THR E 58 -37.74 44.39 1.65
C THR E 58 -37.26 45.82 1.79
N LYS E 59 -37.89 46.74 1.07
CA LYS E 59 -37.51 48.15 1.10
C LYS E 59 -38.68 49.02 0.68
N TYR E 60 -38.88 50.13 1.39
CA TYR E 60 -39.96 51.06 1.10
C TYR E 60 -39.34 52.44 0.91
N VAL E 61 -40.20 53.44 0.75
CA VAL E 61 -39.72 54.81 0.55
C VAL E 61 -39.35 55.41 1.90
N ASP E 62 -38.32 56.25 1.89
CA ASP E 62 -37.92 56.89 3.13
C ASP E 62 -38.93 57.95 3.54
N SER E 63 -39.78 58.41 2.61
CA SER E 63 -40.77 59.42 2.95
C SER E 63 -42.01 58.76 3.53
N VAL E 64 -42.72 57.97 2.71
CA VAL E 64 -43.92 57.31 3.20
C VAL E 64 -43.53 56.17 4.13
N LYS E 65 -44.42 55.87 5.08
CA LYS E 65 -44.15 54.81 6.05
C LYS E 65 -44.71 53.44 5.71
N GLY E 66 -45.56 52.91 6.59
CA GLY E 66 -46.08 51.58 6.39
C GLY E 66 -47.44 51.61 5.75
N ARG E 67 -47.71 52.68 5.03
CA ARG E 67 -48.97 52.77 4.32
C ARG E 67 -48.91 51.91 3.09
N PHE E 68 -47.70 51.63 2.63
CA PHE E 68 -47.45 50.80 1.48
C PHE E 68 -47.31 49.35 1.94
N THR E 69 -47.86 48.43 1.17
CA THR E 69 -47.84 47.01 1.45
C THR E 69 -47.50 46.30 0.15
N ILE E 70 -46.25 45.90 -0.02
CA ILE E 70 -45.82 45.23 -1.24
C ILE E 70 -45.57 43.78 -0.89
N SER E 71 -46.19 42.89 -1.65
CA SER E 71 -46.05 41.45 -1.42
C SER E 71 -45.98 40.73 -2.74
N ARG E 72 -44.96 39.89 -2.89
CA ARG E 72 -44.76 39.11 -4.10
C ARG E 72 -45.07 37.66 -3.84
N ASP E 73 -45.99 37.10 -4.63
CA ASP E 73 -46.32 35.71 -4.46
C ASP E 73 -45.57 34.93 -5.53
N ASN E 74 -44.99 33.80 -5.12
CA ASN E 74 -44.24 32.99 -6.08
C ASN E 74 -45.17 32.28 -7.05
N SER E 75 -46.43 32.12 -6.67
CA SER E 75 -47.43 31.47 -7.49
C SER E 75 -48.03 32.54 -8.40
N LYS E 76 -48.30 32.15 -9.65
CA LYS E 76 -48.89 32.99 -10.68
C LYS E 76 -47.96 34.12 -11.09
N ASN E 77 -46.82 34.29 -10.43
CA ASN E 77 -45.83 35.31 -10.74
C ASN E 77 -46.46 36.70 -10.72
N THR E 78 -46.86 37.12 -9.52
CA THR E 78 -47.51 38.41 -9.35
C THR E 78 -47.04 39.09 -8.07
N VAL E 79 -46.77 40.38 -8.17
CA VAL E 79 -46.36 41.19 -7.03
C VAL E 79 -47.33 42.35 -6.92
N TYR E 80 -47.66 42.71 -5.68
CA TYR E 80 -48.61 43.78 -5.43
C TYR E 80 -47.92 44.90 -4.66
N LEU E 81 -48.50 46.10 -4.79
CA LEU E 81 -48.05 47.32 -4.16
C LEU E 81 -49.32 48.10 -3.83
N GLU E 82 -49.93 47.75 -2.72
CA GLU E 82 -51.17 48.37 -2.27
C GLU E 82 -50.88 49.44 -1.23
N MET E 83 -51.76 50.43 -1.15
CA MET E 83 -51.59 51.53 -0.20
C MET E 83 -52.81 51.67 0.70
N ASN E 84 -52.63 52.47 1.74
CA ASN E 84 -53.67 52.77 2.73
C ASN E 84 -53.81 54.28 2.89
N SER E 85 -54.94 54.82 2.42
CA SER E 85 -55.19 56.26 2.48
C SER E 85 -54.07 57.03 1.77
N LEU E 86 -54.07 56.90 0.45
CA LEU E 86 -53.02 57.54 -0.31
C LEU E 86 -53.22 59.05 -0.32
N LYS E 87 -52.12 59.73 -0.36
CA LYS E 87 -52.07 61.18 -0.39
C LYS E 87 -52.25 61.68 -1.82
N PRO E 88 -52.77 62.90 -1.99
CA PRO E 88 -52.94 63.44 -3.35
C PRO E 88 -51.63 63.58 -4.09
N GLU E 89 -50.50 63.61 -3.36
CA GLU E 89 -49.19 63.70 -3.98
C GLU E 89 -48.79 62.29 -4.43
N ASP E 90 -49.49 61.83 -5.46
CA ASP E 90 -49.24 60.49 -5.99
C ASP E 90 -49.58 60.44 -7.47
N THR E 91 -49.83 61.56 -8.13
CA THR E 91 -50.15 61.56 -9.55
C THR E 91 -48.89 61.21 -10.32
N ALA E 92 -48.64 59.91 -10.53
CA ALA E 92 -47.44 59.51 -11.25
C ALA E 92 -47.62 58.12 -11.83
N VAL E 93 -46.96 57.87 -12.96
CA VAL E 93 -47.04 56.53 -13.52
C VAL E 93 -46.15 55.63 -12.68
N TYR E 94 -46.66 54.48 -12.30
CA TYR E 94 -45.92 53.53 -11.47
C TYR E 94 -45.32 52.47 -12.35
N TYR E 95 -44.00 52.33 -12.26
CA TYR E 95 -43.26 51.37 -13.04
C TYR E 95 -43.11 50.07 -12.26
N CYS E 96 -42.68 49.04 -12.97
CA CYS E 96 -42.43 47.71 -12.43
C CYS E 96 -41.01 47.32 -12.77
N GLY E 97 -40.24 46.93 -11.76
CA GLY E 97 -38.86 46.57 -12.03
C GLY E 97 -38.61 45.15 -11.60
N ALA E 98 -37.58 44.54 -12.17
CA ALA E 98 -37.20 43.16 -11.90
C ALA E 98 -35.69 43.11 -11.88
N ASP E 99 -35.09 42.93 -10.72
CA ASP E 99 -33.63 42.90 -10.68
C ASP E 99 -33.14 41.59 -10.11
N ASN E 100 -31.89 41.28 -10.37
CA ASN E 100 -31.32 40.05 -9.83
C ASN E 100 -30.31 40.45 -8.79
N THR E 101 -30.02 39.54 -7.85
CA THR E 101 -29.06 39.85 -6.80
C THR E 101 -29.44 41.11 -6.01
N TRP E 102 -30.17 40.98 -4.91
CA TRP E 102 -30.57 42.15 -4.12
C TRP E 102 -29.37 42.93 -3.60
N VAL E 103 -29.07 44.07 -4.22
CA VAL E 103 -27.91 44.89 -3.85
C VAL E 103 -28.20 45.92 -2.74
N GLY E 104 -29.45 46.03 -2.30
CA GLY E 104 -29.76 46.97 -1.23
C GLY E 104 -30.81 47.99 -1.59
N TYR E 105 -30.62 48.65 -2.70
CA TYR E 105 -31.52 49.68 -3.23
C TYR E 105 -31.68 50.79 -2.19
N PRO E 106 -30.79 51.78 -2.16
CA PRO E 106 -30.91 52.84 -1.14
C PRO E 106 -31.83 53.99 -1.53
N SER E 107 -32.92 53.68 -2.24
CA SER E 107 -33.93 54.64 -2.66
C SER E 107 -33.31 55.76 -3.49
N SER E 108 -32.84 55.37 -4.67
CA SER E 108 -32.22 56.30 -5.60
C SER E 108 -32.36 55.69 -6.99
N ARG E 109 -31.55 56.19 -7.93
CA ARG E 109 -31.60 55.65 -9.28
C ARG E 109 -30.94 54.28 -9.29
N SER E 110 -31.75 53.24 -9.15
CA SER E 110 -31.22 51.90 -9.15
C SER E 110 -31.17 51.35 -10.57
N SER E 111 -32.17 51.68 -11.38
CA SER E 111 -32.25 51.21 -12.76
C SER E 111 -32.18 49.71 -12.77
N MET E 112 -33.30 49.06 -12.50
CA MET E 112 -33.31 47.61 -12.49
C MET E 112 -33.18 47.12 -13.93
N ASP E 113 -32.86 45.83 -14.10
CA ASP E 113 -32.67 45.35 -15.46
C ASP E 113 -33.96 45.24 -16.26
N TYR E 114 -34.73 44.19 -16.05
CA TYR E 114 -35.97 44.05 -16.81
C TYR E 114 -36.97 45.06 -16.31
N TRP E 115 -37.34 45.99 -17.18
CA TRP E 115 -38.28 47.04 -16.83
C TRP E 115 -39.72 46.70 -17.15
N GLY E 116 -40.48 47.74 -17.48
CA GLY E 116 -41.88 47.56 -17.81
C GLY E 116 -42.46 48.88 -18.28
N GLN E 117 -43.70 48.80 -18.72
CA GLN E 117 -44.39 49.98 -19.21
C GLN E 117 -44.80 50.89 -18.08
N GLY E 118 -45.45 50.33 -17.06
CA GLY E 118 -45.88 51.11 -15.91
C GLY E 118 -47.25 51.69 -16.19
N THR E 119 -48.13 51.70 -15.20
CA THR E 119 -49.46 52.23 -15.38
C THR E 119 -49.59 53.56 -14.63
N GLN E 120 -50.35 54.47 -15.20
CA GLN E 120 -50.51 55.79 -14.61
C GLN E 120 -51.41 55.69 -13.38
N VAL E 121 -50.99 56.28 -12.27
CA VAL E 121 -51.78 56.27 -11.04
C VAL E 121 -52.01 57.72 -10.65
N THR E 122 -53.24 58.18 -10.85
CA THR E 122 -53.61 59.55 -10.52
C THR E 122 -54.10 59.64 -9.09
N VAL F 2 14.23 -44.42 -35.91
CA VAL F 2 14.89 -45.71 -35.95
C VAL F 2 16.02 -45.70 -36.95
N GLN F 3 15.72 -45.41 -38.21
CA GLN F 3 16.73 -45.37 -39.26
C GLN F 3 16.74 -43.99 -39.88
N LEU F 4 17.93 -43.41 -40.03
CA LEU F 4 18.09 -42.09 -40.60
C LEU F 4 19.05 -42.15 -41.77
N GLN F 5 18.96 -41.15 -42.64
CA GLN F 5 19.81 -41.09 -43.83
C GLN F 5 20.21 -39.66 -44.14
N GLU F 6 21.49 -39.35 -43.99
CA GLU F 6 22.04 -38.02 -44.23
C GLU F 6 22.35 -37.80 -45.70
N SER F 7 21.97 -36.64 -46.24
CA SER F 7 22.22 -36.32 -47.63
C SER F 7 22.42 -34.82 -47.81
N GLY F 8 23.11 -34.45 -48.89
CA GLY F 8 23.36 -33.06 -49.20
C GLY F 8 24.68 -32.80 -49.91
N PRO F 9 24.97 -31.53 -50.16
CA PRO F 9 26.21 -31.16 -50.84
C PRO F 9 27.42 -31.32 -49.93
N GLY F 10 28.59 -31.32 -50.54
CA GLY F 10 29.83 -31.47 -49.80
C GLY F 10 30.93 -30.49 -50.13
N LEU F 11 30.71 -29.62 -51.12
CA LEU F 11 31.71 -28.63 -51.53
C LEU F 11 31.00 -27.28 -51.68
N VAL F 12 31.02 -26.48 -50.62
CA VAL F 12 30.36 -25.18 -50.64
C VAL F 12 31.38 -24.06 -50.60
N LYS F 13 31.10 -23.00 -51.37
CA LYS F 13 31.98 -21.85 -51.41
C LYS F 13 31.83 -21.08 -50.11
N PRO F 14 32.88 -20.44 -49.64
CA PRO F 14 32.77 -19.67 -48.39
C PRO F 14 31.85 -18.48 -48.57
N SER F 15 31.38 -17.96 -47.43
CA SER F 15 30.48 -16.81 -47.38
C SER F 15 29.20 -17.06 -48.18
N GLN F 16 28.64 -18.25 -48.03
CA GLN F 16 27.41 -18.60 -48.73
C GLN F 16 26.43 -19.31 -47.80
N SER F 17 25.69 -20.26 -48.34
CA SER F 17 24.71 -21.02 -47.58
C SER F 17 24.98 -22.51 -47.72
N LEU F 18 24.58 -23.24 -46.69
CA LEU F 18 24.74 -24.68 -46.57
C LEU F 18 23.40 -25.30 -46.25
N SER F 19 23.04 -26.39 -46.92
CA SER F 19 21.75 -27.00 -46.62
C SER F 19 21.92 -28.49 -46.64
N LEU F 20 21.44 -29.14 -45.58
CA LEU F 20 21.52 -30.58 -45.47
C LEU F 20 20.11 -31.16 -45.44
N THR F 21 20.00 -32.48 -45.45
CA THR F 21 18.69 -33.13 -45.44
C THR F 21 18.83 -34.52 -44.86
N CYS F 22 18.13 -34.82 -43.77
CA CYS F 22 18.23 -36.16 -43.21
C CYS F 22 16.85 -36.79 -43.18
N THR F 23 16.66 -37.84 -43.97
CA THR F 23 15.37 -38.49 -44.03
C THR F 23 15.24 -39.47 -42.87
N VAL F 24 14.01 -39.76 -42.49
CA VAL F 24 13.70 -40.69 -41.41
C VAL F 24 12.82 -41.79 -41.93
N THR F 25 13.28 -43.03 -41.79
CA THR F 25 12.55 -44.21 -42.25
C THR F 25 12.27 -45.12 -41.05
N GLY F 26 11.04 -45.62 -40.98
CA GLY F 26 10.65 -46.50 -39.89
C GLY F 26 10.04 -45.81 -38.69
N PHE F 27 9.95 -44.49 -38.68
CA PHE F 27 9.37 -43.76 -37.58
C PHE F 27 8.79 -42.47 -38.10
N SER F 28 7.81 -41.93 -37.40
CA SER F 28 7.27 -40.69 -37.90
C SER F 28 8.21 -39.55 -37.51
N ILE F 29 8.03 -38.40 -38.14
CA ILE F 29 8.86 -37.26 -37.84
C ILE F 29 8.26 -36.39 -36.76
N THR F 30 6.96 -36.52 -36.50
CA THR F 30 6.31 -35.71 -35.49
C THR F 30 5.61 -36.58 -34.47
N SER F 31 6.12 -37.80 -34.31
CA SER F 31 5.56 -38.76 -33.36
C SER F 31 5.96 -38.44 -31.93
N ASP F 32 7.23 -38.70 -31.58
CA ASP F 32 7.71 -38.49 -30.22
C ASP F 32 9.13 -37.94 -30.04
N TYR F 33 10.10 -38.58 -30.66
CA TYR F 33 11.50 -38.20 -30.50
C TYR F 33 11.81 -36.91 -31.22
N ALA F 34 12.82 -36.17 -30.72
CA ALA F 34 13.18 -34.93 -31.38
C ALA F 34 14.39 -35.22 -32.25
N TRP F 35 14.85 -34.24 -32.99
CA TRP F 35 15.98 -34.45 -33.89
C TRP F 35 17.03 -33.38 -33.78
N ASN F 36 18.31 -33.78 -33.72
CA ASN F 36 19.39 -32.83 -33.61
C ASN F 36 20.27 -32.84 -34.85
N TRP F 37 21.37 -32.07 -34.77
CA TRP F 37 22.37 -31.93 -35.82
C TRP F 37 23.72 -31.84 -35.14
N ILE F 38 24.53 -32.88 -35.22
CA ILE F 38 25.83 -32.91 -34.56
C ILE F 38 26.94 -32.91 -35.60
N ARG F 39 27.95 -32.07 -35.41
CA ARG F 39 29.06 -32.07 -36.36
C ARG F 39 30.36 -32.44 -35.68
N GLN F 40 31.19 -33.19 -36.38
CA GLN F 40 32.48 -33.66 -35.90
C GLN F 40 33.53 -32.92 -36.70
N PHE F 41 34.29 -32.07 -36.03
CA PHE F 41 35.30 -31.28 -36.70
C PHE F 41 36.40 -32.17 -37.30
N PRO F 42 37.07 -31.71 -38.35
CA PRO F 42 38.12 -32.53 -38.95
C PRO F 42 39.23 -32.73 -37.95
N GLY F 43 39.01 -33.75 -37.14
CA GLY F 43 39.95 -34.11 -36.09
C GLY F 43 39.27 -35.04 -35.11
N LYS F 44 39.19 -34.63 -33.86
CA LYS F 44 38.57 -35.43 -32.82
C LYS F 44 37.75 -34.56 -31.88
N LYS F 45 36.80 -33.83 -32.44
CA LYS F 45 35.97 -32.96 -31.64
C LYS F 45 34.56 -33.04 -32.19
N LEU F 46 33.61 -32.74 -31.33
CA LEU F 46 32.21 -32.80 -31.71
C LEU F 46 31.51 -31.56 -31.16
N GLU F 47 30.39 -31.23 -31.76
CA GLU F 47 29.64 -30.06 -31.35
C GLU F 47 28.18 -30.28 -31.67
N TRP F 48 27.33 -29.87 -30.74
CA TRP F 48 25.91 -30.00 -30.93
C TRP F 48 25.45 -28.68 -31.52
N MET F 49 24.80 -28.74 -32.68
CA MET F 49 24.34 -27.53 -33.34
C MET F 49 22.98 -27.12 -32.81
N GLY F 50 21.96 -27.93 -33.04
CA GLY F 50 20.65 -27.59 -32.54
C GLY F 50 19.70 -28.71 -32.85
N TYR F 51 18.51 -28.61 -32.27
CA TYR F 51 17.52 -29.64 -32.51
C TYR F 51 16.16 -29.01 -32.74
N ILE F 52 15.22 -29.87 -33.12
CA ILE F 52 13.85 -29.50 -33.41
C ILE F 52 12.95 -30.53 -32.75
N ASN F 53 11.96 -30.05 -32.01
CA ASN F 53 11.06 -30.93 -31.30
C ASN F 53 10.11 -31.59 -32.27
N PHE F 54 9.22 -32.44 -31.76
CA PHE F 54 8.31 -33.12 -32.66
C PHE F 54 7.21 -32.20 -33.14
N ASP F 55 6.89 -31.15 -32.37
CA ASP F 55 5.83 -30.24 -32.79
C ASP F 55 6.40 -29.07 -33.58
N GLY F 56 7.59 -28.59 -33.24
CA GLY F 56 8.17 -27.48 -33.96
C GLY F 56 9.08 -26.62 -33.12
N GLY F 57 9.31 -27.01 -31.87
CA GLY F 57 10.18 -26.26 -31.00
C GLY F 57 11.60 -26.51 -31.44
N THR F 58 12.31 -25.46 -31.84
CA THR F 58 13.68 -25.57 -32.32
C THR F 58 14.61 -24.78 -31.42
N THR F 59 15.47 -25.48 -30.69
CA THR F 59 16.45 -24.88 -29.81
C THR F 59 17.82 -25.02 -30.43
N TYR F 60 18.50 -23.90 -30.65
CA TYR F 60 19.80 -23.86 -31.28
C TYR F 60 20.90 -23.62 -30.26
N ASN F 61 22.13 -23.75 -30.71
CA ASN F 61 23.27 -23.54 -29.83
C ASN F 61 23.62 -22.07 -29.78
N PRO F 62 23.94 -21.53 -28.60
CA PRO F 62 24.31 -20.11 -28.52
C PRO F 62 25.58 -19.78 -29.27
N SER F 63 26.38 -20.77 -29.63
CA SER F 63 27.60 -20.49 -30.38
C SER F 63 27.26 -20.02 -31.78
N LEU F 64 26.24 -20.62 -32.38
CA LEU F 64 25.79 -20.27 -33.72
C LEU F 64 24.75 -19.17 -33.54
N ARG F 65 25.20 -17.91 -33.65
CA ARG F 65 24.33 -16.76 -33.48
C ARG F 65 23.71 -16.39 -34.81
N GLY F 66 22.49 -16.86 -35.05
CA GLY F 66 21.79 -16.52 -36.28
C GLY F 66 22.39 -17.13 -37.52
N ARG F 67 22.86 -18.37 -37.44
CA ARG F 67 23.45 -19.04 -38.58
C ARG F 67 22.85 -20.40 -38.82
N ILE F 68 22.14 -20.98 -37.86
CA ILE F 68 21.54 -22.29 -38.00
C ILE F 68 20.03 -22.13 -38.08
N SER F 69 19.42 -22.86 -39.00
CA SER F 69 17.97 -22.83 -39.16
C SER F 69 17.51 -24.23 -39.55
N ILE F 70 16.90 -24.94 -38.61
CA ILE F 70 16.45 -26.30 -38.86
C ILE F 70 15.01 -26.23 -39.34
N THR F 71 14.72 -26.83 -40.48
CA THR F 71 13.36 -26.81 -41.02
C THR F 71 12.88 -28.21 -41.32
N ARG F 72 11.66 -28.55 -40.93
CA ARG F 72 11.19 -29.90 -41.16
C ARG F 72 10.08 -29.98 -42.19
N ASP F 73 9.80 -31.23 -42.58
CA ASP F 73 8.75 -31.61 -43.51
C ASP F 73 8.15 -32.91 -43.00
N THR F 74 6.83 -32.93 -42.92
CA THR F 74 6.06 -34.06 -42.40
C THR F 74 5.75 -35.12 -43.45
N SER F 75 5.57 -34.73 -44.71
CA SER F 75 5.20 -35.67 -45.76
C SER F 75 6.32 -36.67 -45.97
N LYS F 76 7.47 -36.20 -46.44
CA LYS F 76 8.61 -37.07 -46.70
C LYS F 76 9.39 -37.41 -45.43
N ASN F 77 8.96 -36.91 -44.26
CA ASN F 77 9.63 -37.19 -42.99
C ASN F 77 11.09 -36.75 -43.02
N GLN F 78 11.33 -35.54 -43.49
CA GLN F 78 12.70 -35.08 -43.57
C GLN F 78 12.90 -33.78 -42.82
N PHE F 79 14.10 -33.57 -42.31
CA PHE F 79 14.40 -32.32 -41.65
C PHE F 79 15.71 -31.83 -42.25
N PHE F 80 15.77 -30.55 -42.54
CA PHE F 80 16.92 -29.92 -43.16
C PHE F 80 17.65 -29.06 -42.17
N LEU F 81 18.72 -28.44 -42.66
CA LEU F 81 19.58 -27.58 -41.87
C LEU F 81 20.26 -26.54 -42.74
N GLN F 82 19.78 -25.30 -42.63
CA GLN F 82 20.31 -24.15 -43.34
C GLN F 82 21.39 -23.51 -42.47
N LEU F 83 22.57 -23.31 -43.03
CA LEU F 83 23.72 -22.71 -42.34
C LEU F 83 24.20 -21.58 -43.23
N ARG F 84 23.78 -20.36 -42.92
CA ARG F 84 24.16 -19.21 -43.71
C ARG F 84 25.50 -18.63 -43.29
N SER F 85 26.12 -17.93 -44.23
CA SER F 85 27.43 -17.31 -44.05
C SER F 85 28.46 -18.35 -43.62
N VAL F 86 28.69 -19.29 -44.53
CA VAL F 86 29.62 -20.36 -44.24
C VAL F 86 31.05 -19.82 -44.29
N THR F 87 31.91 -20.43 -43.50
CA THR F 87 33.31 -20.16 -43.29
C THR F 87 34.18 -21.38 -43.58
N PRO F 88 35.44 -21.18 -43.99
CA PRO F 88 36.31 -22.32 -44.27
C PRO F 88 36.64 -23.20 -43.08
N GLU F 89 36.46 -22.73 -41.84
CA GLU F 89 36.73 -23.59 -40.70
C GLU F 89 35.58 -24.52 -40.39
N ASP F 90 34.45 -24.41 -41.09
CA ASP F 90 33.32 -25.28 -40.81
C ASP F 90 33.26 -26.44 -41.78
N THR F 91 34.41 -27.12 -41.94
CA THR F 91 34.52 -28.30 -42.78
C THR F 91 34.26 -29.60 -42.02
N ALA F 92 33.42 -29.56 -41.00
CA ALA F 92 33.11 -30.70 -40.15
C ALA F 92 32.17 -31.70 -40.81
N THR F 93 32.23 -32.94 -40.35
CA THR F 93 31.36 -34.00 -40.83
C THR F 93 30.04 -33.95 -40.05
N TYR F 94 28.96 -33.61 -40.72
CA TYR F 94 27.66 -33.44 -40.07
C TYR F 94 26.88 -34.75 -39.94
N TYR F 95 26.30 -34.99 -38.77
CA TYR F 95 25.46 -36.14 -38.50
C TYR F 95 24.06 -35.65 -38.13
N CYS F 96 23.12 -36.58 -38.01
CA CYS F 96 21.73 -36.27 -37.66
C CYS F 96 21.27 -37.30 -36.64
N ALA F 97 21.45 -37.00 -35.36
CA ALA F 97 21.05 -37.91 -34.30
C ALA F 97 19.67 -37.58 -33.73
N THR F 98 18.99 -38.56 -33.15
CA THR F 98 17.64 -38.34 -32.55
C THR F 98 17.69 -38.56 -31.07
N PHE F 99 17.03 -37.74 -30.26
CA PHE F 99 17.19 -37.79 -28.80
C PHE F 99 15.85 -38.20 -28.24
N TYR F 100 15.82 -39.03 -27.21
CA TYR F 100 14.54 -39.45 -26.61
C TYR F 100 14.46 -38.76 -25.28
N GLY F 101 13.44 -38.00 -25.02
CA GLY F 101 13.44 -37.20 -23.79
C GLY F 101 13.61 -38.01 -22.53
N ALA F 102 12.93 -39.12 -22.31
CA ALA F 102 13.10 -39.81 -21.02
C ALA F 102 14.47 -40.45 -20.81
N LYS F 103 15.07 -41.19 -21.74
CA LYS F 103 16.45 -41.69 -21.52
C LYS F 103 17.40 -40.51 -21.63
N GLY F 104 17.17 -39.61 -22.58
CA GLY F 104 17.96 -38.38 -22.77
C GLY F 104 19.16 -38.49 -23.69
N THR F 105 19.43 -39.65 -24.27
CA THR F 105 20.71 -39.80 -24.99
C THR F 105 20.56 -40.04 -26.47
N LEU F 106 21.42 -39.43 -27.27
CA LEU F 106 21.33 -39.53 -28.74
C LEU F 106 21.51 -40.99 -29.09
N ASP F 107 20.43 -41.74 -29.30
CA ASP F 107 20.55 -43.20 -29.51
C ASP F 107 20.85 -43.55 -30.95
N TYR F 108 19.86 -43.55 -31.88
CA TYR F 108 20.16 -43.75 -33.28
C TYR F 108 20.87 -42.53 -33.86
N TRP F 109 21.77 -42.80 -34.81
CA TRP F 109 22.54 -41.74 -35.43
C TRP F 109 22.41 -41.80 -36.94
N GLY F 110 23.25 -41.05 -37.64
CA GLY F 110 23.25 -41.02 -39.09
C GLY F 110 24.62 -41.41 -39.60
N GLN F 111 24.71 -41.58 -40.92
CA GLN F 111 25.98 -41.95 -41.52
C GLN F 111 26.92 -40.76 -41.56
N GLY F 112 26.38 -39.56 -41.76
CA GLY F 112 27.17 -38.35 -41.81
C GLY F 112 27.76 -38.05 -43.16
N THR F 113 27.82 -36.77 -43.51
CA THR F 113 28.36 -36.34 -44.79
C THR F 113 29.45 -35.30 -44.60
N SER F 114 30.59 -35.55 -45.22
CA SER F 114 31.74 -34.65 -45.13
C SER F 114 31.47 -33.41 -45.96
N VAL F 115 31.43 -32.25 -45.31
CA VAL F 115 31.20 -30.99 -45.98
C VAL F 115 32.52 -30.25 -46.06
N THR F 116 32.96 -29.95 -47.27
CA THR F 116 34.22 -29.25 -47.50
C THR F 116 33.93 -27.82 -47.91
N VAL F 117 34.52 -26.87 -47.19
CA VAL F 117 34.34 -25.45 -47.46
C VAL F 117 35.63 -24.94 -48.07
N SER F 118 35.68 -24.86 -49.40
CA SER F 118 36.88 -24.37 -50.05
C SER F 118 36.50 -23.63 -51.31
N SER F 119 37.43 -22.82 -51.80
CA SER F 119 37.20 -22.04 -53.02
C SER F 119 37.66 -22.79 -54.25
N ASP G 1 28.25 -22.09 -19.99
CA ASP G 1 27.74 -23.45 -20.08
C ASP G 1 28.55 -24.39 -19.18
N ILE G 2 28.29 -25.68 -19.31
CA ILE G 2 28.97 -26.70 -18.53
C ILE G 2 29.99 -27.37 -19.44
N VAL G 3 31.25 -26.99 -19.33
CA VAL G 3 32.23 -27.62 -20.19
C VAL G 3 32.60 -28.98 -19.62
N LEU G 4 33.02 -29.90 -20.49
CA LEU G 4 33.42 -31.24 -20.13
C LEU G 4 34.88 -31.43 -20.47
N THR G 5 35.69 -31.71 -19.47
CA THR G 5 37.11 -31.90 -19.64
C THR G 5 37.47 -33.37 -19.48
N GLN G 6 38.59 -33.75 -20.08
CA GLN G 6 39.10 -35.11 -20.03
C GLN G 6 40.60 -34.97 -20.02
N SER G 7 41.23 -35.47 -18.96
CA SER G 7 42.68 -35.38 -18.82
C SER G 7 43.43 -36.37 -19.71
N PRO G 8 43.05 -37.64 -19.79
CA PRO G 8 43.80 -38.54 -20.65
C PRO G 8 43.33 -38.44 -22.09
N SER G 9 44.07 -37.73 -22.93
CA SER G 9 43.69 -37.58 -24.33
C SER G 9 44.09 -38.79 -25.16
N SER G 10 45.06 -39.57 -24.70
CA SER G 10 45.50 -40.76 -25.43
C SER G 10 46.03 -41.76 -24.42
N PHE G 11 45.56 -42.99 -24.52
CA PHE G 11 45.99 -44.06 -23.63
C PHE G 11 46.92 -45.01 -24.36
N SER G 12 47.65 -45.79 -23.57
CA SER G 12 48.62 -46.76 -24.05
C SER G 12 48.54 -47.98 -23.15
N VAL G 13 47.50 -48.78 -23.34
CA VAL G 13 47.26 -49.98 -22.54
C VAL G 13 47.60 -51.22 -23.36
N SER G 14 47.37 -52.39 -22.78
CA SER G 14 47.65 -53.64 -23.46
C SER G 14 46.40 -54.46 -23.62
N LEU G 15 46.50 -55.78 -23.53
CA LEU G 15 45.35 -56.65 -23.68
C LEU G 15 45.03 -57.26 -22.32
N GLY G 16 43.76 -57.17 -21.94
CA GLY G 16 43.32 -57.72 -20.67
C GLY G 16 43.77 -56.85 -19.51
N ASP G 17 43.42 -55.57 -19.53
CA ASP G 17 43.80 -54.63 -18.48
C ASP G 17 42.59 -53.82 -18.07
N ARG G 18 42.69 -53.20 -16.90
CA ARG G 18 41.61 -52.37 -16.36
C ARG G 18 41.80 -50.93 -16.85
N VAL G 19 41.10 -50.58 -17.92
CA VAL G 19 41.19 -49.22 -18.47
C VAL G 19 40.35 -48.27 -17.64
N THR G 20 40.97 -47.22 -17.12
CA THR G 20 40.33 -46.20 -16.30
C THR G 20 40.27 -44.88 -17.08
N ILE G 21 39.09 -44.50 -17.54
CA ILE G 21 38.89 -43.27 -18.29
C ILE G 21 38.07 -42.33 -17.41
N SER G 22 38.62 -41.17 -17.09
CA SER G 22 37.93 -40.23 -16.24
C SER G 22 37.55 -38.97 -17.00
N CYS G 23 36.44 -38.36 -16.59
CA CYS G 23 35.94 -37.16 -17.25
C CYS G 23 35.24 -36.28 -16.23
N LYS G 24 35.87 -35.17 -15.88
CA LYS G 24 35.36 -34.22 -14.92
C LYS G 24 34.53 -33.17 -15.66
N ALA G 25 33.94 -32.23 -14.91
CA ALA G 25 33.14 -31.20 -15.53
C ALA G 25 33.27 -29.92 -14.72
N SER G 26 32.56 -28.88 -15.17
CA SER G 26 32.60 -27.60 -14.50
C SER G 26 31.42 -27.38 -13.57
N GLY G 27 30.22 -27.80 -13.98
CA GLY G 27 29.03 -27.65 -13.19
C GLY G 27 28.57 -29.01 -12.68
N TYR G 28 27.51 -28.97 -11.90
CA TYR G 28 26.96 -30.19 -11.35
C TYR G 28 26.12 -30.89 -12.41
N ILE G 29 26.38 -32.19 -12.59
CA ILE G 29 25.67 -33.00 -13.58
C ILE G 29 24.61 -33.88 -12.92
N LEU G 30 24.90 -34.42 -11.75
CA LEU G 30 23.96 -35.26 -11.01
C LEU G 30 23.56 -36.49 -11.81
N ASN G 31 24.56 -37.30 -12.16
CA ASN G 31 24.33 -38.56 -12.85
C ASN G 31 23.57 -38.35 -14.15
N ARG G 32 24.09 -37.47 -14.99
CA ARG G 32 23.47 -37.19 -16.27
C ARG G 32 24.48 -37.24 -17.39
N LEU G 33 25.54 -38.01 -17.21
CA LEU G 33 26.59 -38.13 -18.19
C LEU G 33 26.46 -39.46 -18.92
N ALA G 34 26.66 -39.42 -20.23
CA ALA G 34 26.58 -40.57 -21.11
C ALA G 34 27.93 -40.77 -21.78
N TRP G 35 28.31 -42.01 -22.00
CA TRP G 35 29.58 -42.29 -22.65
C TRP G 35 29.31 -42.77 -24.06
N TYR G 36 30.24 -42.47 -24.96
CA TYR G 36 30.10 -42.86 -26.35
C TYR G 36 31.39 -43.50 -26.79
N GLN G 37 31.30 -44.28 -27.86
CA GLN G 37 32.44 -44.99 -28.42
C GLN G 37 32.42 -44.90 -29.93
N GLN G 38 33.34 -44.12 -30.49
CA GLN G 38 33.44 -43.94 -31.92
C GLN G 38 34.57 -44.79 -32.46
N LYS G 39 34.26 -45.62 -33.39
CA LYS G 39 35.19 -46.49 -34.06
C LYS G 39 35.85 -45.71 -35.20
N PRO G 40 37.08 -46.03 -35.52
CA PRO G 40 37.75 -45.30 -36.61
C PRO G 40 37.09 -45.56 -37.95
N GLY G 41 36.02 -44.81 -38.23
CA GLY G 41 35.30 -44.98 -39.47
C GLY G 41 33.83 -45.28 -39.31
N ASN G 42 33.23 -44.82 -38.22
CA ASN G 42 31.81 -45.07 -37.97
C ASN G 42 31.23 -43.88 -37.23
N ALA G 43 30.11 -44.06 -36.63
CA ALA G 43 29.33 -43.11 -35.86
C ALA G 43 29.48 -43.40 -34.37
N PRO G 44 29.45 -42.39 -33.54
CA PRO G 44 29.58 -42.62 -32.10
C PRO G 44 28.45 -43.43 -31.50
N ARG G 45 28.71 -44.69 -31.17
CA ARG G 45 27.67 -45.53 -30.60
C ARG G 45 27.54 -45.24 -29.11
N LEU G 46 26.31 -45.27 -28.61
CA LEU G 46 26.06 -45.02 -27.20
C LEU G 46 26.52 -46.18 -26.34
N LEU G 47 27.27 -45.87 -25.29
CA LEU G 47 27.78 -46.89 -24.39
C LEU G 47 26.98 -46.88 -23.09
N ILE G 48 27.39 -46.11 -22.10
CA ILE G 48 26.76 -46.01 -20.80
C ILE G 48 25.84 -44.80 -20.74
N SER G 49 24.57 -45.03 -20.40
CA SER G 49 23.59 -43.97 -20.29
C SER G 49 23.37 -43.61 -18.83
N GLY G 50 23.52 -42.33 -18.49
CA GLY G 50 23.32 -41.95 -17.12
C GLY G 50 24.54 -42.15 -16.23
N ALA G 51 25.64 -42.63 -16.79
CA ALA G 51 26.87 -42.88 -16.05
C ALA G 51 26.63 -43.81 -14.88
N THR G 52 25.76 -44.79 -15.10
CA THR G 52 25.43 -45.78 -14.08
C THR G 52 25.05 -47.09 -14.74
N SER G 53 24.11 -47.05 -15.69
CA SER G 53 23.65 -48.27 -16.33
C SER G 53 24.56 -48.62 -17.51
N LEU G 54 24.05 -49.46 -18.41
CA LEU G 54 24.78 -49.91 -19.58
C LEU G 54 23.78 -50.30 -20.65
N GLU G 55 24.05 -49.89 -21.88
CA GLU G 55 23.13 -50.22 -22.95
C GLU G 55 23.30 -51.68 -23.36
N THR G 56 22.33 -52.18 -24.10
CA THR G 56 22.35 -53.56 -24.58
C THR G 56 23.32 -53.69 -25.74
N GLY G 57 23.65 -54.93 -26.08
CA GLY G 57 24.57 -55.14 -27.17
C GLY G 57 26.03 -54.96 -26.79
N PHE G 58 26.32 -54.68 -25.53
CA PHE G 58 27.68 -54.48 -25.06
C PHE G 58 27.94 -55.42 -23.90
N PRO G 59 29.15 -55.93 -23.78
CA PRO G 59 29.47 -56.84 -22.67
C PRO G 59 29.45 -56.12 -21.34
N SER G 60 29.54 -56.90 -20.28
CA SER G 60 29.52 -56.34 -18.93
C SER G 60 30.86 -55.82 -18.51
N ARG G 61 31.82 -55.69 -19.42
CA ARG G 61 33.13 -55.17 -19.06
C ARG G 61 33.14 -53.67 -18.89
N PHE G 62 32.12 -52.98 -19.40
CA PHE G 62 32.01 -51.53 -19.29
C PHE G 62 31.18 -51.18 -18.06
N SER G 63 31.76 -50.44 -17.13
CA SER G 63 31.07 -50.05 -15.91
C SER G 63 31.33 -48.58 -15.62
N GLY G 64 30.28 -47.80 -15.40
CA GLY G 64 30.51 -46.40 -15.12
C GLY G 64 30.07 -45.91 -13.75
N THR G 65 31.03 -45.36 -13.01
CA THR G 65 30.78 -44.84 -11.67
C THR G 65 31.05 -43.35 -11.57
N GLY G 66 31.25 -42.86 -10.36
CA GLY G 66 31.52 -41.45 -10.13
C GLY G 66 30.24 -40.67 -9.94
N SER G 67 30.27 -39.69 -9.05
CA SER G 67 29.12 -38.85 -8.75
C SER G 67 29.60 -37.48 -8.31
N GLY G 68 28.84 -36.45 -8.70
CA GLY G 68 29.20 -35.09 -8.33
C GLY G 68 29.64 -34.26 -9.51
N LYS G 69 30.94 -34.13 -9.72
CA LYS G 69 31.48 -33.37 -10.81
C LYS G 69 32.37 -34.17 -11.74
N ASP G 70 32.68 -35.41 -11.39
CA ASP G 70 33.54 -36.24 -12.21
C ASP G 70 32.89 -37.61 -12.36
N TYR G 71 33.16 -38.27 -13.49
CA TYR G 71 32.61 -39.58 -13.75
C TYR G 71 33.71 -40.46 -14.32
N THR G 72 33.73 -41.71 -13.91
CA THR G 72 34.78 -42.64 -14.34
C THR G 72 34.23 -43.89 -15.02
N LEU G 73 34.75 -44.18 -16.20
CA LEU G 73 34.38 -45.37 -16.95
C LEU G 73 35.49 -46.39 -16.78
N SER G 74 35.12 -47.60 -16.39
CA SER G 74 36.03 -48.70 -16.15
C SER G 74 35.83 -49.80 -17.18
N ILE G 75 36.93 -50.38 -17.64
CA ILE G 75 36.90 -51.46 -18.60
C ILE G 75 37.72 -52.60 -18.01
N SER G 76 37.07 -53.73 -17.78
CA SER G 76 37.72 -54.90 -17.20
C SER G 76 38.13 -55.82 -18.33
N SER G 77 39.38 -56.27 -18.30
CA SER G 77 39.89 -57.17 -19.34
C SER G 77 39.73 -56.55 -20.71
N LEU G 78 40.58 -55.60 -21.04
CA LEU G 78 40.51 -54.93 -22.33
C LEU G 78 41.03 -55.85 -23.43
N GLN G 79 40.24 -56.01 -24.48
CA GLN G 79 40.65 -56.86 -25.59
C GLN G 79 41.14 -56.04 -26.77
N THR G 80 40.98 -56.58 -27.97
CA THR G 80 41.40 -55.91 -29.20
C THR G 80 40.20 -55.49 -30.02
N GLU G 81 39.00 -55.63 -29.47
CA GLU G 81 37.76 -55.26 -30.11
C GLU G 81 37.10 -54.15 -29.31
N ASP G 82 37.94 -53.28 -28.76
CA ASP G 82 37.47 -52.15 -27.96
C ASP G 82 38.28 -50.90 -28.24
N VAL G 83 39.01 -50.86 -29.33
CA VAL G 83 39.78 -49.68 -29.66
C VAL G 83 38.86 -48.61 -30.22
N GLY G 84 39.28 -47.37 -30.15
CA GLY G 84 38.48 -46.29 -30.67
C GLY G 84 38.66 -45.06 -29.82
N THR G 85 37.73 -44.13 -29.96
CA THR G 85 37.75 -42.88 -29.22
C THR G 85 36.50 -42.78 -28.36
N TYR G 86 36.66 -42.52 -27.08
CA TYR G 86 35.52 -42.42 -26.19
C TYR G 86 35.22 -40.97 -25.85
N TYR G 87 33.94 -40.69 -25.60
CA TYR G 87 33.51 -39.34 -25.26
C TYR G 87 32.56 -39.38 -24.08
N CYS G 88 32.40 -38.22 -23.45
CA CYS G 88 31.53 -38.04 -22.29
C CYS G 88 30.64 -36.85 -22.57
N GLN G 89 29.37 -37.10 -22.78
CA GLN G 89 28.41 -36.06 -23.08
C GLN G 89 27.45 -35.88 -21.93
N GLN G 90 27.11 -34.63 -21.66
CA GLN G 90 26.17 -34.39 -20.59
C GLN G 90 24.87 -33.94 -21.23
N TYR G 91 23.80 -33.96 -20.46
CA TYR G 91 22.52 -33.53 -21.00
C TYR G 91 21.73 -32.89 -19.89
N TRP G 92 22.42 -32.19 -19.00
CA TRP G 92 21.77 -31.51 -17.90
C TRP G 92 21.08 -30.25 -18.39
N SER G 93 21.83 -29.35 -19.01
CA SER G 93 21.21 -28.14 -19.51
C SER G 93 20.91 -28.29 -21.00
N THR G 94 20.77 -27.17 -21.71
CA THR G 94 20.47 -27.26 -23.13
C THR G 94 21.69 -27.15 -24.06
N PRO G 95 22.73 -26.39 -23.71
CA PRO G 95 23.93 -26.41 -24.58
C PRO G 95 24.72 -27.67 -24.24
N TRP G 96 24.31 -28.78 -24.82
CA TRP G 96 24.95 -30.06 -24.56
C TRP G 96 26.35 -30.05 -25.14
N THR G 97 27.34 -30.24 -24.28
CA THR G 97 28.71 -30.24 -24.71
C THR G 97 29.36 -31.57 -24.42
N PHE G 98 30.13 -32.03 -25.38
CA PHE G 98 30.85 -33.28 -25.36
C PHE G 98 32.20 -33.08 -24.70
N GLY G 99 32.92 -34.20 -24.54
CA GLY G 99 34.23 -34.20 -23.94
C GLY G 99 35.30 -34.16 -25.01
N GLY G 100 36.52 -34.41 -24.58
CA GLY G 100 37.65 -34.42 -25.49
C GLY G 100 37.64 -35.68 -26.31
N GLY G 101 38.38 -36.69 -25.87
CA GLY G 101 38.45 -37.95 -26.56
C GLY G 101 39.64 -38.73 -26.07
N THR G 102 39.40 -39.94 -25.62
CA THR G 102 40.43 -40.83 -25.09
C THR G 102 40.66 -41.95 -26.11
N LYS G 103 41.53 -41.68 -27.07
CA LYS G 103 41.82 -42.67 -28.10
C LYS G 103 42.76 -43.74 -27.55
N LEU G 104 42.22 -44.94 -27.37
CA LEU G 104 43.01 -46.04 -26.86
C LEU G 104 43.93 -46.59 -27.94
N GLU G 105 45.11 -47.01 -27.52
CA GLU G 105 46.10 -47.58 -28.44
C GLU G 105 46.83 -48.71 -27.74
N ILE G 106 46.72 -49.90 -28.30
CA ILE G 106 47.35 -51.07 -27.73
C ILE G 106 48.79 -51.14 -28.23
N ARG G 107 49.61 -51.91 -27.53
CA ARG G 107 51.01 -52.05 -27.89
C ARG G 107 51.37 -53.47 -28.29
#